data_3N5M
#
_entry.id   3N5M
#
_cell.length_a   62.414
_cell.length_b   176.176
_cell.length_c   80.059
_cell.angle_alpha   90.000
_cell.angle_beta   94.470
_cell.angle_gamma   90.000
#
_symmetry.space_group_name_H-M   'P 1 21 1'
#
loop_
_entity.id
_entity.type
_entity.pdbx_description
1 polymer 'Adenosylmethionine-8-amino-7-oxononanoate aminotransferase'
2 non-polymer 'SULFATE ION'
3 non-polymer 'CHLORIDE ION'
4 water water
#
_entity_poly.entity_id   1
_entity_poly.type   'polypeptide(L)'
_entity_poly.pdbx_seq_one_letter_code
;SNA(MSE)KTKQTDELLAKDEQYVWHG(MSE)RPFSPNSTTVGAKAEGCWVEDIQGKRYLDG(MSE)SGLWCVNSGYGRK
ELAEAAYKQLQTLSYFP(MSE)SQSHEPAIKLAEKLNEWLGGEYVIFFSNSGSEANETAFKIARQYYAQKGEPHRYKF
(MSE)SRYRGYHGNT(MSE)AT(MSE)AATGQAQRRYQYEPFASGFLHVTPPDCYR(MSE)PGIERENIYDVECVKEVDR
V(MSE)TWELSETIAAFI(MSE)EPIITGGGIL(MSE)APQDY(MSE)KAVHETCQKHGALLISDEVICGFGRTGKAFGF
(MSE)NYDVKPDIIT(MSE)AKGITSAYLPLSATAVKREIYEAFKGKGEYEFFRHINTFGGNPAACALALKNLEIIENEN
LIERSAQ(MSE)GSLLLEQLKEEIGEHPLVGDIRGKGLLVGIELVNDKETKEPIDNDKIASVVNACKEKGLIIGRNG
(MSE)TTAGYNNILTLAPPLVISSEEIAFVIGTLKTA(MSE)ERI
;
_entity_poly.pdbx_strand_id   A,B,C,D
#
loop_
_chem_comp.id
_chem_comp.type
_chem_comp.name
_chem_comp.formula
CL non-polymer 'CHLORIDE ION' 'Cl -1'
SO4 non-polymer 'SULFATE ION' 'O4 S -2'
#
# COMPACT_ATOMS: atom_id res chain seq x y z
N SER A 1 -44.27 20.37 -32.96
CA SER A 1 -44.50 19.34 -33.95
C SER A 1 -43.47 18.25 -33.76
N ASN A 2 -43.80 17.04 -34.18
CA ASN A 2 -42.87 15.94 -34.06
C ASN A 2 -41.61 16.14 -34.86
N ALA A 3 -41.73 16.69 -36.05
CA ALA A 3 -40.57 16.88 -36.90
C ALA A 3 -39.54 17.81 -36.26
N MSE A 4 -40.02 18.89 -35.65
CA MSE A 4 -39.14 19.80 -34.94
C MSE A 4 -38.50 19.11 -33.75
O MSE A 4 -37.31 19.21 -33.53
CB MSE A 4 -39.92 21.01 -34.47
CG MSE A 4 -39.10 21.93 -33.61
SE MSE A 4 -37.67 22.70 -34.63
CE MSE A 4 -38.19 24.55 -34.47
N LYS A 5 -39.32 18.37 -33.02
CA LYS A 5 -38.88 17.66 -31.83
C LYS A 5 -37.83 16.66 -32.23
N THR A 6 -38.01 16.01 -33.37
CA THR A 6 -37.01 15.07 -33.84
C THR A 6 -35.69 15.78 -34.11
N LYS A 7 -35.75 16.94 -34.75
CA LYS A 7 -34.55 17.67 -35.09
C LYS A 7 -33.78 18.15 -33.85
N GLN A 8 -34.51 18.68 -32.88
CA GLN A 8 -33.90 19.16 -31.65
C GLN A 8 -33.23 18.03 -30.92
N THR A 9 -33.87 16.87 -30.95
CA THR A 9 -33.37 15.68 -30.29
C THR A 9 -32.05 15.23 -30.89
N ASP A 10 -31.98 15.22 -32.21
CA ASP A 10 -30.78 14.84 -32.93
C ASP A 10 -29.64 15.79 -32.64
N GLU A 11 -29.94 17.08 -32.62
CA GLU A 11 -28.91 18.06 -32.35
C GLU A 11 -28.35 17.83 -30.96
N LEU A 12 -29.22 17.56 -30.01
CA LEU A 12 -28.84 17.33 -28.63
C LEU A 12 -28.04 16.05 -28.45
N LEU A 13 -28.47 14.98 -29.12
CA LEU A 13 -27.78 13.71 -29.06
C LEU A 13 -26.39 13.84 -29.65
N ALA A 14 -26.27 14.60 -30.72
CA ALA A 14 -24.98 14.79 -31.35
C ALA A 14 -24.02 15.51 -30.41
N LYS A 15 -24.51 16.54 -29.74
CA LYS A 15 -23.70 17.28 -28.79
C LYS A 15 -23.28 16.39 -27.63
N ASP A 16 -24.20 15.56 -27.17
CA ASP A 16 -23.92 14.65 -26.08
C ASP A 16 -22.81 13.67 -26.44
N GLU A 17 -22.89 13.09 -27.64
CA GLU A 17 -21.90 12.12 -28.06
C GLU A 17 -20.55 12.76 -28.11
N GLN A 18 -20.51 13.96 -28.64
CA GLN A 18 -19.26 14.69 -28.74
C GLN A 18 -18.65 15.13 -27.41
N TYR A 19 -19.48 15.53 -26.44
CA TYR A 19 -18.93 16.23 -25.26
C TYR A 19 -19.12 15.58 -23.90
N VAL A 20 -20.03 14.63 -23.77
CA VAL A 20 -20.39 14.14 -22.44
C VAL A 20 -19.87 12.73 -22.21
N TRP A 21 -19.23 12.53 -21.06
CA TRP A 21 -18.74 11.21 -20.70
C TRP A 21 -19.72 10.63 -19.72
N HIS A 22 -20.30 9.50 -20.07
CA HIS A 22 -21.29 8.89 -19.21
C HIS A 22 -20.73 7.81 -18.32
N GLY A 23 -21.06 7.90 -17.05
CA GLY A 23 -20.64 6.90 -16.12
C GLY A 23 -21.40 5.60 -16.27
N MSE A 24 -20.70 4.50 -16.06
CA MSE A 24 -21.29 3.19 -15.99
C MSE A 24 -21.96 2.61 -17.25
O MSE A 24 -22.85 1.80 -17.13
CB MSE A 24 -22.25 3.15 -14.81
CG MSE A 24 -22.45 1.80 -14.18
SE MSE A 24 -20.83 0.99 -13.56
CE MSE A 24 -21.54 -0.66 -12.93
N ARG A 25 -21.53 3.02 -18.43
CA ARG A 25 -22.07 2.38 -19.63
C ARG A 25 -21.17 2.27 -20.87
N PRO A 26 -21.40 1.21 -21.64
CA PRO A 26 -20.64 0.93 -22.86
C PRO A 26 -20.92 2.06 -23.84
N PHE A 27 -20.02 2.34 -24.77
CA PHE A 27 -20.16 3.59 -25.50
C PHE A 27 -21.18 3.38 -26.59
N SER A 28 -22.39 3.87 -26.34
CA SER A 28 -23.55 3.64 -27.19
C SER A 28 -24.35 4.91 -27.43
N PRO A 29 -23.80 5.83 -28.21
CA PRO A 29 -24.29 7.21 -28.21
C PRO A 29 -25.76 7.27 -28.65
N ASN A 30 -26.12 6.45 -29.61
CA ASN A 30 -27.49 6.40 -30.12
C ASN A 30 -28.50 5.98 -29.04
N SER A 31 -28.10 5.04 -28.20
CA SER A 31 -28.94 4.54 -27.11
C SER A 31 -29.22 5.52 -25.95
N THR A 32 -28.48 6.61 -25.88
CA THR A 32 -28.63 7.54 -24.76
C THR A 32 -30.02 8.14 -24.61
N THR A 33 -30.48 8.22 -23.36
CA THR A 33 -31.78 8.78 -23.05
C THR A 33 -31.58 10.13 -22.40
N VAL A 34 -32.09 11.17 -23.04
CA VAL A 34 -31.97 12.51 -22.50
C VAL A 34 -33.25 12.91 -21.77
N GLY A 35 -33.18 12.97 -20.44
CA GLY A 35 -34.32 13.38 -19.64
C GLY A 35 -34.72 14.79 -19.96
N ALA A 36 -36.02 15.04 -20.01
CA ALA A 36 -36.55 16.35 -20.35
C ALA A 36 -37.37 16.95 -19.21
N LYS A 37 -38.27 16.14 -18.63
CA LYS A 37 -39.12 16.59 -17.55
C LYS A 37 -39.68 15.40 -16.76
N ALA A 38 -40.38 15.67 -15.67
CA ALA A 38 -40.83 14.60 -14.79
C ALA A 38 -41.86 15.12 -13.81
N GLU A 39 -42.67 14.21 -13.29
CA GLU A 39 -43.73 14.54 -12.33
C GLU A 39 -44.13 13.26 -11.60
N GLY A 40 -44.08 13.27 -10.27
CA GLY A 40 -44.47 12.09 -9.50
C GLY A 40 -43.49 10.94 -9.62
N CYS A 41 -43.93 9.84 -10.21
CA CYS A 41 -43.12 8.66 -10.42
C CYS A 41 -42.72 8.50 -11.89
N TRP A 42 -43.11 9.46 -12.72
CA TRP A 42 -42.91 9.33 -14.15
C TRP A 42 -41.91 10.34 -14.67
N VAL A 43 -41.02 9.86 -15.54
CA VAL A 43 -40.08 10.75 -16.20
C VAL A 43 -40.34 10.68 -17.70
N GLU A 44 -39.89 11.70 -18.42
CA GLU A 44 -40.13 11.79 -19.84
C GLU A 44 -38.86 12.26 -20.53
N ASP A 45 -38.54 11.66 -21.68
CA ASP A 45 -37.35 12.06 -22.42
C ASP A 45 -37.59 13.18 -23.45
N ILE A 46 -36.55 13.61 -24.14
CA ILE A 46 -36.70 14.73 -25.07
C ILE A 46 -37.62 14.40 -26.25
N GLN A 47 -37.74 13.12 -26.61
CA GLN A 47 -38.57 12.69 -27.73
CA GLN A 47 -38.59 12.73 -27.74
C GLN A 47 -40.04 12.58 -27.26
N GLY A 48 -40.26 12.72 -25.95
CA GLY A 48 -41.62 12.71 -25.41
C GLY A 48 -42.14 11.40 -24.85
N LYS A 49 -41.33 10.34 -24.88
CA LYS A 49 -41.72 9.06 -24.26
C LYS A 49 -41.69 9.13 -22.74
N ARG A 50 -42.69 8.55 -22.09
CA ARG A 50 -42.79 8.53 -20.62
CA ARG A 50 -42.72 8.54 -20.62
C ARG A 50 -42.49 7.16 -20.03
N TYR A 51 -41.89 7.15 -18.85
CA TYR A 51 -41.54 5.92 -18.17
C TYR A 51 -41.87 6.01 -16.70
N LEU A 52 -42.37 4.93 -16.12
CA LEU A 52 -42.45 4.85 -14.67
C LEU A 52 -41.04 4.60 -14.19
N ASP A 53 -40.53 5.49 -13.34
CA ASP A 53 -39.16 5.33 -12.87
C ASP A 53 -39.13 4.43 -11.62
N GLY A 54 -38.97 3.13 -11.87
CA GLY A 54 -38.98 2.14 -10.81
C GLY A 54 -37.69 2.18 -10.01
N MSE A 55 -36.80 3.13 -10.32
CA MSE A 55 -35.52 3.22 -9.62
C MSE A 55 -35.29 4.54 -8.89
O MSE A 55 -34.22 4.75 -8.33
CB MSE A 55 -34.36 2.93 -10.57
CG MSE A 55 -34.13 1.45 -10.82
SE MSE A 55 -33.54 0.50 -9.19
CE MSE A 55 -31.75 1.32 -9.00
N SER A 56 -36.27 5.44 -8.92
CA SER A 56 -36.10 6.76 -8.28
C SER A 56 -34.81 7.40 -8.74
N GLY A 57 -34.58 7.43 -10.04
CA GLY A 57 -33.33 7.93 -10.60
C GLY A 57 -32.21 6.93 -10.35
N LEU A 58 -31.52 7.10 -9.21
CA LEU A 58 -30.57 6.09 -8.69
C LEU A 58 -30.80 5.90 -7.20
N TRP A 59 -31.90 5.24 -6.84
CA TRP A 59 -32.26 4.99 -5.45
C TRP A 59 -32.42 6.28 -4.65
N CYS A 60 -32.70 7.42 -5.29
CA CYS A 60 -32.52 8.70 -4.60
C CYS A 60 -33.66 9.73 -4.62
N VAL A 61 -34.53 9.69 -5.64
CA VAL A 61 -35.61 10.66 -5.72
C VAL A 61 -36.78 10.16 -4.89
N ASN A 62 -36.58 10.11 -3.58
CA ASN A 62 -37.53 9.51 -2.66
C ASN A 62 -38.91 10.17 -2.60
N SER A 63 -38.94 11.49 -2.62
CA SER A 63 -40.22 12.18 -2.52
C SER A 63 -40.93 12.33 -3.86
N GLY A 64 -40.31 11.82 -4.92
CA GLY A 64 -40.89 11.92 -6.26
C GLY A 64 -40.46 13.18 -6.99
N TYR A 65 -40.78 13.23 -8.27
CA TYR A 65 -40.41 14.33 -9.16
C TYR A 65 -41.45 15.44 -9.13
N GLY A 66 -41.07 16.61 -9.61
CA GLY A 66 -42.02 17.68 -9.79
C GLY A 66 -42.40 18.44 -8.53
N ARG A 67 -41.58 18.34 -7.49
CA ARG A 67 -41.87 19.00 -6.22
C ARG A 67 -41.59 20.50 -6.33
N LYS A 68 -42.62 21.29 -6.55
CA LYS A 68 -42.49 22.73 -6.63
C LYS A 68 -42.02 23.31 -5.29
N GLU A 69 -42.46 22.74 -4.18
CA GLU A 69 -42.08 23.24 -2.86
C GLU A 69 -40.58 23.07 -2.60
N LEU A 70 -39.96 22.07 -3.24
CA LEU A 70 -38.52 21.87 -3.09
C LEU A 70 -37.77 22.91 -3.93
N ALA A 71 -38.24 23.13 -5.16
CA ALA A 71 -37.72 24.20 -6.00
C ALA A 71 -37.76 25.56 -5.31
N GLU A 72 -38.90 25.86 -4.69
CA GLU A 72 -39.08 27.11 -3.96
C GLU A 72 -38.11 27.26 -2.79
N ALA A 73 -37.91 26.19 -2.04
CA ALA A 73 -37.00 26.21 -0.90
C ALA A 73 -35.58 26.56 -1.33
N ALA A 74 -35.11 25.94 -2.40
CA ALA A 74 -33.77 26.21 -2.92
C ALA A 74 -33.66 27.64 -3.41
N TYR A 75 -34.63 28.06 -4.21
CA TYR A 75 -34.70 29.40 -4.76
C TYR A 75 -34.67 30.49 -3.69
N LYS A 76 -35.49 30.33 -2.67
CA LYS A 76 -35.55 31.30 -1.59
C LYS A 76 -34.19 31.43 -0.89
N GLN A 77 -33.50 30.31 -0.68
CA GLN A 77 -32.16 30.35 -0.10
C GLN A 77 -31.09 30.95 -1.02
N LEU A 78 -31.13 30.62 -2.31
CA LEU A 78 -30.20 31.17 -3.27
C LEU A 78 -30.30 32.69 -3.33
N GLN A 79 -31.48 33.21 -3.08
CA GLN A 79 -31.70 34.66 -3.02
C GLN A 79 -31.26 35.31 -1.70
N THR A 80 -31.00 34.50 -0.68
CA THR A 80 -30.64 35.04 0.64
C THR A 80 -29.14 34.96 0.89
N LEU A 81 -28.58 33.76 0.75
CA LEU A 81 -27.15 33.54 0.88
C LEU A 81 -26.81 32.26 0.15
N SER A 82 -26.02 32.39 -0.89
CA SER A 82 -25.74 31.26 -1.76
C SER A 82 -24.57 30.43 -1.26
N TYR A 83 -23.63 31.07 -0.56
CA TYR A 83 -22.46 30.36 -0.08
C TYR A 83 -21.91 30.88 1.25
N PHE A 84 -21.47 29.96 2.10
CA PHE A 84 -20.70 30.27 3.27
C PHE A 84 -19.87 29.03 3.62
N PRO A 85 -18.60 29.21 3.91
CA PRO A 85 -17.74 28.06 4.21
C PRO A 85 -18.13 27.33 5.49
N MSE A 86 -18.07 26.01 5.47
CA MSE A 86 -18.49 25.20 6.60
C MSE A 86 -17.49 25.22 7.76
O MSE A 86 -17.77 24.72 8.84
CB MSE A 86 -18.87 23.78 6.19
CG MSE A 86 -20.34 23.63 5.77
SE MSE A 86 -21.63 24.77 6.72
CE MSE A 86 -21.66 23.85 8.43
N SER A 87 -16.31 25.79 7.52
CA SER A 87 -15.40 26.09 8.62
C SER A 87 -16.13 27.07 9.52
N GLN A 88 -16.82 28.00 8.88
CA GLN A 88 -17.82 28.84 9.52
C GLN A 88 -19.19 28.17 9.38
N SER A 89 -20.27 28.91 9.59
CA SER A 89 -21.62 28.33 9.55
C SER A 89 -22.68 29.19 8.85
N HIS A 90 -23.83 28.57 8.56
CA HIS A 90 -24.99 29.27 8.05
C HIS A 90 -26.25 28.60 8.58
N GLU A 91 -27.39 29.28 8.62
CA GLU A 91 -28.59 28.79 9.30
CA GLU A 91 -28.59 28.80 9.29
C GLU A 91 -29.16 27.50 8.69
N PRO A 92 -29.22 27.38 7.35
CA PRO A 92 -29.70 26.12 6.79
C PRO A 92 -28.92 24.89 7.29
N ALA A 93 -27.60 24.99 7.40
CA ALA A 93 -26.78 23.88 7.86
C ALA A 93 -27.09 23.56 9.31
N ILE A 94 -27.25 24.60 10.12
CA ILE A 94 -27.51 24.44 11.54
C ILE A 94 -28.86 23.77 11.79
N LYS A 95 -29.89 24.27 11.11
CA LYS A 95 -31.23 23.69 11.21
C LYS A 95 -31.29 22.27 10.70
N LEU A 96 -30.59 21.97 9.60
CA LEU A 96 -30.60 20.60 9.08
C LEU A 96 -29.88 19.64 10.00
N ALA A 97 -28.75 20.07 10.56
CA ALA A 97 -27.98 19.25 11.49
C ALA A 97 -28.82 18.89 12.70
N GLU A 98 -29.55 19.86 13.21
CA GLU A 98 -30.47 19.61 14.31
C GLU A 98 -31.58 18.65 13.91
N LYS A 99 -32.12 18.83 12.72
CA LYS A 99 -33.22 18.00 12.22
C LYS A 99 -32.76 16.57 12.01
N LEU A 100 -31.58 16.41 11.44
CA LEU A 100 -31.01 15.09 11.20
C LEU A 100 -30.77 14.35 12.51
N ASN A 101 -30.35 15.09 13.52
CA ASN A 101 -30.12 14.51 14.81
C ASN A 101 -31.43 13.97 15.40
N GLU A 102 -32.54 14.68 15.20
CA GLU A 102 -33.87 14.18 15.59
C GLU A 102 -34.24 12.91 14.83
N TRP A 103 -34.05 12.93 13.52
CA TRP A 103 -34.38 11.79 12.70
C TRP A 103 -33.55 10.56 13.11
N LEU A 104 -32.28 10.78 13.41
CA LEU A 104 -31.39 9.71 13.82
C LEU A 104 -31.64 9.17 15.22
N GLY A 105 -32.40 9.91 16.02
CA GLY A 105 -32.65 9.53 17.39
C GLY A 105 -31.62 10.04 18.39
N GLY A 106 -30.70 10.87 17.94
CA GLY A 106 -29.75 11.54 18.80
C GLY A 106 -28.68 10.57 19.22
N GLU A 107 -27.59 11.03 19.82
CA GLU A 107 -27.16 12.40 19.80
C GLU A 107 -25.91 12.34 18.93
N TYR A 108 -25.93 13.06 17.83
CA TYR A 108 -24.91 13.01 16.82
C TYR A 108 -24.45 14.41 16.44
N VAL A 109 -23.24 14.51 15.90
CA VAL A 109 -22.72 15.76 15.41
C VAL A 109 -22.51 15.52 13.92
N ILE A 110 -22.95 16.46 13.10
CA ILE A 110 -23.01 16.23 11.65
C ILE A 110 -21.92 16.98 10.90
N PHE A 111 -21.16 16.26 10.07
CA PHE A 111 -20.26 16.87 9.12
C PHE A 111 -20.85 16.75 7.71
N PHE A 112 -20.98 17.87 7.00
CA PHE A 112 -21.61 17.89 5.69
C PHE A 112 -20.65 17.70 4.51
N SER A 113 -21.05 16.83 3.57
CA SER A 113 -20.32 16.55 2.34
C SER A 113 -21.31 16.50 1.17
N ASN A 114 -20.82 16.63 -0.05
CA ASN A 114 -21.66 16.48 -1.26
C ASN A 114 -22.23 15.09 -1.65
N SER A 115 -21.41 14.05 -1.59
CA SER A 115 -21.78 12.73 -2.08
C SER A 115 -21.70 11.66 -1.00
N GLY A 116 -22.30 10.51 -1.26
CA GLY A 116 -22.17 9.37 -0.37
C GLY A 116 -20.74 8.88 -0.26
N SER A 117 -20.01 8.90 -1.37
CA SER A 117 -18.60 8.51 -1.35
C SER A 117 -17.77 9.41 -0.44
N GLU A 118 -17.99 10.72 -0.53
CA GLU A 118 -17.31 11.66 0.35
C GLU A 118 -17.70 11.47 1.82
N ALA A 119 -18.97 11.14 2.06
CA ALA A 119 -19.45 10.93 3.42
C ALA A 119 -18.75 9.76 4.05
N ASN A 120 -18.55 8.70 3.28
CA ASN A 120 -17.84 7.52 3.77
C ASN A 120 -16.36 7.80 3.99
N GLU A 121 -15.74 8.55 3.07
CA GLU A 121 -14.33 8.93 3.20
C GLU A 121 -14.14 9.71 4.49
N THR A 122 -15.07 10.61 4.78
CA THR A 122 -15.01 11.42 5.99
C THR A 122 -15.08 10.55 7.22
N ALA A 123 -15.95 9.54 7.19
CA ALA A 123 -16.09 8.58 8.27
C ALA A 123 -14.78 7.84 8.55
N PHE A 124 -14.09 7.43 7.49
CA PHE A 124 -12.82 6.74 7.64
C PHE A 124 -11.79 7.61 8.36
N LYS A 125 -11.68 8.87 7.93
CA LYS A 125 -10.68 9.80 8.46
C LYS A 125 -10.96 10.15 9.90
N ILE A 126 -12.24 10.35 10.22
CA ILE A 126 -12.65 10.62 11.58
C ILE A 126 -12.35 9.41 12.48
N ALA A 127 -12.61 8.20 11.99
CA ALA A 127 -12.32 7.00 12.77
C ALA A 127 -10.85 6.89 13.08
N ARG A 128 -10.00 7.07 12.07
CA ARG A 128 -8.56 7.04 12.31
C ARG A 128 -8.03 8.13 13.24
N GLN A 129 -8.48 9.36 13.06
CA GLN A 129 -8.00 10.43 13.92
C GLN A 129 -8.53 10.27 15.32
N TYR A 130 -9.74 9.77 15.47
CA TYR A 130 -10.30 9.59 16.80
C TYR A 130 -9.45 8.63 17.62
N TYR A 131 -9.08 7.51 17.03
CA TYR A 131 -8.22 6.56 17.71
C TYR A 131 -6.83 7.11 18.00
N ALA A 132 -6.29 7.90 17.08
CA ALA A 132 -4.97 8.47 17.25
C ALA A 132 -4.97 9.37 18.48
N GLN A 133 -6.09 10.05 18.71
CA GLN A 133 -6.22 10.94 19.84
C GLN A 133 -6.81 10.32 21.11
N LYS A 134 -7.08 9.04 21.02
CA LYS A 134 -7.56 8.33 22.19
CA LYS A 134 -7.58 8.28 22.13
C LYS A 134 -6.42 7.44 22.64
N GLY A 135 -5.17 7.59 22.18
CA GLY A 135 -4.18 6.63 22.63
C GLY A 135 -3.99 5.35 21.85
N GLU A 136 -4.66 5.23 20.70
CA GLU A 136 -4.48 4.05 19.85
C GLU A 136 -4.27 4.38 18.37
N PRO A 137 -3.10 4.90 18.04
CA PRO A 137 -2.75 5.28 16.66
C PRO A 137 -2.72 4.08 15.72
N HIS A 138 -2.44 2.92 16.28
CA HIS A 138 -2.29 1.68 15.55
C HIS A 138 -3.59 1.16 14.92
N ARG A 139 -4.72 1.68 15.35
CA ARG A 139 -5.99 1.24 14.78
C ARG A 139 -6.24 1.98 13.48
N TYR A 140 -6.00 1.29 12.38
CA TYR A 140 -6.20 1.87 11.05
C TYR A 140 -7.10 1.08 10.10
N LYS A 141 -7.46 -0.14 10.47
CA LYS A 141 -8.07 -1.06 9.53
C LYS A 141 -9.58 -0.88 9.42
N PHE A 142 -10.10 -1.04 8.21
CA PHE A 142 -11.54 -1.01 7.97
C PHE A 142 -12.04 -2.32 7.39
N MSE A 143 -13.15 -2.80 7.92
CA MSE A 143 -13.70 -4.09 7.54
C MSE A 143 -15.10 -3.94 6.93
O MSE A 143 -15.91 -3.18 7.43
CB MSE A 143 -13.75 -5.02 8.75
CG MSE A 143 -14.07 -6.47 8.45
SE MSE A 143 -13.87 -7.63 10.02
CE MSE A 143 -12.44 -6.67 10.83
N SER A 144 -15.35 -4.65 5.85
CA SER A 144 -16.62 -4.59 5.14
C SER A 144 -16.93 -5.94 4.50
N ARG A 145 -18.06 -6.05 3.83
CA ARG A 145 -18.49 -7.32 3.25
C ARG A 145 -18.21 -7.40 1.76
N TYR A 146 -17.88 -8.60 1.30
CA TYR A 146 -17.77 -8.85 -0.12
C TYR A 146 -19.17 -8.66 -0.69
N ARG A 147 -19.23 -8.14 -1.91
CA ARG A 147 -20.48 -7.89 -2.63
C ARG A 147 -21.16 -6.60 -2.18
N GLY A 148 -20.48 -5.83 -1.35
CA GLY A 148 -20.96 -4.53 -0.89
C GLY A 148 -20.36 -3.42 -1.71
N TYR A 149 -20.98 -2.25 -1.66
CA TYR A 149 -20.46 -1.06 -2.31
C TYR A 149 -20.47 0.12 -1.33
N HIS A 150 -19.41 0.92 -1.29
CA HIS A 150 -19.40 2.10 -0.43
C HIS A 150 -18.92 3.38 -1.11
N GLY A 151 -18.58 3.32 -2.39
CA GLY A 151 -18.22 4.51 -3.12
C GLY A 151 -17.28 4.32 -4.29
N ASN A 152 -16.97 5.42 -4.97
CA ASN A 152 -16.25 5.39 -6.25
C ASN A 152 -14.85 5.97 -6.16
N THR A 153 -14.41 6.28 -4.95
CA THR A 153 -13.07 6.82 -4.74
C THR A 153 -12.12 5.68 -4.40
N MSE A 154 -10.81 5.93 -4.45
CA MSE A 154 -9.84 4.90 -4.14
C MSE A 154 -10.09 4.19 -2.80
O MSE A 154 -10.00 2.96 -2.73
CB MSE A 154 -8.41 5.44 -4.20
CG MSE A 154 -7.94 5.92 -5.61
SE MSE A 154 -7.69 4.44 -6.90
CE MSE A 154 -6.99 5.49 -8.49
N ALA A 155 -10.39 4.94 -1.74
CA ALA A 155 -10.58 4.32 -0.42
C ALA A 155 -11.93 3.66 -0.26
N THR A 156 -12.97 4.24 -0.85
CA THR A 156 -14.30 3.61 -0.77
C THR A 156 -14.40 2.42 -1.73
N MSE A 157 -13.61 2.42 -2.80
CA MSE A 157 -13.44 1.22 -3.64
C MSE A 157 -12.68 0.13 -2.92
O MSE A 157 -12.97 -1.06 -3.07
CB MSE A 157 -12.75 1.54 -4.95
CG MSE A 157 -13.64 2.17 -5.97
SE MSE A 157 -12.70 2.26 -7.70
CE MSE A 157 -11.34 3.60 -7.28
N ALA A 158 -11.68 0.52 -2.13
CA ALA A 158 -10.95 -0.46 -1.33
C ALA A 158 -11.89 -1.15 -0.34
N ALA A 159 -12.83 -0.37 0.23
CA ALA A 159 -13.86 -0.89 1.15
C ALA A 159 -14.99 -1.62 0.42
N THR A 160 -15.03 -1.47 -0.89
CA THR A 160 -16.08 -2.05 -1.72
C THR A 160 -15.75 -3.50 -2.03
N GLY A 161 -16.79 -4.34 -2.09
CA GLY A 161 -16.61 -5.77 -2.30
C GLY A 161 -17.13 -6.22 -3.65
N GLN A 162 -17.37 -5.25 -4.53
CA GLN A 162 -17.77 -5.51 -5.91
C GLN A 162 -16.58 -5.29 -6.81
N ALA A 163 -15.96 -6.39 -7.22
CA ALA A 163 -14.72 -6.30 -8.01
C ALA A 163 -14.88 -5.66 -9.37
N GLN A 164 -16.10 -5.67 -9.92
CA GLN A 164 -16.30 -5.08 -11.23
C GLN A 164 -16.31 -3.56 -11.18
N ARG A 165 -16.39 -3.01 -9.97
CA ARG A 165 -16.28 -1.56 -9.74
C ARG A 165 -14.84 -1.17 -9.41
N ARG A 166 -13.96 -2.16 -9.26
CA ARG A 166 -12.60 -1.94 -8.79
C ARG A 166 -11.56 -2.24 -9.86
N TYR A 167 -11.90 -3.14 -10.77
CA TYR A 167 -10.91 -3.74 -11.63
C TYR A 167 -10.26 -2.65 -12.48
N GLN A 168 -8.94 -2.65 -12.52
CA GLN A 168 -8.16 -1.76 -13.37
C GLN A 168 -8.01 -0.35 -12.79
N TYR A 169 -8.51 -0.13 -11.57
CA TYR A 169 -8.24 1.10 -10.83
C TYR A 169 -7.31 0.88 -9.65
N GLU A 170 -6.99 -0.38 -9.40
CA GLU A 170 -6.07 -0.82 -8.37
C GLU A 170 -4.66 -0.46 -8.84
N PRO A 171 -3.66 -0.47 -7.98
CA PRO A 171 -3.77 -0.89 -6.58
C PRO A 171 -4.33 0.14 -5.61
N PHE A 172 -4.89 -0.38 -4.53
CA PHE A 172 -5.50 0.40 -3.46
C PHE A 172 -4.63 0.39 -2.21
N ALA A 173 -5.02 1.13 -1.19
CA ALA A 173 -4.26 1.12 0.06
C ALA A 173 -4.49 -0.18 0.82
N SER A 174 -3.55 -0.53 1.70
CA SER A 174 -3.71 -1.72 2.53
C SER A 174 -4.62 -1.36 3.69
N GLY A 175 -5.04 -2.35 4.47
CA GLY A 175 -5.83 -2.08 5.66
C GLY A 175 -7.32 -2.16 5.46
N PHE A 176 -7.73 -2.69 4.31
CA PHE A 176 -9.14 -2.92 4.05
C PHE A 176 -9.39 -4.42 3.95
N LEU A 177 -10.27 -4.92 4.81
CA LEU A 177 -10.52 -6.36 4.95
C LEU A 177 -11.97 -6.63 4.63
N HIS A 178 -12.28 -7.83 4.16
CA HIS A 178 -13.64 -8.16 3.81
C HIS A 178 -14.04 -9.52 4.35
N VAL A 179 -15.33 -9.66 4.64
CA VAL A 179 -15.89 -10.92 5.13
C VAL A 179 -17.08 -11.31 4.28
N THR A 180 -17.52 -12.54 4.44
CA THR A 180 -18.65 -13.07 3.71
C THR A 180 -19.91 -12.26 4.04
N PRO A 181 -20.69 -11.91 3.01
CA PRO A 181 -21.93 -11.17 3.26
C PRO A 181 -23.04 -12.13 3.66
N PRO A 182 -23.90 -11.73 4.62
CA PRO A 182 -25.11 -12.50 4.93
C PRO A 182 -26.13 -12.41 3.80
N ASP A 183 -26.61 -13.55 3.34
CA ASP A 183 -27.54 -13.61 2.22
C ASP A 183 -28.46 -14.77 2.49
N CYS A 184 -29.66 -14.48 3.00
CA CYS A 184 -30.58 -15.53 3.45
C CYS A 184 -31.13 -16.38 2.30
N TYR A 185 -30.93 -15.96 1.06
CA TYR A 185 -31.33 -16.77 -0.09
C TYR A 185 -30.29 -17.84 -0.41
N ARG A 186 -29.03 -17.45 -0.55
CA ARG A 186 -27.97 -18.41 -0.86
C ARG A 186 -27.44 -19.17 0.38
N MSE A 187 -27.83 -18.73 1.57
CA MSE A 187 -27.46 -19.42 2.81
C MSE A 187 -28.72 -19.71 3.57
O MSE A 187 -29.01 -19.07 4.59
CB MSE A 187 -26.63 -18.52 3.68
CG MSE A 187 -25.37 -18.10 3.04
SE MSE A 187 -24.44 -16.74 4.07
CE MSE A 187 -22.68 -17.43 3.50
N PRO A 188 -29.51 -20.64 3.07
CA PRO A 188 -30.85 -20.85 3.61
C PRO A 188 -30.81 -21.32 5.08
N GLY A 189 -31.74 -20.86 5.88
CA GLY A 189 -31.81 -21.22 7.27
C GLY A 189 -30.98 -20.43 8.26
N ILE A 190 -30.18 -19.47 7.79
CA ILE A 190 -29.43 -18.63 8.71
C ILE A 190 -30.36 -17.76 9.54
N GLU A 191 -31.48 -17.38 8.96
CA GLU A 191 -32.44 -16.56 9.70
C GLU A 191 -32.99 -17.28 10.93
N ARG A 192 -33.24 -18.57 10.80
CA ARG A 192 -33.68 -19.41 11.92
C ARG A 192 -32.67 -19.66 13.05
N GLU A 193 -31.39 -19.83 12.72
CA GLU A 193 -30.37 -20.17 13.72
C GLU A 193 -30.15 -19.08 14.73
N ASN A 194 -29.58 -19.46 15.87
CA ASN A 194 -29.15 -18.49 16.85
C ASN A 194 -28.07 -17.71 16.12
N ILE A 195 -28.13 -16.39 16.21
CA ILE A 195 -27.26 -15.53 15.39
C ILE A 195 -25.78 -15.80 15.62
N TYR A 196 -25.38 -16.10 16.84
CA TYR A 196 -23.96 -16.31 17.10
C TYR A 196 -23.42 -17.66 16.67
N ASP A 197 -24.29 -18.51 16.15
CA ASP A 197 -23.86 -19.75 15.53
C ASP A 197 -23.78 -19.61 14.01
N VAL A 198 -24.17 -18.46 13.49
CA VAL A 198 -24.11 -18.20 12.07
C VAL A 198 -22.67 -17.98 11.65
N GLU A 199 -22.23 -18.72 10.63
CA GLU A 199 -20.83 -18.73 10.25
C GLU A 199 -20.29 -17.38 9.80
N CYS A 200 -21.05 -16.62 9.01
CA CYS A 200 -20.58 -15.32 8.56
C CYS A 200 -20.62 -14.26 9.69
N VAL A 201 -21.29 -14.58 10.81
CA VAL A 201 -21.27 -13.75 12.02
C VAL A 201 -20.05 -14.08 12.88
N LYS A 202 -19.76 -15.37 13.02
CA LYS A 202 -18.53 -15.81 13.66
C LYS A 202 -17.29 -15.32 12.92
N GLU A 203 -17.36 -15.27 11.58
CA GLU A 203 -16.29 -14.75 10.75
C GLU A 203 -15.86 -13.34 11.17
N VAL A 204 -16.81 -12.46 11.48
CA VAL A 204 -16.48 -11.09 11.86
C VAL A 204 -15.59 -11.09 13.10
N ASP A 205 -16.00 -11.86 14.11
CA ASP A 205 -15.27 -11.95 15.36
C ASP A 205 -13.90 -12.60 15.17
N ARG A 206 -13.87 -13.70 14.43
CA ARG A 206 -12.61 -14.39 14.15
C ARG A 206 -11.60 -13.51 13.43
N VAL A 207 -12.02 -12.85 12.36
CA VAL A 207 -11.12 -12.02 11.60
C VAL A 207 -10.61 -10.85 12.42
N MSE A 208 -11.43 -10.28 13.29
CA MSE A 208 -10.95 -9.20 14.17
C MSE A 208 -9.89 -9.71 15.14
O MSE A 208 -8.93 -9.02 15.41
CB MSE A 208 -12.11 -8.54 14.90
CG MSE A 208 -12.98 -7.66 14.01
SE MSE A 208 -14.27 -6.60 15.01
CE MSE A 208 -15.13 -5.62 13.51
N THR A 209 -10.10 -10.91 15.66
CA THR A 209 -9.12 -11.56 16.54
C THR A 209 -7.82 -11.88 15.79
N TRP A 210 -7.95 -12.39 14.56
CA TRP A 210 -6.80 -12.84 13.78
C TRP A 210 -6.00 -11.69 13.17
N GLU A 211 -6.64 -10.54 12.99
CA GLU A 211 -5.96 -9.33 12.52
C GLU A 211 -5.41 -8.52 13.70
N LEU A 212 -5.81 -8.89 14.92
CA LEU A 212 -5.50 -8.18 16.18
C LEU A 212 -6.46 -7.02 16.42
N SER A 213 -7.28 -7.13 17.45
CA SER A 213 -8.29 -6.13 17.78
C SER A 213 -7.73 -4.74 17.71
N GLU A 214 -6.51 -4.58 18.21
CA GLU A 214 -5.83 -3.30 18.34
C GLU A 214 -5.52 -2.59 17.01
N THR A 215 -5.69 -3.27 15.89
CA THR A 215 -5.44 -2.65 14.61
C THR A 215 -6.73 -2.30 13.84
N ILE A 216 -7.90 -2.64 14.42
CA ILE A 216 -9.17 -2.44 13.73
C ILE A 216 -9.83 -1.10 14.10
N ALA A 217 -10.09 -0.25 13.12
CA ALA A 217 -10.70 1.05 13.40
C ALA A 217 -12.23 0.96 13.34
N ALA A 218 -12.78 0.38 12.26
CA ALA A 218 -14.22 0.34 12.08
C ALA A 218 -14.70 -0.75 11.14
N PHE A 219 -15.94 -1.17 11.31
CA PHE A 219 -16.62 -2.08 10.40
C PHE A 219 -17.65 -1.21 9.70
N ILE A 220 -17.68 -1.24 8.38
CA ILE A 220 -18.69 -0.46 7.66
C ILE A 220 -19.63 -1.40 6.93
N MSE A 221 -20.92 -1.09 7.00
CA MSE A 221 -21.93 -1.91 6.34
C MSE A 221 -23.21 -1.15 6.07
O MSE A 221 -23.61 -0.31 6.86
CB MSE A 221 -22.26 -3.12 7.19
CG MSE A 221 -22.73 -2.76 8.60
SE MSE A 221 -23.42 -4.36 9.55
CE MSE A 221 -25.13 -4.60 8.61
N GLU A 222 -23.83 -1.45 4.94
CA GLU A 222 -25.23 -1.13 4.72
C GLU A 222 -26.05 -2.14 5.51
N PRO A 223 -27.17 -1.69 6.10
CA PRO A 223 -28.10 -2.60 6.76
C PRO A 223 -28.65 -3.67 5.81
N ILE A 224 -28.88 -3.27 4.56
CA ILE A 224 -29.20 -4.21 3.48
C ILE A 224 -28.22 -3.96 2.34
N ILE A 225 -27.67 -4.99 1.72
CA ILE A 225 -26.75 -4.73 0.63
C ILE A 225 -27.61 -4.50 -0.59
N THR A 226 -27.74 -3.23 -0.98
CA THR A 226 -28.68 -2.84 -2.02
C THR A 226 -28.20 -2.91 -3.46
N GLY A 227 -27.13 -2.20 -3.76
CA GLY A 227 -26.59 -2.17 -5.10
C GLY A 227 -26.12 -3.54 -5.55
N GLY A 228 -25.58 -4.26 -4.58
CA GLY A 228 -25.07 -5.59 -4.75
C GLY A 228 -26.10 -6.63 -5.13
N GLY A 229 -27.36 -6.38 -4.84
CA GLY A 229 -28.40 -7.36 -5.13
C GLY A 229 -29.52 -7.48 -4.14
N ILE A 230 -29.68 -6.48 -3.28
CA ILE A 230 -30.69 -6.50 -2.24
C ILE A 230 -30.50 -7.72 -1.36
N LEU A 231 -29.25 -8.00 -1.01
CA LEU A 231 -28.93 -9.13 -0.15
C LEU A 231 -29.36 -8.80 1.26
N MSE A 232 -30.09 -9.72 1.87
CA MSE A 232 -30.61 -9.49 3.21
C MSE A 232 -30.10 -10.46 4.28
O MSE A 232 -29.92 -11.66 4.05
CB MSE A 232 -32.13 -9.44 3.17
CG MSE A 232 -32.60 -8.11 2.59
SE MSE A 232 -34.46 -8.18 2.21
CE MSE A 232 -35.12 -8.25 4.04
N ALA A 233 -29.88 -9.90 5.46
CA ALA A 233 -29.32 -10.64 6.59
C ALA A 233 -30.38 -11.13 7.58
N PRO A 234 -30.01 -12.09 8.43
CA PRO A 234 -30.90 -12.43 9.54
C PRO A 234 -31.19 -11.20 10.40
N GLN A 235 -32.35 -11.19 11.06
CA GLN A 235 -32.77 -10.07 11.89
C GLN A 235 -31.73 -9.58 12.90
N ASP A 236 -31.02 -10.51 13.54
CA ASP A 236 -30.09 -10.15 14.62
C ASP A 236 -28.66 -9.91 14.14
N TYR A 237 -28.45 -9.94 12.82
CA TYR A 237 -27.11 -9.84 12.27
C TYR A 237 -26.45 -8.52 12.60
N MSE A 238 -27.12 -7.40 12.36
CA MSE A 238 -26.49 -6.11 12.57
C MSE A 238 -26.17 -5.88 14.04
O MSE A 238 -25.14 -5.31 14.38
CB MSE A 238 -27.32 -4.97 12.01
CG MSE A 238 -26.57 -3.68 11.98
SE MSE A 238 -27.46 -2.36 10.88
CE MSE A 238 -26.02 -0.97 10.84
N LYS A 239 -27.04 -6.34 14.93
CA LYS A 239 -26.81 -6.17 16.35
C LYS A 239 -25.63 -7.02 16.81
N ALA A 240 -25.51 -8.21 16.25
CA ALA A 240 -24.39 -9.09 16.60
C ALA A 240 -23.08 -8.49 16.11
N VAL A 241 -23.10 -7.91 14.92
CA VAL A 241 -21.91 -7.23 14.40
C VAL A 241 -21.53 -6.04 15.28
N HIS A 242 -22.50 -5.24 15.70
CA HIS A 242 -22.19 -4.13 16.62
C HIS A 242 -21.57 -4.62 17.92
N GLU A 243 -22.17 -5.61 18.55
CA GLU A 243 -21.63 -6.20 19.77
C GLU A 243 -20.22 -6.73 19.55
N THR A 244 -19.95 -7.26 18.36
CA THR A 244 -18.61 -7.74 18.04
C THR A 244 -17.60 -6.59 17.88
N CYS A 245 -18.01 -5.51 17.23
CA CYS A 245 -17.20 -4.30 17.14
C CYS A 245 -16.85 -3.78 18.53
N GLN A 246 -17.86 -3.69 19.40
CA GLN A 246 -17.66 -3.19 20.75
C GLN A 246 -16.72 -4.08 21.55
N LYS A 247 -16.88 -5.38 21.42
CA LYS A 247 -15.96 -6.34 22.02
C LYS A 247 -14.50 -6.08 21.62
N HIS A 248 -14.25 -5.77 20.35
CA HIS A 248 -12.90 -5.52 19.87
C HIS A 248 -12.43 -4.07 19.93
N GLY A 249 -13.29 -3.19 20.44
CA GLY A 249 -12.94 -1.78 20.57
C GLY A 249 -13.05 -0.97 19.29
N ALA A 250 -13.74 -1.51 18.28
CA ALA A 250 -13.92 -0.87 16.98
C ALA A 250 -15.28 -0.17 16.82
N LEU A 251 -15.38 0.76 15.89
CA LEU A 251 -16.62 1.47 15.60
C LEU A 251 -17.43 0.75 14.53
N LEU A 252 -18.75 0.97 14.56
CA LEU A 252 -19.64 0.50 13.52
C LEU A 252 -20.16 1.69 12.73
N ILE A 253 -19.92 1.69 11.43
CA ILE A 253 -20.43 2.74 10.54
C ILE A 253 -21.57 2.16 9.74
N SER A 254 -22.75 2.75 9.85
CA SER A 254 -23.90 2.31 9.06
C SER A 254 -23.96 3.14 7.80
N ASP A 255 -23.74 2.50 6.67
CA ASP A 255 -23.83 3.18 5.38
C ASP A 255 -25.30 3.28 5.00
N GLU A 256 -25.90 4.46 5.19
CA GLU A 256 -27.33 4.68 4.91
C GLU A 256 -27.55 5.45 3.62
N VAL A 257 -26.55 5.46 2.74
CA VAL A 257 -26.63 6.23 1.50
C VAL A 257 -27.89 5.86 0.70
N ILE A 258 -28.15 4.56 0.52
CA ILE A 258 -29.35 4.11 -0.17
C ILE A 258 -30.55 3.80 0.72
N CYS A 259 -30.31 3.17 1.87
CA CYS A 259 -31.38 2.82 2.81
C CYS A 259 -31.98 3.99 3.60
N GLY A 260 -31.35 5.16 3.53
CA GLY A 260 -31.83 6.27 4.31
C GLY A 260 -33.08 6.96 3.79
N PHE A 261 -33.78 7.63 4.70
CA PHE A 261 -34.90 8.49 4.37
C PHE A 261 -36.11 7.78 3.78
N GLY A 262 -36.50 6.70 4.47
CA GLY A 262 -37.76 6.02 4.25
C GLY A 262 -37.70 4.84 3.31
N ARG A 263 -36.55 4.63 2.70
CA ARG A 263 -36.41 3.63 1.64
C ARG A 263 -36.83 2.23 2.06
N THR A 264 -36.45 1.81 3.30
CA THR A 264 -36.75 0.45 3.79
C THR A 264 -38.02 0.35 4.64
N GLY A 265 -38.74 1.45 4.81
CA GLY A 265 -39.92 1.40 5.63
C GLY A 265 -39.65 1.90 7.04
N LYS A 266 -38.42 2.33 7.29
CA LYS A 266 -38.06 3.07 8.52
C LYS A 266 -37.31 4.32 8.08
N ALA A 267 -37.15 5.28 8.99
CA ALA A 267 -36.40 6.48 8.63
C ALA A 267 -35.04 6.07 8.05
N PHE A 268 -34.37 5.14 8.73
CA PHE A 268 -33.08 4.60 8.25
C PHE A 268 -33.07 3.09 8.38
N GLY A 269 -32.23 2.44 7.57
CA GLY A 269 -32.20 1.00 7.56
C GLY A 269 -31.84 0.37 8.90
N PHE A 270 -30.89 0.97 9.61
CA PHE A 270 -30.43 0.39 10.88
C PHE A 270 -31.54 0.29 11.91
N MSE A 271 -32.59 1.09 11.72
CA MSE A 271 -33.71 1.09 12.66
C MSE A 271 -34.58 -0.16 12.57
O MSE A 271 -35.39 -0.41 13.44
CB MSE A 271 -34.54 2.34 12.49
CG MSE A 271 -33.76 3.56 12.88
SE MSE A 271 -34.79 5.20 12.73
CE MSE A 271 -33.42 6.46 13.34
N ASN A 272 -34.41 -0.95 11.50
CA ASN A 272 -35.05 -2.24 11.42
C ASN A 272 -34.42 -3.24 12.37
N TYR A 273 -33.17 -2.97 12.71
CA TYR A 273 -32.35 -3.89 13.42
C TYR A 273 -31.88 -3.62 14.86
N ASP A 274 -32.50 -2.66 15.53
CA ASP A 274 -32.23 -2.41 16.93
C ASP A 274 -30.77 -2.14 17.31
N VAL A 275 -30.10 -1.27 16.56
CA VAL A 275 -28.74 -0.87 16.85
C VAL A 275 -28.59 0.63 16.81
N LYS A 276 -27.65 1.17 17.59
CA LYS A 276 -27.32 2.58 17.55
C LYS A 276 -25.88 2.68 17.04
N PRO A 277 -25.71 3.04 15.78
CA PRO A 277 -24.36 3.10 15.19
C PRO A 277 -23.52 4.27 15.66
N ASP A 278 -22.21 4.04 15.70
CA ASP A 278 -21.25 5.06 16.07
C ASP A 278 -21.22 6.19 15.05
N ILE A 279 -21.33 5.83 13.78
CA ILE A 279 -21.32 6.78 12.71
C ILE A 279 -22.35 6.36 11.68
N ILE A 280 -23.02 7.32 11.09
CA ILE A 280 -24.00 7.05 10.04
C ILE A 280 -23.70 7.96 8.85
N THR A 281 -23.64 7.39 7.65
CA THR A 281 -23.43 8.18 6.44
C THR A 281 -24.67 8.19 5.55
N MSE A 282 -24.94 9.34 4.93
CA MSE A 282 -26.21 9.60 4.24
C MSE A 282 -25.97 10.43 3.02
O MSE A 282 -25.08 11.26 2.99
CB MSE A 282 -27.13 10.42 5.16
CG MSE A 282 -27.58 9.68 6.40
SE MSE A 282 -28.13 10.99 7.78
CE MSE A 282 -26.39 11.42 8.55
N ALA A 283 -26.81 10.25 2.01
CA ALA A 283 -26.79 11.09 0.83
C ALA A 283 -28.09 10.84 0.10
N LYS A 284 -28.03 10.76 -1.23
CA LYS A 284 -29.19 10.39 -2.06
C LYS A 284 -30.54 11.02 -1.65
N GLY A 285 -31.36 10.26 -0.93
CA GLY A 285 -32.70 10.72 -0.60
C GLY A 285 -32.80 11.88 0.36
N ILE A 286 -31.67 12.30 0.93
CA ILE A 286 -31.67 13.43 1.85
C ILE A 286 -32.30 14.69 1.20
N THR A 287 -32.04 14.88 -0.08
CA THR A 287 -32.61 15.99 -0.85
C THR A 287 -33.54 15.48 -1.95
N SER A 288 -33.90 14.20 -1.90
CA SER A 288 -34.55 13.51 -3.01
C SER A 288 -33.74 13.71 -4.29
N ALA A 289 -32.44 13.97 -4.13
CA ALA A 289 -31.51 14.20 -5.21
C ALA A 289 -31.78 15.46 -6.06
N TYR A 290 -32.62 16.36 -5.57
CA TYR A 290 -32.83 17.64 -6.25
C TYR A 290 -31.58 18.51 -6.23
N LEU A 291 -30.79 18.38 -5.17
CA LEU A 291 -29.50 19.07 -5.09
C LEU A 291 -28.50 18.15 -4.39
N PRO A 292 -27.20 18.34 -4.66
CA PRO A 292 -26.20 17.46 -4.04
C PRO A 292 -25.95 17.80 -2.57
N LEU A 293 -26.02 16.79 -1.71
CA LEU A 293 -25.75 16.97 -0.28
C LEU A 293 -25.57 15.60 0.32
N SER A 294 -24.66 15.49 1.27
CA SER A 294 -24.50 14.28 2.08
C SER A 294 -24.07 14.66 3.49
N ALA A 295 -24.09 13.68 4.39
CA ALA A 295 -23.78 13.95 5.78
C ALA A 295 -23.17 12.73 6.44
N THR A 296 -22.26 12.99 7.37
CA THR A 296 -21.65 11.98 8.21
C THR A 296 -22.01 12.33 9.65
N ALA A 297 -22.85 11.50 10.25
CA ALA A 297 -23.30 11.74 11.61
C ALA A 297 -22.44 10.91 12.54
N VAL A 298 -21.89 11.56 13.55
CA VAL A 298 -20.93 10.93 14.44
C VAL A 298 -21.38 11.07 15.90
N LYS A 299 -21.29 10.00 16.67
CA LYS A 299 -21.72 10.06 18.05
C LYS A 299 -20.99 11.17 18.79
N ARG A 300 -21.71 11.85 19.67
CA ARG A 300 -21.17 12.96 20.46
CA ARG A 300 -21.15 12.97 20.41
C ARG A 300 -19.84 12.62 21.13
N GLU A 301 -19.75 11.43 21.72
CA GLU A 301 -18.51 11.02 22.42
C GLU A 301 -17.27 10.94 21.52
N ILE A 302 -17.45 10.66 20.24
CA ILE A 302 -16.34 10.65 19.29
C ILE A 302 -15.90 12.10 19.01
N TYR A 303 -16.87 12.96 18.77
CA TYR A 303 -16.61 14.37 18.51
C TYR A 303 -15.81 15.03 19.66
N GLU A 304 -16.05 14.60 20.91
CA GLU A 304 -15.39 15.16 22.09
C GLU A 304 -13.88 15.03 22.02
N ALA A 305 -13.41 14.04 21.27
CA ALA A 305 -11.99 13.77 21.14
C ALA A 305 -11.28 14.79 20.24
N PHE A 306 -12.06 15.65 19.57
CA PHE A 306 -11.48 16.60 18.62
C PHE A 306 -11.51 18.04 19.15
N LYS A 307 -11.66 18.19 20.46
CA LYS A 307 -11.89 19.50 21.06
C LYS A 307 -10.66 20.09 21.74
N GLY A 308 -9.55 19.36 21.73
CA GLY A 308 -8.35 19.79 22.44
C GLY A 308 -7.64 21.00 21.81
N LYS A 309 -6.63 21.51 22.52
CA LYS A 309 -5.89 22.71 22.13
C LYS A 309 -4.65 22.38 21.29
N GLY A 310 -4.32 21.10 21.21
CA GLY A 310 -3.21 20.63 20.41
C GLY A 310 -3.28 20.97 18.94
N GLU A 311 -2.11 21.17 18.34
CA GLU A 311 -1.97 21.61 16.95
C GLU A 311 -2.75 20.76 15.95
N TYR A 312 -2.72 19.44 16.12
CA TYR A 312 -3.33 18.52 15.17
C TYR A 312 -4.62 17.88 15.67
N GLU A 313 -5.18 18.41 16.75
CA GLU A 313 -6.30 17.74 17.43
C GLU A 313 -7.65 17.91 16.78
N PHE A 314 -7.80 18.93 15.94
CA PHE A 314 -9.06 19.13 15.26
C PHE A 314 -9.07 18.44 13.88
N PHE A 315 -10.26 18.30 13.33
CA PHE A 315 -10.45 17.63 12.05
C PHE A 315 -9.95 18.54 10.94
N ARG A 316 -8.76 18.24 10.43
CA ARG A 316 -8.11 19.04 9.38
C ARG A 316 -8.56 18.62 8.00
N HIS A 317 -9.82 18.91 7.72
CA HIS A 317 -10.53 18.47 6.52
C HIS A 317 -11.42 19.60 6.05
N ILE A 318 -11.27 20.03 4.81
CA ILE A 318 -12.15 21.04 4.26
C ILE A 318 -12.82 20.51 2.97
N ASN A 319 -14.14 20.65 2.92
CA ASN A 319 -14.94 20.30 1.75
C ASN A 319 -15.66 21.57 1.25
N THR A 320 -15.22 22.11 0.11
CA THR A 320 -15.67 23.42 -0.33
C THR A 320 -17.19 23.57 -0.38
N PHE A 321 -17.86 22.65 -1.07
CA PHE A 321 -19.28 22.79 -1.37
C PHE A 321 -20.14 22.13 -0.31
N GLY A 322 -19.57 21.19 0.44
CA GLY A 322 -20.36 20.37 1.36
C GLY A 322 -21.21 21.20 2.31
N GLY A 323 -22.49 20.86 2.42
CA GLY A 323 -23.40 21.63 3.25
C GLY A 323 -23.88 22.90 2.55
N ASN A 324 -24.08 22.81 1.24
CA ASN A 324 -24.47 23.96 0.45
C ASN A 324 -25.77 24.55 0.99
N PRO A 325 -25.85 25.87 1.16
CA PRO A 325 -27.05 26.50 1.75
C PRO A 325 -28.37 26.11 1.07
N ALA A 326 -28.45 26.22 -0.26
CA ALA A 326 -29.67 25.84 -0.99
C ALA A 326 -30.01 24.37 -0.81
N ALA A 327 -29.00 23.50 -0.83
CA ALA A 327 -29.24 22.07 -0.70
C ALA A 327 -29.76 21.73 0.70
N CYS A 328 -29.20 22.38 1.71
CA CYS A 328 -29.69 22.23 3.09
C CYS A 328 -31.13 22.72 3.26
N ALA A 329 -31.43 23.91 2.76
CA ALA A 329 -32.77 24.44 2.87
C ALA A 329 -33.76 23.53 2.14
N LEU A 330 -33.37 23.04 0.96
CA LEU A 330 -34.21 22.09 0.23
C LEU A 330 -34.35 20.79 1.02
N ALA A 331 -33.27 20.30 1.61
CA ALA A 331 -33.34 19.06 2.38
C ALA A 331 -34.32 19.17 3.53
N LEU A 332 -34.30 20.31 4.21
CA LEU A 332 -35.22 20.54 5.32
C LEU A 332 -36.68 20.41 4.86
N LYS A 333 -36.98 20.99 3.72
CA LYS A 333 -38.34 20.89 3.18
C LYS A 333 -38.65 19.46 2.78
N ASN A 334 -37.65 18.76 2.23
CA ASN A 334 -37.78 17.36 1.82
C ASN A 334 -38.11 16.46 3.02
N LEU A 335 -37.45 16.70 4.14
CA LEU A 335 -37.73 15.92 5.35
C LEU A 335 -39.13 16.22 5.90
N GLU A 336 -39.56 17.47 5.77
CA GLU A 336 -40.90 17.88 6.18
C GLU A 336 -41.97 17.18 5.33
N ILE A 337 -41.72 17.08 4.03
CA ILE A 337 -42.58 16.36 3.11
C ILE A 337 -42.70 14.89 3.50
N ILE A 338 -41.56 14.23 3.70
CA ILE A 338 -41.57 12.80 4.01
C ILE A 338 -42.39 12.54 5.28
N GLU A 339 -42.23 13.40 6.27
CA GLU A 339 -42.94 13.29 7.53
C GLU A 339 -44.43 13.57 7.40
N ASN A 340 -44.77 14.72 6.83
CA ASN A 340 -46.16 15.14 6.67
C ASN A 340 -47.00 14.23 5.74
N GLU A 341 -46.38 13.62 4.74
CA GLU A 341 -47.10 12.74 3.84
C GLU A 341 -47.01 11.26 4.26
N ASN A 342 -46.41 11.01 5.43
CA ASN A 342 -46.32 9.65 5.98
C ASN A 342 -45.60 8.69 5.01
N LEU A 343 -44.57 9.17 4.33
CA LEU A 343 -43.91 8.39 3.29
C LEU A 343 -43.13 7.20 3.81
N ILE A 344 -42.67 7.27 5.06
CA ILE A 344 -41.93 6.15 5.64
C ILE A 344 -42.86 4.95 5.79
N GLU A 345 -44.03 5.17 6.36
CA GLU A 345 -45.05 4.13 6.47
C GLU A 345 -45.61 3.69 5.11
N ARG A 346 -45.80 4.62 4.16
CA ARG A 346 -46.23 4.23 2.82
CA ARG A 346 -46.20 4.26 2.80
C ARG A 346 -45.19 3.35 2.15
N SER A 347 -43.91 3.59 2.41
CA SER A 347 -42.85 2.73 1.88
C SER A 347 -42.98 1.32 2.41
N ALA A 348 -43.14 1.17 3.71
CA ALA A 348 -43.38 -0.11 4.34
C ALA A 348 -44.61 -0.81 3.73
N GLN A 349 -45.73 -0.10 3.62
CA GLN A 349 -46.96 -0.71 3.10
C GLN A 349 -46.97 -0.97 1.59
N MSE A 350 -46.57 0.00 0.78
CA MSE A 350 -46.47 -0.23 -0.66
C MSE A 350 -45.38 -1.27 -0.94
O MSE A 350 -45.48 -2.04 -1.90
CB MSE A 350 -46.14 1.06 -1.41
CG MSE A 350 -47.24 2.12 -1.40
SE MSE A 350 -48.98 1.50 -2.09
CE MSE A 350 -48.40 0.28 -3.43
N GLY A 351 -44.33 -1.25 -0.14
CA GLY A 351 -43.27 -2.23 -0.23
C GLY A 351 -43.78 -3.66 -0.04
N SER A 352 -44.61 -3.90 0.99
CA SER A 352 -45.20 -5.22 1.22
C SER A 352 -46.09 -5.64 0.07
N LEU A 353 -46.88 -4.70 -0.40
CA LEU A 353 -47.80 -4.95 -1.50
C LEU A 353 -47.04 -5.31 -2.75
N LEU A 354 -45.96 -4.58 -3.00
CA LEU A 354 -45.15 -4.84 -4.17
C LEU A 354 -44.55 -6.22 -4.08
N LEU A 355 -44.06 -6.57 -2.89
CA LEU A 355 -43.47 -7.88 -2.67
C LEU A 355 -44.46 -9.04 -2.79
N GLU A 356 -45.63 -8.90 -2.16
CA GLU A 356 -46.64 -9.95 -2.22
C GLU A 356 -47.20 -10.12 -3.63
N GLN A 357 -47.50 -9.01 -4.28
CA GLN A 357 -48.01 -9.05 -5.64
C GLN A 357 -47.00 -9.61 -6.64
N LEU A 358 -45.73 -9.27 -6.48
CA LEU A 358 -44.72 -9.77 -7.38
C LEU A 358 -44.64 -11.28 -7.26
N LYS A 359 -44.71 -11.78 -6.04
CA LYS A 359 -44.62 -13.21 -5.87
C LYS A 359 -45.77 -13.92 -6.55
N GLU A 360 -46.99 -13.40 -6.36
CA GLU A 360 -48.19 -13.98 -6.98
C GLU A 360 -48.13 -13.93 -8.48
N GLU A 361 -47.74 -12.78 -9.01
CA GLU A 361 -47.64 -12.60 -10.45
C GLU A 361 -46.51 -13.32 -11.23
N ILE A 362 -45.30 -13.32 -10.69
CA ILE A 362 -44.17 -13.95 -11.36
C ILE A 362 -43.39 -14.95 -10.52
N GLY A 363 -43.92 -15.30 -9.36
CA GLY A 363 -43.22 -16.22 -8.48
C GLY A 363 -43.00 -17.59 -9.09
N GLU A 364 -44.00 -18.08 -9.79
CA GLU A 364 -43.95 -19.40 -10.40
C GLU A 364 -43.07 -19.47 -11.65
N HIS A 365 -42.63 -18.32 -12.15
CA HIS A 365 -41.83 -18.33 -13.37
C HIS A 365 -40.59 -19.18 -13.09
N PRO A 366 -40.23 -20.02 -14.05
CA PRO A 366 -39.15 -21.01 -13.83
C PRO A 366 -37.77 -20.40 -13.66
N LEU A 367 -37.59 -19.12 -13.99
CA LEU A 367 -36.27 -18.51 -13.89
C LEU A 367 -36.21 -17.47 -12.78
N VAL A 368 -37.28 -17.37 -12.01
CA VAL A 368 -37.29 -16.49 -10.84
C VAL A 368 -36.89 -17.31 -9.61
N GLY A 369 -35.66 -17.12 -9.16
CA GLY A 369 -35.15 -17.85 -8.02
C GLY A 369 -35.66 -17.35 -6.69
N ASP A 370 -35.75 -16.03 -6.53
CA ASP A 370 -36.13 -15.46 -5.26
C ASP A 370 -36.67 -14.03 -5.45
N ILE A 371 -37.68 -13.68 -4.68
CA ILE A 371 -38.15 -12.31 -4.60
C ILE A 371 -38.12 -11.88 -3.13
N ARG A 372 -37.43 -10.77 -2.88
CA ARG A 372 -37.20 -10.32 -1.50
C ARG A 372 -37.15 -8.80 -1.49
N GLY A 373 -37.34 -8.21 -0.31
CA GLY A 373 -37.26 -6.77 -0.15
C GLY A 373 -37.68 -6.34 1.24
N LYS A 374 -37.58 -5.04 1.49
CA LYS A 374 -38.10 -4.45 2.72
C LYS A 374 -38.36 -2.99 2.41
N GLY A 375 -39.58 -2.53 2.63
CA GLY A 375 -39.95 -1.22 2.14
C GLY A 375 -39.96 -1.21 0.62
N LEU A 376 -39.82 -0.04 0.03
CA LEU A 376 -39.86 0.08 -1.42
C LEU A 376 -38.44 -0.16 -1.97
N LEU A 377 -37.98 -1.37 -1.70
CA LEU A 377 -36.64 -1.79 -2.01
C LEU A 377 -36.74 -3.30 -2.22
N VAL A 378 -36.74 -3.73 -3.48
CA VAL A 378 -37.07 -5.11 -3.82
C VAL A 378 -36.13 -5.67 -4.88
N GLY A 379 -35.70 -6.91 -4.69
CA GLY A 379 -34.86 -7.59 -5.66
C GLY A 379 -35.52 -8.86 -6.14
N ILE A 380 -35.44 -9.09 -7.44
CA ILE A 380 -35.93 -10.34 -8.04
C ILE A 380 -34.72 -11.06 -8.62
N GLU A 381 -34.31 -12.15 -7.99
CA GLU A 381 -33.12 -12.85 -8.41
C GLU A 381 -33.42 -13.86 -9.48
N LEU A 382 -32.82 -13.68 -10.66
CA LEU A 382 -33.08 -14.58 -11.79
C LEU A 382 -32.00 -15.66 -11.89
N VAL A 383 -32.43 -16.89 -12.13
CA VAL A 383 -31.53 -18.04 -12.14
C VAL A 383 -31.82 -18.91 -13.38
N ASN A 384 -30.81 -19.66 -13.84
CA ASN A 384 -31.02 -20.67 -14.90
C ASN A 384 -31.74 -21.88 -14.32
N ASP A 385 -31.58 -22.09 -13.02
CA ASP A 385 -32.08 -23.27 -12.34
C ASP A 385 -32.39 -22.95 -10.88
N LYS A 386 -33.64 -23.18 -10.46
CA LYS A 386 -34.08 -22.89 -9.09
C LYS A 386 -33.43 -23.78 -8.03
N GLU A 387 -33.00 -24.98 -8.42
CA GLU A 387 -32.36 -25.92 -7.49
C GLU A 387 -30.90 -25.55 -7.20
N THR A 388 -30.15 -25.27 -8.24
CA THR A 388 -28.74 -24.95 -8.12
C THR A 388 -28.51 -23.47 -7.80
N LYS A 389 -29.50 -22.63 -8.12
CA LYS A 389 -29.42 -21.19 -7.92
C LYS A 389 -28.38 -20.52 -8.83
N GLU A 390 -28.07 -21.17 -9.96
CA GLU A 390 -27.08 -20.62 -10.88
C GLU A 390 -27.62 -19.31 -11.47
N PRO A 391 -26.84 -18.21 -11.38
CA PRO A 391 -27.29 -16.92 -11.91
C PRO A 391 -27.67 -17.04 -13.39
N ILE A 392 -28.73 -16.34 -13.80
CA ILE A 392 -29.18 -16.40 -15.18
C ILE A 392 -28.12 -15.79 -16.11
N ASP A 393 -28.18 -16.12 -17.39
CA ASP A 393 -27.27 -15.55 -18.39
C ASP A 393 -27.46 -14.03 -18.47
N ASN A 394 -26.38 -13.28 -18.68
CA ASN A 394 -26.48 -11.83 -18.80
C ASN A 394 -27.42 -11.32 -19.90
N ASP A 395 -27.43 -12.00 -21.03
CA ASP A 395 -28.27 -11.62 -22.15
C ASP A 395 -29.75 -11.72 -21.75
N LYS A 396 -30.10 -12.70 -20.92
CA LYS A 396 -31.49 -12.93 -20.58
C LYS A 396 -32.02 -11.84 -19.67
N ILE A 397 -31.30 -11.52 -18.60
CA ILE A 397 -31.73 -10.46 -17.72
C ILE A 397 -31.67 -9.09 -18.43
N ALA A 398 -30.66 -8.89 -19.27
CA ALA A 398 -30.54 -7.63 -20.03
C ALA A 398 -31.73 -7.42 -20.96
N SER A 399 -32.19 -8.50 -21.59
CA SER A 399 -33.36 -8.39 -22.48
C SER A 399 -34.63 -8.04 -21.72
N VAL A 400 -34.75 -8.50 -20.47
CA VAL A 400 -35.89 -8.12 -19.63
C VAL A 400 -35.84 -6.64 -19.24
N VAL A 401 -34.67 -6.15 -18.86
CA VAL A 401 -34.51 -4.75 -18.53
C VAL A 401 -34.88 -3.88 -19.76
N ASN A 402 -34.42 -4.27 -20.94
CA ASN A 402 -34.69 -3.50 -22.17
C ASN A 402 -36.14 -3.57 -22.62
N ALA A 403 -36.76 -4.74 -22.47
CA ALA A 403 -38.18 -4.91 -22.81
C ALA A 403 -39.05 -4.02 -21.92
N CYS A 404 -38.73 -3.94 -20.63
CA CYS A 404 -39.48 -3.10 -19.69
C CYS A 404 -39.34 -1.64 -20.10
N LYS A 405 -38.15 -1.21 -20.45
CA LYS A 405 -37.92 0.16 -20.84
C LYS A 405 -38.73 0.58 -22.07
N GLU A 406 -38.83 -0.32 -23.04
CA GLU A 406 -39.65 -0.12 -24.22
C GLU A 406 -41.12 0.05 -23.86
N LYS A 407 -41.54 -0.67 -22.84
CA LYS A 407 -42.92 -0.68 -22.41
C LYS A 407 -43.13 0.39 -21.35
N GLY A 408 -42.16 1.29 -21.25
CA GLY A 408 -42.24 2.42 -20.33
C GLY A 408 -42.09 2.18 -18.84
N LEU A 409 -41.35 1.15 -18.47
CA LEU A 409 -40.88 0.99 -17.10
C LEU A 409 -39.35 1.00 -17.00
N ILE A 410 -38.81 1.82 -16.11
CA ILE A 410 -37.40 1.73 -15.81
C ILE A 410 -37.21 0.82 -14.61
N ILE A 411 -36.56 -0.32 -14.84
CA ILE A 411 -36.23 -1.25 -13.76
C ILE A 411 -34.71 -1.39 -13.72
N GLY A 412 -34.17 -1.62 -12.53
CA GLY A 412 -32.74 -1.67 -12.37
C GLY A 412 -32.21 -3.07 -12.33
N ARG A 413 -30.88 -3.18 -12.30
CA ARG A 413 -30.20 -4.47 -12.34
C ARG A 413 -28.87 -4.27 -11.64
N ASN A 414 -28.37 -5.28 -10.94
CA ASN A 414 -27.07 -5.14 -10.31
C ASN A 414 -25.92 -5.45 -11.27
N GLY A 415 -25.88 -4.70 -12.36
CA GLY A 415 -24.80 -4.81 -13.33
C GLY A 415 -23.47 -4.31 -12.79
N MSE A 416 -22.40 -4.95 -13.23
CA MSE A 416 -21.06 -4.51 -12.88
C MSE A 416 -20.85 -4.45 -11.38
O MSE A 416 -20.27 -3.50 -10.89
CB MSE A 416 -20.76 -3.16 -13.51
CG MSE A 416 -20.67 -3.17 -15.03
SE MSE A 416 -19.34 -4.42 -15.72
CE MSE A 416 -20.45 -5.99 -15.81
N THR A 417 -21.34 -5.44 -10.65
CA THR A 417 -21.02 -5.54 -9.24
C THR A 417 -20.11 -6.72 -8.94
N THR A 418 -20.62 -7.92 -9.12
CA THR A 418 -19.84 -9.13 -8.89
C THR A 418 -19.86 -9.94 -10.17
N ALA A 419 -18.69 -10.41 -10.61
CA ALA A 419 -18.62 -11.14 -11.86
C ALA A 419 -19.43 -12.43 -11.78
N GLY A 420 -20.29 -12.63 -12.76
CA GLY A 420 -21.09 -13.84 -12.88
C GLY A 420 -22.32 -13.81 -12.00
N TYR A 421 -22.52 -12.70 -11.31
CA TYR A 421 -23.66 -12.54 -10.41
C TYR A 421 -24.44 -11.26 -10.67
N ASN A 422 -24.61 -10.95 -11.95
CA ASN A 422 -25.22 -9.71 -12.40
C ASN A 422 -26.71 -9.93 -12.65
N ASN A 423 -27.24 -10.94 -11.98
CA ASN A 423 -28.51 -11.58 -12.31
C ASN A 423 -29.73 -11.06 -11.55
N ILE A 424 -29.58 -9.99 -10.78
CA ILE A 424 -30.68 -9.51 -9.95
C ILE A 424 -31.31 -8.20 -10.46
N LEU A 425 -32.60 -8.25 -10.74
CA LEU A 425 -33.41 -7.05 -10.99
C LEU A 425 -33.67 -6.28 -9.70
N THR A 426 -33.66 -4.96 -9.77
CA THR A 426 -33.94 -4.14 -8.62
C THR A 426 -35.06 -3.14 -8.86
N LEU A 427 -35.98 -3.04 -7.91
CA LEU A 427 -36.92 -1.91 -7.88
C LEU A 427 -36.77 -1.09 -6.61
N ALA A 428 -36.55 0.21 -6.79
CA ALA A 428 -36.70 1.19 -5.72
C ALA A 428 -37.47 2.43 -6.20
N PRO A 429 -38.79 2.30 -6.30
CA PRO A 429 -39.65 3.39 -6.76
C PRO A 429 -39.80 4.51 -5.74
N PRO A 430 -40.17 5.70 -6.18
CA PRO A 430 -40.32 6.83 -5.28
C PRO A 430 -41.41 6.57 -4.26
N LEU A 431 -41.26 7.08 -3.05
CA LEU A 431 -42.06 6.60 -1.93
C LEU A 431 -43.52 7.02 -2.04
N VAL A 432 -43.82 7.89 -3.02
CA VAL A 432 -45.19 8.32 -3.29
C VAL A 432 -45.92 7.39 -4.23
N ILE A 433 -45.27 6.32 -4.66
CA ILE A 433 -45.88 5.43 -5.66
C ILE A 433 -47.23 4.92 -5.16
N SER A 434 -48.19 4.78 -6.08
CA SER A 434 -49.56 4.40 -5.74
C SER A 434 -49.78 2.93 -6.06
N SER A 435 -50.86 2.38 -5.51
CA SER A 435 -51.25 1.00 -5.76
C SER A 435 -51.38 0.74 -7.27
N GLU A 436 -51.95 1.70 -7.98
CA GLU A 436 -52.21 1.54 -9.40
C GLU A 436 -50.92 1.54 -10.20
N GLU A 437 -49.95 2.36 -9.78
CA GLU A 437 -48.66 2.41 -10.45
C GLU A 437 -47.86 1.12 -10.21
N ILE A 438 -48.02 0.56 -9.01
CA ILE A 438 -47.44 -0.73 -8.66
C ILE A 438 -47.98 -1.83 -9.58
N ALA A 439 -49.28 -1.76 -9.88
CA ALA A 439 -49.90 -2.70 -10.79
C ALA A 439 -49.26 -2.56 -12.20
N PHE A 440 -49.01 -1.31 -12.60
CA PHE A 440 -48.34 -1.06 -13.87
C PHE A 440 -46.92 -1.67 -13.87
N VAL A 441 -46.17 -1.45 -12.78
CA VAL A 441 -44.83 -2.02 -12.64
C VAL A 441 -44.87 -3.52 -12.84
N ILE A 442 -45.72 -4.17 -12.05
CA ILE A 442 -45.77 -5.63 -12.01
C ILE A 442 -46.30 -6.18 -13.32
N GLY A 443 -47.34 -5.56 -13.86
CA GLY A 443 -47.92 -5.98 -15.11
C GLY A 443 -46.91 -5.91 -16.25
N THR A 444 -46.16 -4.81 -16.29
CA THR A 444 -45.15 -4.64 -17.31
C THR A 444 -44.01 -5.66 -17.20
N LEU A 445 -43.53 -5.85 -15.96
CA LEU A 445 -42.48 -6.83 -15.70
C LEU A 445 -42.97 -8.24 -16.07
N LYS A 446 -44.16 -8.60 -15.61
CA LYS A 446 -44.73 -9.90 -15.92
C LYS A 446 -44.71 -10.19 -17.42
N THR A 447 -45.16 -9.22 -18.20
CA THR A 447 -45.16 -9.32 -19.65
C THR A 447 -43.74 -9.45 -20.25
N ALA A 448 -42.80 -8.66 -19.73
CA ALA A 448 -41.39 -8.77 -20.13
C ALA A 448 -40.77 -10.11 -19.75
N MSE A 449 -41.23 -10.69 -18.63
CA MSE A 449 -40.74 -12.02 -18.21
C MSE A 449 -41.10 -13.11 -19.22
O MSE A 449 -40.39 -14.09 -19.34
CB MSE A 449 -41.26 -12.38 -16.81
CG MSE A 449 -40.60 -11.61 -15.65
SE MSE A 449 -38.70 -11.93 -15.49
CE MSE A 449 -38.78 -13.83 -14.97
N GLU A 450 -42.19 -12.93 -19.94
CA GLU A 450 -42.63 -13.94 -20.90
C GLU A 450 -41.67 -14.14 -22.07
N ARG A 451 -40.74 -13.21 -22.28
CA ARG A 451 -39.77 -13.29 -23.37
CA ARG A 451 -39.77 -13.31 -23.37
C ARG A 451 -38.58 -14.21 -22.99
N ILE A 452 -38.55 -14.72 -21.74
CA ILE A 452 -37.51 -15.65 -21.29
C ILE A 452 -38.06 -16.88 -20.55
N ALA B 3 33.78 -29.03 33.10
CA ALA B 3 34.86 -28.61 32.19
C ALA B 3 35.13 -27.09 32.20
N MSE B 4 34.09 -26.31 31.87
CA MSE B 4 34.17 -24.87 31.93
C MSE B 4 33.69 -24.38 33.32
O MSE B 4 32.52 -24.59 33.70
CB MSE B 4 33.34 -24.25 30.80
CG MSE B 4 33.66 -22.80 30.54
SE MSE B 4 32.62 -21.89 29.11
CE MSE B 4 33.13 -23.04 27.61
N LYS B 5 34.61 -23.77 34.07
CA LYS B 5 34.37 -23.37 35.47
C LYS B 5 33.32 -22.28 35.51
N THR B 6 32.64 -22.13 36.64
CA THR B 6 31.52 -21.21 36.72
C THR B 6 31.96 -19.81 36.32
N LYS B 7 33.18 -19.42 36.64
CA LYS B 7 33.63 -18.08 36.34
C LYS B 7 33.63 -17.80 34.84
N GLN B 8 34.16 -18.73 34.05
CA GLN B 8 34.18 -18.58 32.60
C GLN B 8 32.81 -18.61 31.91
N THR B 9 31.92 -19.48 32.37
CA THR B 9 30.57 -19.51 31.83
C THR B 9 29.87 -18.19 32.14
N ASP B 10 30.11 -17.63 33.32
CA ASP B 10 29.48 -16.36 33.70
C ASP B 10 29.94 -15.24 32.78
N GLU B 11 31.21 -15.24 32.45
CA GLU B 11 31.76 -14.24 31.56
C GLU B 11 31.12 -14.34 30.18
N LEU B 12 30.96 -15.57 29.69
CA LEU B 12 30.34 -15.82 28.39
C LEU B 12 28.89 -15.37 28.37
N LEU B 13 28.18 -15.66 29.44
CA LEU B 13 26.80 -15.24 29.58
C LEU B 13 26.70 -13.72 29.62
N ALA B 14 27.64 -13.08 30.28
CA ALA B 14 27.69 -11.63 30.36
C ALA B 14 27.91 -10.99 28.99
N LYS B 15 28.80 -11.58 28.20
CA LYS B 15 29.08 -11.09 26.85
C LYS B 15 27.84 -11.20 25.97
N ASP B 16 27.12 -12.29 26.11
CA ASP B 16 25.85 -12.48 25.42
C ASP B 16 24.86 -11.36 25.75
N GLU B 17 24.70 -11.09 27.05
CA GLU B 17 23.81 -10.02 27.48
C GLU B 17 24.14 -8.67 26.85
N GLN B 18 25.44 -8.33 26.82
CA GLN B 18 25.91 -7.04 26.31
CA GLN B 18 25.92 -7.05 26.33
C GLN B 18 25.80 -6.90 24.81
N TYR B 19 26.07 -7.98 24.07
CA TYR B 19 26.27 -7.88 22.63
C TYR B 19 25.28 -8.57 21.72
N VAL B 20 24.50 -9.51 22.25
CA VAL B 20 23.68 -10.34 21.38
C VAL B 20 22.19 -10.01 21.50
N TRP B 21 21.54 -9.77 20.37
CA TRP B 21 20.11 -9.54 20.33
C TRP B 21 19.46 -10.86 19.94
N HIS B 22 18.63 -11.39 20.84
CA HIS B 22 17.98 -12.68 20.61
C HIS B 22 16.60 -12.56 19.98
N GLY B 23 16.30 -13.40 18.99
CA GLY B 23 14.97 -13.41 18.43
C GLY B 23 13.91 -13.95 19.39
N MSE B 24 12.73 -13.33 19.36
CA MSE B 24 11.54 -13.96 19.89
C MSE B 24 11.57 -14.24 21.38
O MSE B 24 10.99 -15.21 21.83
CB MSE B 24 11.24 -15.27 19.12
CG MSE B 24 9.81 -15.74 19.19
SE MSE B 24 8.46 -14.53 18.40
CE MSE B 24 8.80 -14.82 16.47
N ARG B 25 12.25 -13.39 22.16
CA ARG B 25 12.02 -13.47 23.59
C ARG B 25 12.20 -12.20 24.41
N PRO B 26 11.43 -12.13 25.51
CA PRO B 26 11.54 -11.10 26.54
C PRO B 26 12.99 -10.98 26.98
N PHE B 27 13.41 -9.80 27.42
CA PHE B 27 14.81 -9.66 27.75
C PHE B 27 15.00 -10.31 29.11
N SER B 28 15.64 -11.48 29.10
CA SER B 28 15.83 -12.29 30.29
C SER B 28 17.20 -12.95 30.30
N PRO B 29 18.25 -12.18 30.55
CA PRO B 29 19.61 -12.62 30.24
C PRO B 29 19.99 -13.87 31.03
N ASN B 30 19.55 -13.92 32.28
CA ASN B 30 19.82 -15.08 33.14
C ASN B 30 19.20 -16.36 32.59
N SER B 31 18.01 -16.26 32.02
CA SER B 31 17.32 -17.40 31.40
C SER B 31 17.98 -17.97 30.14
N THR B 32 18.92 -17.25 29.55
CA THR B 32 19.54 -17.71 28.31
C THR B 32 20.29 -19.04 28.40
N THR B 33 20.04 -19.92 27.44
CA THR B 33 20.73 -21.20 27.34
C THR B 33 21.78 -21.12 26.23
N VAL B 34 23.05 -21.21 26.58
CA VAL B 34 24.12 -21.19 25.59
C VAL B 34 24.47 -22.63 25.21
N GLY B 35 24.09 -23.03 24.00
CA GLY B 35 24.38 -24.37 23.54
C GLY B 35 25.88 -24.58 23.41
N ALA B 36 26.35 -25.76 23.79
CA ALA B 36 27.79 -26.07 23.78
C ALA B 36 28.11 -27.20 22.83
N LYS B 37 27.33 -28.27 22.90
CA LYS B 37 27.53 -29.43 22.04
C LYS B 37 26.28 -30.29 21.96
N ALA B 38 26.30 -31.29 21.10
CA ALA B 38 25.10 -32.07 20.83
C ALA B 38 25.43 -33.37 20.10
N GLU B 39 24.54 -34.34 20.25
CA GLU B 39 24.70 -35.65 19.62
C GLU B 39 23.35 -36.34 19.58
N GLY B 40 22.94 -36.79 18.40
CA GLY B 40 21.66 -37.47 18.25
C GLY B 40 20.48 -36.54 18.46
N CYS B 41 19.69 -36.82 19.50
CA CYS B 41 18.52 -36.01 19.86
C CYS B 41 18.78 -35.14 21.09
N TRP B 42 20.00 -35.19 21.63
CA TRP B 42 20.32 -34.51 22.87
C TRP B 42 21.27 -33.34 22.66
N VAL B 43 20.96 -32.22 23.31
CA VAL B 43 21.84 -31.06 23.27
C VAL B 43 22.32 -30.80 24.69
N GLU B 44 23.42 -30.07 24.82
CA GLU B 44 24.02 -29.80 26.11
C GLU B 44 24.49 -28.35 26.15
N ASP B 45 24.23 -27.67 27.26
CA ASP B 45 24.60 -26.25 27.36
C ASP B 45 25.99 -26.08 27.96
N ILE B 46 26.45 -24.84 28.10
CA ILE B 46 27.81 -24.60 28.57
C ILE B 46 28.00 -25.05 30.02
N GLN B 47 26.92 -25.11 30.80
CA GLN B 47 27.03 -25.56 32.19
C GLN B 47 27.04 -27.08 32.27
N GLY B 48 26.83 -27.73 31.15
CA GLY B 48 26.87 -29.19 31.10
C GLY B 48 25.54 -29.91 31.24
N LYS B 49 24.43 -29.19 31.36
CA LYS B 49 23.12 -29.83 31.47
C LYS B 49 22.69 -30.36 30.10
N ARG B 50 22.06 -31.53 30.07
CA ARG B 50 21.60 -32.14 28.84
CA ARG B 50 21.58 -32.07 28.81
C ARG B 50 20.07 -32.13 28.69
N TYR B 51 19.60 -31.98 27.44
CA TYR B 51 18.18 -31.93 27.15
C TYR B 51 17.89 -32.76 25.93
N LEU B 52 16.79 -33.50 25.97
CA LEU B 52 16.27 -34.09 24.75
C LEU B 52 15.61 -32.96 23.98
N ASP B 53 16.12 -32.69 22.79
CA ASP B 53 15.57 -31.63 21.97
C ASP B 53 14.33 -32.08 21.20
N GLY B 54 13.17 -31.93 21.82
CA GLY B 54 11.90 -32.33 21.24
C GLY B 54 11.43 -31.41 20.14
N MSE B 55 12.24 -30.41 19.78
CA MSE B 55 11.91 -29.46 18.73
C MSE B 55 12.88 -29.45 17.53
O MSE B 55 12.71 -28.64 16.61
CB MSE B 55 11.79 -28.04 19.28
CG MSE B 55 10.47 -27.75 19.98
SE MSE B 55 8.95 -27.88 18.71
CE MSE B 55 9.35 -26.26 17.68
N SER B 56 13.88 -30.31 17.54
CA SER B 56 14.90 -30.32 16.48
C SER B 56 15.42 -28.92 16.22
N GLY B 57 15.82 -28.23 17.28
CA GLY B 57 16.25 -26.85 17.20
C GLY B 57 15.07 -25.94 17.00
N LEU B 58 14.73 -25.69 15.74
CA LEU B 58 13.49 -25.04 15.33
C LEU B 58 12.88 -25.81 14.16
N TRP B 59 12.30 -26.97 14.44
CA TRP B 59 11.71 -27.82 13.40
C TRP B 59 12.70 -28.20 12.29
N CYS B 60 14.00 -28.20 12.55
CA CYS B 60 14.94 -28.21 11.44
C CYS B 60 16.08 -29.22 11.46
N VAL B 61 16.50 -29.68 12.64
CA VAL B 61 17.62 -30.61 12.71
C VAL B 61 17.14 -32.05 12.50
N ASN B 62 16.65 -32.32 11.29
CA ASN B 62 15.92 -33.53 11.00
C ASN B 62 16.74 -34.80 11.12
N SER B 63 18.00 -34.74 10.70
CA SER B 63 18.83 -35.92 10.77
C SER B 63 19.52 -36.09 12.10
N GLY B 64 19.29 -35.18 13.02
CA GLY B 64 19.90 -35.30 14.32
C GLY B 64 21.22 -34.56 14.39
N TYR B 65 21.72 -34.40 15.61
CA TYR B 65 22.95 -33.69 15.85
C TYR B 65 24.15 -34.62 15.75
N GLY B 66 25.33 -34.05 15.60
CA GLY B 66 26.55 -34.81 15.72
C GLY B 66 26.91 -35.60 14.48
N ARG B 67 26.36 -35.23 13.33
CA ARG B 67 26.63 -35.95 12.09
C ARG B 67 28.00 -35.58 11.53
N LYS B 68 29.00 -36.43 11.74
CA LYS B 68 30.34 -36.15 11.23
C LYS B 68 30.36 -36.14 9.69
N GLU B 69 29.54 -36.98 9.07
CA GLU B 69 29.51 -37.06 7.62
CA GLU B 69 29.46 -37.07 7.59
C GLU B 69 29.03 -35.74 7.00
N LEU B 70 28.21 -35.00 7.73
CA LEU B 70 27.73 -33.71 7.24
C LEU B 70 28.85 -32.69 7.36
N ALA B 71 29.53 -32.69 8.52
CA ALA B 71 30.70 -31.84 8.73
C ALA B 71 31.75 -32.06 7.65
N GLU B 72 32.02 -33.32 7.32
CA GLU B 72 33.00 -33.68 6.29
C GLU B 72 32.62 -33.20 4.91
N ALA B 73 31.35 -33.35 4.55
CA ALA B 73 30.85 -32.86 3.27
C ALA B 73 31.07 -31.36 3.10
N ALA B 74 30.77 -30.56 4.14
CA ALA B 74 30.94 -29.12 4.07
C ALA B 74 32.41 -28.76 3.95
N TYR B 75 33.22 -29.40 4.78
CA TYR B 75 34.67 -29.19 4.82
C TYR B 75 35.32 -29.51 3.47
N LYS B 76 34.99 -30.66 2.92
CA LYS B 76 35.54 -31.04 1.62
C LYS B 76 35.20 -29.99 0.55
N GLN B 77 33.97 -29.48 0.55
CA GLN B 77 33.62 -28.43 -0.41
C GLN B 77 34.30 -27.08 -0.15
N LEU B 78 34.42 -26.68 1.11
CA LEU B 78 35.09 -25.42 1.47
C LEU B 78 36.55 -25.41 1.01
N GLN B 79 37.15 -26.59 0.95
CA GLN B 79 38.52 -26.72 0.47
C GLN B 79 38.62 -26.73 -1.06
N THR B 80 37.50 -26.91 -1.74
CA THR B 80 37.53 -27.01 -3.20
C THR B 80 37.12 -25.69 -3.87
N LEU B 81 35.96 -25.18 -3.48
CA LEU B 81 35.48 -23.91 -3.99
C LEU B 81 34.45 -23.43 -2.98
N SER B 82 34.76 -22.31 -2.33
CA SER B 82 33.92 -21.81 -1.26
C SER B 82 32.78 -20.93 -1.78
N TYR B 83 33.02 -20.24 -2.89
CA TYR B 83 31.97 -19.39 -3.44
C TYR B 83 31.95 -19.23 -4.96
N PHE B 84 30.76 -19.22 -5.54
CA PHE B 84 30.57 -18.87 -6.92
C PHE B 84 29.16 -18.28 -7.05
N PRO B 85 29.00 -17.19 -7.78
CA PRO B 85 27.69 -16.56 -7.89
C PRO B 85 26.67 -17.42 -8.61
N MSE B 86 25.43 -17.40 -8.14
CA MSE B 86 24.37 -18.21 -8.74
C MSE B 86 23.84 -17.59 -10.02
O MSE B 86 22.94 -18.13 -10.64
CB MSE B 86 23.29 -18.62 -7.74
CG MSE B 86 23.66 -19.83 -6.88
SE MSE B 86 24.55 -21.30 -7.83
CE MSE B 86 23.09 -21.85 -8.93
N SER B 87 24.36 -16.43 -10.39
CA SER B 87 24.17 -15.91 -11.73
C SER B 87 24.86 -16.91 -12.65
N GLN B 88 26.01 -17.37 -12.20
CA GLN B 88 26.74 -18.50 -12.77
C GLN B 88 26.37 -19.76 -11.99
N SER B 89 27.20 -20.80 -12.09
CA SER B 89 26.91 -22.07 -11.43
C SER B 89 28.11 -22.79 -10.78
N HIS B 90 27.80 -23.75 -9.93
CA HIS B 90 28.78 -24.68 -9.38
C HIS B 90 28.17 -26.10 -9.29
N GLU B 91 29.01 -27.12 -9.16
CA GLU B 91 28.54 -28.50 -9.21
CA GLU B 91 28.56 -28.49 -9.22
C GLU B 91 27.63 -28.88 -8.06
N PRO B 92 27.95 -28.44 -6.82
CA PRO B 92 27.04 -28.75 -5.72
C PRO B 92 25.62 -28.24 -5.95
N ALA B 93 25.45 -27.04 -6.49
CA ALA B 93 24.12 -26.51 -6.75
C ALA B 93 23.41 -27.33 -7.83
N ILE B 94 24.16 -27.70 -8.87
CA ILE B 94 23.59 -28.46 -9.99
C ILE B 94 23.12 -29.82 -9.53
N LYS B 95 23.98 -30.52 -8.80
CA LYS B 95 23.65 -31.84 -8.24
C LYS B 95 22.49 -31.79 -7.26
N LEU B 96 22.45 -30.77 -6.43
CA LEU B 96 21.35 -30.65 -5.48
C LEU B 96 20.03 -30.37 -6.19
N ALA B 97 20.06 -29.47 -7.16
CA ALA B 97 18.86 -29.12 -7.93
C ALA B 97 18.28 -30.37 -8.55
N GLU B 98 19.15 -31.19 -9.14
CA GLU B 98 18.72 -32.43 -9.75
C GLU B 98 18.14 -33.36 -8.70
N LYS B 99 18.79 -33.43 -7.54
CA LYS B 99 18.36 -34.33 -6.47
C LYS B 99 17.03 -33.90 -5.90
N LEU B 100 16.85 -32.59 -5.73
CA LEU B 100 15.58 -32.06 -5.23
C LEU B 100 14.46 -32.31 -6.20
N ASN B 101 14.75 -32.23 -7.49
CA ASN B 101 13.77 -32.54 -8.50
C ASN B 101 13.29 -34.01 -8.38
N GLU B 102 14.22 -34.94 -8.14
CA GLU B 102 13.86 -36.34 -7.86
CA GLU B 102 13.82 -36.33 -7.91
C GLU B 102 12.97 -36.46 -6.64
N TRP B 103 13.37 -35.81 -5.57
CA TRP B 103 12.65 -35.86 -4.32
C TRP B 103 11.21 -35.35 -4.46
N LEU B 104 11.04 -34.26 -5.20
CA LEU B 104 9.75 -33.64 -5.48
C LEU B 104 8.83 -34.43 -6.41
N GLY B 105 9.42 -35.28 -7.24
CA GLY B 105 8.70 -36.03 -8.26
C GLY B 105 8.75 -35.40 -9.64
N GLY B 106 9.45 -34.29 -9.77
CA GLY B 106 9.66 -33.65 -11.06
C GLY B 106 8.41 -32.88 -11.39
N GLU B 107 8.43 -32.06 -12.43
CA GLU B 107 9.63 -31.59 -13.06
C GLU B 107 9.66 -30.12 -12.64
N TYR B 108 10.71 -29.76 -11.94
CA TYR B 108 10.82 -28.45 -11.34
C TYR B 108 12.18 -27.86 -11.63
N VAL B 109 12.24 -26.54 -11.61
CA VAL B 109 13.47 -25.79 -11.79
C VAL B 109 13.68 -25.11 -10.45
N ILE B 110 14.89 -25.15 -9.93
CA ILE B 110 15.16 -24.71 -8.56
C ILE B 110 15.92 -23.38 -8.49
N PHE B 111 15.37 -22.41 -7.75
CA PHE B 111 16.10 -21.19 -7.40
C PHE B 111 16.54 -21.26 -5.94
N PHE B 112 17.84 -21.09 -5.68
CA PHE B 112 18.37 -21.24 -4.32
C PHE B 112 18.42 -19.91 -3.56
N SER B 113 17.99 -19.98 -2.31
CA SER B 113 18.04 -18.87 -1.35
C SER B 113 18.67 -19.38 -0.06
N ASN B 114 18.67 -18.55 0.98
CA ASN B 114 19.22 -18.97 2.26
C ASN B 114 18.16 -19.39 3.25
N SER B 115 17.08 -18.64 3.34
CA SER B 115 16.10 -18.87 4.39
C SER B 115 14.75 -19.21 3.79
N GLY B 116 13.85 -19.71 4.62
CA GLY B 116 12.50 -19.97 4.19
C GLY B 116 11.76 -18.69 3.82
N SER B 117 12.01 -17.61 4.56
CA SER B 117 11.39 -16.33 4.25
C SER B 117 11.78 -15.84 2.86
N GLU B 118 13.07 -15.92 2.54
CA GLU B 118 13.56 -15.57 1.20
C GLU B 118 12.97 -16.48 0.12
N ALA B 119 12.81 -17.76 0.43
CA ALA B 119 12.27 -18.71 -0.55
C ALA B 119 10.84 -18.33 -0.90
N ASN B 120 10.07 -17.91 0.09
CA ASN B 120 8.70 -17.49 -0.12
C ASN B 120 8.59 -16.16 -0.87
N GLU B 121 9.46 -15.21 -0.51
CA GLU B 121 9.57 -13.93 -1.24
C GLU B 121 9.85 -14.19 -2.70
N THR B 122 10.76 -15.10 -2.97
CA THR B 122 11.13 -15.43 -4.35
C THR B 122 9.94 -15.99 -5.13
N ALA B 123 9.16 -16.87 -4.48
CA ALA B 123 7.93 -17.40 -5.06
C ALA B 123 6.92 -16.30 -5.43
N PHE B 124 6.76 -15.30 -4.55
CA PHE B 124 5.87 -14.19 -4.85
C PHE B 124 6.29 -13.41 -6.09
N LYS B 125 7.58 -13.09 -6.18
CA LYS B 125 8.13 -12.33 -7.32
C LYS B 125 8.02 -13.07 -8.63
N ILE B 126 8.33 -14.36 -8.60
CA ILE B 126 8.22 -15.21 -9.77
C ILE B 126 6.76 -15.30 -10.22
N ALA B 127 5.83 -15.46 -9.27
CA ALA B 127 4.41 -15.54 -9.63
C ALA B 127 3.97 -14.28 -10.33
N ARG B 128 4.33 -13.12 -9.78
CA ARG B 128 3.97 -11.85 -10.39
C ARG B 128 4.60 -11.63 -11.75
N GLN B 129 5.88 -11.94 -11.90
CA GLN B 129 6.51 -11.72 -13.19
C GLN B 129 6.02 -12.74 -14.21
N TYR B 130 5.77 -13.96 -13.75
CA TYR B 130 5.20 -14.98 -14.63
C TYR B 130 3.93 -14.48 -15.28
N TYR B 131 2.98 -13.98 -14.49
CA TYR B 131 1.74 -13.49 -15.05
C TYR B 131 1.93 -12.26 -15.93
N ALA B 132 2.81 -11.35 -15.53
CA ALA B 132 3.08 -10.16 -16.34
C ALA B 132 3.57 -10.58 -17.72
N GLN B 133 4.29 -11.68 -17.80
CA GLN B 133 4.81 -12.15 -19.09
C GLN B 133 3.88 -13.10 -19.83
N LYS B 134 2.77 -13.43 -19.21
CA LYS B 134 1.77 -14.31 -19.79
C LYS B 134 0.51 -13.58 -20.22
N GLY B 135 0.59 -12.26 -20.30
CA GLY B 135 -0.56 -11.47 -20.67
C GLY B 135 -1.57 -11.15 -19.58
N GLU B 136 -1.22 -11.41 -18.32
CA GLU B 136 -2.11 -11.09 -17.22
C GLU B 136 -1.38 -10.30 -16.12
N PRO B 137 -1.01 -9.06 -16.45
CA PRO B 137 -0.29 -8.17 -15.54
C PRO B 137 -1.10 -7.79 -14.31
N HIS B 138 -2.42 -7.89 -14.43
CA HIS B 138 -3.35 -7.56 -13.34
CA HIS B 138 -3.36 -7.59 -13.37
C HIS B 138 -3.33 -8.55 -12.17
N ARG B 139 -2.75 -9.73 -12.37
CA ARG B 139 -2.73 -10.73 -11.30
C ARG B 139 -1.58 -10.43 -10.34
N TYR B 140 -1.88 -9.84 -9.20
CA TYR B 140 -0.86 -9.49 -8.24
C TYR B 140 -1.13 -9.93 -6.80
N LYS B 141 -2.33 -10.39 -6.53
CA LYS B 141 -2.75 -10.77 -5.18
C LYS B 141 -2.30 -12.16 -4.72
N PHE B 142 -2.04 -12.25 -3.43
CA PHE B 142 -1.65 -13.48 -2.78
C PHE B 142 -2.62 -13.80 -1.65
N MSE B 143 -3.03 -15.06 -1.57
CA MSE B 143 -4.00 -15.50 -0.59
C MSE B 143 -3.43 -16.58 0.33
O MSE B 143 -2.73 -17.46 -0.12
CB MSE B 143 -5.28 -15.97 -1.29
CG MSE B 143 -6.40 -16.41 -0.37
SE MSE B 143 -8.03 -16.89 -1.36
CE MSE B 143 -7.72 -15.77 -2.88
N SER B 144 -3.74 -16.47 1.61
CA SER B 144 -3.26 -17.40 2.61
C SER B 144 -4.26 -17.53 3.75
N ARG B 145 -3.96 -18.36 4.73
CA ARG B 145 -4.88 -18.61 5.82
C ARG B 145 -4.51 -17.86 7.09
N TYR B 146 -5.53 -17.37 7.79
CA TYR B 146 -5.32 -16.77 9.09
C TYR B 146 -4.78 -17.88 9.99
N ARG B 147 -3.88 -17.51 10.90
CA ARG B 147 -3.22 -18.45 11.81
C ARG B 147 -2.08 -19.20 11.11
N GLY B 148 -1.74 -18.78 9.91
CA GLY B 148 -0.62 -19.31 9.17
C GLY B 148 0.60 -18.42 9.32
N TYR B 149 1.77 -18.97 9.04
CA TYR B 149 3.01 -18.21 9.03
C TYR B 149 3.83 -18.51 7.76
N HIS B 150 4.39 -17.48 7.14
CA HIS B 150 5.24 -17.71 5.97
C HIS B 150 6.56 -16.97 5.96
N GLY B 151 6.86 -16.21 7.02
CA GLY B 151 8.14 -15.55 7.12
C GLY B 151 8.18 -14.27 7.95
N ASN B 152 9.37 -13.70 8.06
CA ASN B 152 9.63 -12.60 8.97
C ASN B 152 9.91 -11.28 8.22
N THR B 153 9.76 -11.28 6.90
CA THR B 153 9.97 -10.08 6.10
C THR B 153 8.63 -9.35 5.91
N MSE B 154 8.67 -8.11 5.44
CA MSE B 154 7.43 -7.34 5.25
C MSE B 154 6.41 -8.07 4.41
O MSE B 154 5.22 -8.08 4.74
CB MSE B 154 7.73 -5.96 4.66
CG MSE B 154 8.54 -5.02 5.58
SE MSE B 154 7.54 -4.39 7.18
CE MSE B 154 8.87 -3.09 7.88
N ALA B 155 6.83 -8.69 3.30
CA ALA B 155 5.85 -9.36 2.42
C ALA B 155 5.39 -10.71 2.96
N THR B 156 6.29 -11.46 3.58
CA THR B 156 5.91 -12.75 4.14
C THR B 156 5.10 -12.53 5.43
N MSE B 157 5.35 -11.43 6.13
CA MSE B 157 4.47 -11.04 7.24
C MSE B 157 3.09 -10.62 6.74
O MSE B 157 2.08 -10.92 7.38
CB MSE B 157 5.08 -9.93 8.09
CG MSE B 157 6.14 -10.40 9.06
SE MSE B 157 6.60 -8.91 10.24
CE MSE B 157 7.49 -7.73 8.94
N ALA B 158 3.03 -9.92 5.62
CA ALA B 158 1.75 -9.59 5.03
C ALA B 158 0.97 -10.86 4.70
N ALA B 159 1.66 -11.90 4.25
CA ALA B 159 1.06 -13.19 3.91
C ALA B 159 0.79 -14.03 5.15
N THR B 160 1.33 -13.59 6.29
CA THR B 160 1.22 -14.31 7.55
C THR B 160 -0.09 -13.99 8.25
N GLY B 161 -0.70 -14.99 8.89
CA GLY B 161 -1.98 -14.81 9.56
C GLY B 161 -1.90 -14.82 11.08
N GLN B 162 -0.67 -14.66 11.58
CA GLN B 162 -0.40 -14.61 13.00
C GLN B 162 -0.09 -13.17 13.38
N ALA B 163 -1.09 -12.49 13.91
CA ALA B 163 -0.98 -11.05 14.20
C ALA B 163 0.10 -10.68 15.20
N GLN B 164 0.47 -11.61 16.07
CA GLN B 164 1.47 -11.30 17.08
C GLN B 164 2.88 -11.27 16.48
N ARG B 165 3.02 -11.78 15.26
CA ARG B 165 4.27 -11.69 14.51
C ARG B 165 4.29 -10.43 13.62
N ARG B 166 3.15 -9.74 13.55
CA ARG B 166 3.00 -8.58 12.64
C ARG B 166 2.89 -7.27 13.38
N TYR B 167 2.36 -7.29 14.59
CA TYR B 167 1.90 -6.07 15.23
C TYR B 167 3.09 -5.15 15.44
N GLN B 168 2.94 -3.90 15.04
CA GLN B 168 3.91 -2.84 15.25
C GLN B 168 5.07 -2.90 14.23
N TYR B 169 4.91 -3.74 13.21
CA TYR B 169 5.80 -3.73 12.05
C TYR B 169 5.01 -3.26 10.83
N GLU B 170 3.72 -3.05 11.03
CA GLU B 170 2.85 -2.56 9.98
CA GLU B 170 2.83 -2.55 9.99
C GLU B 170 3.12 -1.07 9.76
N PRO B 171 2.63 -0.50 8.62
CA PRO B 171 1.79 -1.03 7.54
C PRO B 171 2.54 -1.87 6.50
N PHE B 172 1.79 -2.80 5.91
CA PHE B 172 2.30 -3.74 4.90
C PHE B 172 1.73 -3.35 3.52
N ALA B 173 2.14 -4.06 2.48
CA ALA B 173 1.63 -3.78 1.15
C ALA B 173 0.22 -4.36 1.01
N SER B 174 -0.56 -3.79 0.09
CA SER B 174 -1.91 -4.29 -0.17
C SER B 174 -1.80 -5.53 -1.04
N GLY B 175 -2.92 -6.24 -1.25
CA GLY B 175 -2.91 -7.38 -2.14
C GLY B 175 -2.65 -8.71 -1.48
N PHE B 176 -2.65 -8.72 -0.15
CA PHE B 176 -2.58 -9.97 0.62
C PHE B 176 -3.91 -10.23 1.30
N LEU B 177 -4.52 -11.36 0.99
CA LEU B 177 -5.85 -11.73 1.47
C LEU B 177 -5.77 -12.98 2.32
N HIS B 178 -6.69 -13.13 3.25
CA HIS B 178 -6.67 -14.30 4.12
C HIS B 178 -8.02 -14.95 4.24
N VAL B 179 -8.03 -16.25 4.46
CA VAL B 179 -9.24 -17.00 4.65
C VAL B 179 -9.15 -17.83 5.91
N THR B 180 -10.29 -18.35 6.36
CA THR B 180 -10.36 -19.19 7.54
C THR B 180 -9.49 -20.43 7.34
N PRO B 181 -8.70 -20.79 8.36
CA PRO B 181 -7.88 -22.00 8.28
C PRO B 181 -8.72 -23.23 8.63
N PRO B 182 -8.54 -24.33 7.90
CA PRO B 182 -9.16 -25.61 8.30
C PRO B 182 -8.52 -26.14 9.59
N ASP B 183 -9.35 -26.50 10.56
CA ASP B 183 -8.88 -26.97 11.85
C ASP B 183 -9.88 -28.02 12.34
N CYS B 184 -9.59 -29.31 12.14
CA CYS B 184 -10.56 -30.37 12.40
C CYS B 184 -10.89 -30.52 13.88
N TYR B 185 -10.15 -29.83 14.76
CA TYR B 185 -10.48 -29.84 16.19
C TYR B 185 -11.53 -28.81 16.55
N ARG B 186 -11.36 -27.57 16.09
CA ARG B 186 -12.33 -26.52 16.40
C ARG B 186 -13.50 -26.49 15.42
N MSE B 187 -13.41 -27.27 14.35
CA MSE B 187 -14.49 -27.40 13.39
C MSE B 187 -14.81 -28.88 13.20
O MSE B 187 -14.50 -29.46 12.18
CB MSE B 187 -14.09 -26.86 12.04
CG MSE B 187 -13.67 -25.43 12.09
SE MSE B 187 -12.97 -24.86 10.34
CE MSE B 187 -13.74 -23.06 10.55
N PRO B 188 -15.42 -29.48 14.22
CA PRO B 188 -15.59 -30.93 14.24
C PRO B 188 -16.52 -31.42 13.13
N GLY B 189 -16.18 -32.56 12.52
CA GLY B 189 -16.95 -33.11 11.42
C GLY B 189 -16.73 -32.52 10.02
N ILE B 190 -15.86 -31.52 9.87
CA ILE B 190 -15.45 -31.13 8.51
C ILE B 190 -14.67 -32.26 7.83
N GLU B 191 -14.01 -33.11 8.60
CA GLU B 191 -13.31 -34.27 8.00
C GLU B 191 -14.22 -35.35 7.42
N ARG B 192 -15.48 -35.35 7.86
CA ARG B 192 -16.53 -36.27 7.39
C ARG B 192 -17.35 -35.73 6.22
N GLU B 193 -17.42 -34.42 6.11
CA GLU B 193 -18.20 -33.77 5.04
C GLU B 193 -17.59 -34.04 3.66
N ASN B 194 -18.42 -33.85 2.63
CA ASN B 194 -17.93 -33.80 1.26
C ASN B 194 -17.13 -32.50 1.18
N ILE B 195 -15.89 -32.59 0.70
CA ILE B 195 -14.97 -31.47 0.84
C ILE B 195 -15.55 -30.17 0.30
N TYR B 196 -16.29 -30.24 -0.80
CA TYR B 196 -16.78 -29.01 -1.41
C TYR B 196 -18.00 -28.42 -0.73
N ASP B 197 -18.48 -29.08 0.30
CA ASP B 197 -19.51 -28.52 1.15
C ASP B 197 -18.90 -27.90 2.41
N VAL B 198 -17.59 -28.03 2.56
CA VAL B 198 -16.90 -27.46 3.71
C VAL B 198 -16.80 -25.96 3.54
N GLU B 199 -17.26 -25.23 4.55
CA GLU B 199 -17.36 -23.79 4.47
C GLU B 199 -16.03 -23.07 4.22
N CYS B 200 -14.96 -23.47 4.89
CA CYS B 200 -13.67 -22.81 4.66
C CYS B 200 -13.03 -23.22 3.30
N VAL B 201 -13.58 -24.24 2.66
CA VAL B 201 -13.18 -24.61 1.30
C VAL B 201 -13.96 -23.76 0.30
N LYS B 202 -15.26 -23.60 0.55
CA LYS B 202 -16.10 -22.71 -0.25
C LYS B 202 -15.59 -21.26 -0.17
N GLU B 203 -15.10 -20.86 1.01
CA GLU B 203 -14.54 -19.54 1.20
C GLU B 203 -13.42 -19.20 0.22
N VAL B 204 -12.55 -20.16 -0.07
CA VAL B 204 -11.48 -19.94 -1.04
C VAL B 204 -12.04 -19.57 -2.41
N ASP B 205 -13.01 -20.36 -2.87
CA ASP B 205 -13.63 -20.12 -4.17
C ASP B 205 -14.36 -18.79 -4.19
N ARG B 206 -15.15 -18.53 -3.15
CA ARG B 206 -15.93 -17.29 -3.06
C ARG B 206 -15.03 -16.04 -3.07
N VAL B 207 -13.99 -16.04 -2.25
CA VAL B 207 -13.11 -14.88 -2.14
C VAL B 207 -12.37 -14.64 -3.44
N MSE B 208 -12.03 -15.70 -4.14
CA MSE B 208 -11.39 -15.51 -5.43
C MSE B 208 -12.33 -14.89 -6.46
O MSE B 208 -11.93 -14.01 -7.24
CB MSE B 208 -10.81 -16.83 -5.95
CG MSE B 208 -9.55 -17.26 -5.22
SE MSE B 208 -8.64 -18.78 -6.09
CE MSE B 208 -7.15 -19.03 -4.83
N THR B 209 -13.58 -15.33 -6.44
CA THR B 209 -14.62 -14.74 -7.30
C THR B 209 -14.89 -13.27 -6.94
N TRP B 210 -14.98 -12.99 -5.64
CA TRP B 210 -15.33 -11.66 -5.16
C TRP B 210 -14.21 -10.65 -5.29
N GLU B 211 -12.97 -11.13 -5.33
CA GLU B 211 -11.80 -10.29 -5.55
C GLU B 211 -11.51 -10.15 -7.06
N LEU B 212 -12.18 -10.97 -7.87
CA LEU B 212 -11.99 -11.08 -9.31
C LEU B 212 -10.82 -12.02 -9.62
N SER B 213 -11.12 -13.16 -10.24
CA SER B 213 -10.10 -14.16 -10.58
C SER B 213 -8.88 -13.56 -11.21
N GLU B 214 -9.10 -12.57 -12.06
CA GLU B 214 -8.06 -11.95 -12.87
C GLU B 214 -7.03 -11.16 -12.05
N THR B 215 -7.28 -10.96 -10.76
CA THR B 215 -6.32 -10.24 -9.92
C THR B 215 -5.53 -11.14 -8.98
N ILE B 216 -5.85 -12.44 -8.97
CA ILE B 216 -5.20 -13.37 -8.03
C ILE B 216 -3.98 -14.07 -8.63
N ALA B 217 -2.81 -13.93 -8.01
CA ALA B 217 -1.61 -14.56 -8.53
C ALA B 217 -1.41 -15.95 -7.95
N ALA B 218 -1.56 -16.09 -6.64
CA ALA B 218 -1.27 -17.38 -6.00
C ALA B 218 -1.89 -17.53 -4.63
N PHE B 219 -2.14 -18.78 -4.27
CA PHE B 219 -2.58 -19.14 -2.92
C PHE B 219 -1.39 -19.81 -2.28
N ILE B 220 -0.97 -19.35 -1.10
CA ILE B 220 0.16 -20.00 -0.42
C ILE B 220 -0.32 -20.67 0.85
N MSE B 221 0.18 -21.88 1.10
CA MSE B 221 -0.23 -22.63 2.29
C MSE B 221 0.76 -23.70 2.65
O MSE B 221 1.36 -24.33 1.79
CB MSE B 221 -1.59 -23.30 2.05
CG MSE B 221 -1.64 -24.26 0.86
SE MSE B 221 -3.32 -25.28 0.81
CE MSE B 221 -2.98 -26.60 2.21
N GLU B 222 0.93 -23.91 3.95
CA GLU B 222 1.56 -25.11 4.46
C GLU B 222 0.52 -26.23 4.39
N PRO B 223 0.95 -27.45 4.08
CA PRO B 223 0.03 -28.60 4.10
C PRO B 223 -0.58 -28.81 5.48
N ILE B 224 0.21 -28.56 6.52
CA ILE B 224 -0.26 -28.54 7.91
C ILE B 224 0.17 -27.19 8.49
N ILE B 225 -0.72 -26.46 9.14
CA ILE B 225 -0.27 -25.22 9.78
C ILE B 225 0.51 -25.62 11.04
N THR B 226 1.83 -25.59 10.94
CA THR B 226 2.68 -26.11 11.99
C THR B 226 2.97 -25.17 13.15
N GLY B 227 3.57 -24.03 12.85
CA GLY B 227 3.91 -23.04 13.86
C GLY B 227 2.66 -22.50 14.54
N GLY B 228 1.60 -22.37 13.76
CA GLY B 228 0.32 -21.87 14.20
C GLY B 228 -0.31 -22.73 15.27
N GLY B 229 0.13 -23.99 15.33
CA GLY B 229 -0.35 -24.93 16.31
C GLY B 229 -0.79 -26.26 15.78
N ILE B 230 -0.06 -26.76 14.80
CA ILE B 230 -0.32 -28.07 14.24
C ILE B 230 -1.78 -28.21 13.84
N LEU B 231 -2.31 -27.22 13.14
CA LEU B 231 -3.69 -27.23 12.73
C LEU B 231 -3.83 -28.08 11.47
N MSE B 232 -4.71 -29.05 11.54
CA MSE B 232 -4.84 -30.01 10.46
C MSE B 232 -6.16 -29.97 9.72
O MSE B 232 -7.23 -29.77 10.30
CB MSE B 232 -4.53 -31.42 10.98
CG MSE B 232 -3.03 -31.59 11.21
SE MSE B 232 -2.72 -33.23 12.18
CE MSE B 232 -3.20 -34.46 10.73
N ALA B 233 -6.07 -30.19 8.41
CA ALA B 233 -7.22 -30.07 7.51
C ALA B 233 -7.83 -31.42 7.15
N PRO B 234 -9.06 -31.42 6.61
CA PRO B 234 -9.58 -32.65 6.02
C PRO B 234 -8.65 -33.17 4.94
N GLN B 235 -8.68 -34.47 4.68
CA GLN B 235 -7.81 -35.12 3.69
C GLN B 235 -7.85 -34.50 2.31
N ASP B 236 -9.03 -34.09 1.86
CA ASP B 236 -9.19 -33.60 0.50
C ASP B 236 -9.09 -32.08 0.41
N TYR B 237 -8.72 -31.42 1.50
CA TYR B 237 -8.68 -29.97 1.53
C TYR B 237 -7.65 -29.43 0.53
N MSE B 238 -6.44 -29.94 0.55
CA MSE B 238 -5.40 -29.35 -0.29
C MSE B 238 -5.70 -29.57 -1.77
O MSE B 238 -5.47 -28.70 -2.59
CB MSE B 238 -4.01 -29.86 0.09
CG MSE B 238 -2.90 -29.10 -0.62
SE MSE B 238 -1.16 -29.44 0.18
CE MSE B 238 -0.12 -28.03 -0.75
N LYS B 239 -6.28 -30.72 -2.10
CA LYS B 239 -6.60 -31.00 -3.49
C LYS B 239 -7.74 -30.09 -3.97
N ALA B 240 -8.71 -29.83 -3.08
CA ALA B 240 -9.81 -28.95 -3.42
C ALA B 240 -9.32 -27.51 -3.62
N VAL B 241 -8.40 -27.07 -2.75
CA VAL B 241 -7.82 -25.75 -2.92
C VAL B 241 -7.05 -25.65 -4.23
N HIS B 242 -6.25 -26.65 -4.59
CA HIS B 242 -5.56 -26.65 -5.87
C HIS B 242 -6.51 -26.55 -7.06
N GLU B 243 -7.57 -27.35 -7.03
CA GLU B 243 -8.58 -27.32 -8.08
C GLU B 243 -9.23 -25.95 -8.16
N THR B 244 -9.42 -25.30 -7.03
CA THR B 244 -9.99 -23.96 -7.01
C THR B 244 -9.01 -22.92 -7.60
N CYS B 245 -7.72 -23.03 -7.26
CA CYS B 245 -6.70 -22.17 -7.86
C CYS B 245 -6.72 -22.32 -9.37
N GLN B 246 -6.74 -23.56 -9.84
CA GLN B 246 -6.76 -23.83 -11.28
C GLN B 246 -7.99 -23.26 -11.96
N LYS B 247 -9.15 -23.46 -11.34
CA LYS B 247 -10.39 -22.85 -11.81
C LYS B 247 -10.28 -21.32 -12.03
N HIS B 248 -9.59 -20.63 -11.11
CA HIS B 248 -9.45 -19.18 -11.19
C HIS B 248 -8.19 -18.70 -11.92
N GLY B 249 -7.36 -19.62 -12.39
CA GLY B 249 -6.16 -19.30 -13.14
C GLY B 249 -4.99 -18.91 -12.26
N ALA B 250 -5.08 -19.23 -10.96
CA ALA B 250 -4.03 -18.88 -9.99
C ALA B 250 -3.10 -20.07 -9.68
N LEU B 251 -1.92 -19.77 -9.11
CA LEU B 251 -0.95 -20.80 -8.75
C LEU B 251 -1.14 -21.23 -7.32
N LEU B 252 -0.72 -22.46 -7.02
CA LEU B 252 -0.65 -22.95 -5.65
C LEU B 252 0.80 -23.09 -5.20
N ILE B 253 1.17 -22.41 -4.13
CA ILE B 253 2.50 -22.51 -3.54
C ILE B 253 2.41 -23.34 -2.28
N SER B 254 3.13 -24.45 -2.22
CA SER B 254 3.15 -25.25 -1.00
C SER B 254 4.33 -24.83 -0.16
N ASP B 255 4.06 -24.25 1.00
CA ASP B 255 5.11 -23.84 1.91
C ASP B 255 5.57 -25.09 2.67
N GLU B 256 6.71 -25.66 2.24
CA GLU B 256 7.25 -26.88 2.85
C GLU B 256 8.41 -26.61 3.80
N VAL B 257 8.52 -25.36 4.26
CA VAL B 257 9.66 -24.98 5.09
C VAL B 257 9.80 -25.88 6.31
N ILE B 258 8.70 -26.13 7.02
CA ILE B 258 8.71 -27.01 8.19
C ILE B 258 8.35 -28.48 7.87
N CYS B 259 7.37 -28.67 7.00
CA CYS B 259 6.90 -30.02 6.65
C CYS B 259 7.86 -30.81 5.75
N GLY B 260 8.85 -30.13 5.19
CA GLY B 260 9.71 -30.80 4.24
C GLY B 260 10.72 -31.74 4.85
N PHE B 261 11.16 -32.69 4.03
CA PHE B 261 12.28 -33.58 4.37
C PHE B 261 12.00 -34.56 5.50
N GLY B 262 10.86 -35.24 5.37
CA GLY B 262 10.50 -36.36 6.23
C GLY B 262 9.68 -36.01 7.45
N ARG B 263 9.48 -34.70 7.71
CA ARG B 263 8.87 -34.25 8.95
C ARG B 263 7.49 -34.87 9.21
N THR B 264 6.64 -34.96 8.19
CA THR B 264 5.28 -35.50 8.37
C THR B 264 5.13 -36.99 8.03
N GLY B 265 6.22 -37.67 7.70
CA GLY B 265 6.11 -39.07 7.35
C GLY B 265 6.10 -39.30 5.86
N LYS B 266 6.18 -38.21 5.08
CA LYS B 266 6.41 -38.28 3.64
C LYS B 266 7.60 -37.38 3.36
N ALA B 267 8.18 -37.48 2.16
CA ALA B 267 9.29 -36.60 1.82
C ALA B 267 8.87 -35.15 2.07
N PHE B 268 7.67 -34.80 1.62
CA PHE B 268 7.10 -33.47 1.80
C PHE B 268 5.65 -33.57 2.21
N GLY B 269 5.15 -32.56 2.92
CA GLY B 269 3.79 -32.58 3.39
C GLY B 269 2.75 -32.73 2.31
N PHE B 270 2.92 -32.05 1.18
CA PHE B 270 1.90 -32.09 0.14
C PHE B 270 1.66 -33.51 -0.36
N MSE B 271 2.63 -34.39 -0.16
CA MSE B 271 2.51 -35.77 -0.65
C MSE B 271 1.54 -36.60 0.15
O MSE B 271 1.15 -37.70 -0.27
CB MSE B 271 3.86 -36.44 -0.71
CG MSE B 271 4.76 -35.78 -1.74
SE MSE B 271 6.49 -36.65 -1.83
CE MSE B 271 7.26 -35.55 -3.26
N ASN B 272 1.10 -36.09 1.30
CA ASN B 272 0.03 -36.73 2.04
C ASN B 272 -1.31 -36.50 1.39
N TYR B 273 -1.39 -35.44 0.60
CA TYR B 273 -2.65 -34.93 0.07
C TYR B 273 -2.92 -35.01 -1.43
N ASP B 274 -2.13 -35.78 -2.16
CA ASP B 274 -2.38 -36.00 -3.58
C ASP B 274 -2.42 -34.78 -4.50
N VAL B 275 -1.47 -33.86 -4.34
CA VAL B 275 -1.40 -32.70 -5.21
C VAL B 275 -0.01 -32.48 -5.79
N LYS B 276 0.05 -31.82 -6.93
CA LYS B 276 1.32 -31.42 -7.49
C LYS B 276 1.30 -29.89 -7.55
N PRO B 277 1.98 -29.24 -6.61
CA PRO B 277 1.95 -27.79 -6.51
C PRO B 277 2.74 -27.10 -7.60
N ASP B 278 2.30 -25.91 -7.98
CA ASP B 278 3.00 -25.10 -8.96
C ASP B 278 4.39 -24.66 -8.48
N ILE B 279 4.51 -24.33 -7.20
CA ILE B 279 5.73 -23.85 -6.60
C ILE B 279 5.84 -24.47 -5.21
N ILE B 280 7.03 -24.93 -4.85
CA ILE B 280 7.28 -25.48 -3.53
C ILE B 280 8.47 -24.75 -2.92
N THR B 281 8.31 -24.29 -1.68
CA THR B 281 9.40 -23.62 -0.95
C THR B 281 9.91 -24.48 0.20
N MSE B 282 11.23 -24.46 0.41
CA MSE B 282 11.92 -25.37 1.31
C MSE B 282 13.05 -24.70 2.01
O MSE B 282 13.68 -23.80 1.46
CB MSE B 282 12.52 -26.52 0.53
CG MSE B 282 11.53 -27.36 -0.19
SE MSE B 282 12.39 -28.37 -1.67
CE MSE B 282 12.26 -27.02 -3.05
N ALA B 283 13.32 -25.13 3.24
CA ALA B 283 14.48 -24.63 4.00
C ALA B 283 14.70 -25.60 5.15
N LYS B 284 15.00 -25.07 6.34
CA LYS B 284 15.13 -25.90 7.54
C LYS B 284 15.80 -27.27 7.36
N GLY B 285 15.00 -28.32 7.24
CA GLY B 285 15.54 -29.66 7.22
C GLY B 285 16.38 -30.04 6.02
N ILE B 286 16.42 -29.18 5.01
CA ILE B 286 17.15 -29.47 3.78
C ILE B 286 18.63 -29.76 4.08
N THR B 287 19.21 -28.97 4.98
CA THR B 287 20.56 -29.20 5.49
C THR B 287 20.58 -29.73 6.90
N SER B 288 19.40 -30.00 7.44
CA SER B 288 19.24 -30.36 8.84
C SER B 288 19.70 -29.21 9.71
N ALA B 289 19.75 -28.02 9.10
CA ALA B 289 20.10 -26.77 9.77
C ALA B 289 21.59 -26.68 10.11
N TYR B 290 22.39 -27.59 9.56
CA TYR B 290 23.84 -27.53 9.72
C TYR B 290 24.45 -26.29 9.06
N LEU B 291 23.89 -25.91 7.92
CA LEU B 291 24.28 -24.68 7.22
C LEU B 291 23.03 -24.05 6.60
N PRO B 292 23.07 -22.73 6.34
CA PRO B 292 21.88 -22.06 5.79
C PRO B 292 21.68 -22.35 4.29
N LEU B 293 20.47 -22.73 3.92
CA LEU B 293 20.12 -22.98 2.53
C LEU B 293 18.63 -23.11 2.43
N SER B 294 18.07 -22.59 1.34
CA SER B 294 16.66 -22.80 1.04
C SER B 294 16.50 -22.87 -0.47
N ALA B 295 15.32 -23.26 -0.92
CA ALA B 295 15.06 -23.45 -2.34
C ALA B 295 13.61 -23.15 -2.67
N THR B 296 13.42 -22.63 -3.89
CA THR B 296 12.10 -22.41 -4.47
C THR B 296 11.99 -23.23 -5.74
N ALA B 297 11.17 -24.27 -5.71
CA ALA B 297 11.03 -25.18 -6.83
C ALA B 297 9.82 -24.74 -7.62
N VAL B 298 10.00 -24.56 -8.93
CA VAL B 298 8.97 -23.98 -9.77
C VAL B 298 8.73 -24.93 -10.95
N LYS B 299 7.46 -25.18 -11.26
CA LYS B 299 7.14 -26.03 -12.41
C LYS B 299 7.82 -25.55 -13.67
N ARG B 300 8.27 -26.51 -14.46
CA ARG B 300 8.95 -26.25 -15.71
C ARG B 300 8.22 -25.27 -16.61
N GLU B 301 6.90 -25.39 -16.70
CA GLU B 301 6.12 -24.53 -17.60
C GLU B 301 6.11 -23.08 -17.15
N ILE B 302 6.29 -22.82 -15.85
CA ILE B 302 6.40 -21.45 -15.36
C ILE B 302 7.76 -20.88 -15.77
N TYR B 303 8.82 -21.65 -15.55
CA TYR B 303 10.16 -21.24 -15.95
C TYR B 303 10.28 -20.88 -17.43
N GLU B 304 9.52 -21.56 -18.28
CA GLU B 304 9.57 -21.31 -19.75
C GLU B 304 9.22 -19.87 -20.11
N ALA B 305 8.43 -19.23 -19.25
CA ALA B 305 7.99 -17.86 -19.47
C ALA B 305 9.11 -16.84 -19.28
N PHE B 306 10.25 -17.27 -18.77
CA PHE B 306 11.35 -16.36 -18.45
C PHE B 306 12.53 -16.51 -19.43
N LYS B 307 12.29 -17.12 -20.59
CA LYS B 307 13.34 -17.47 -21.53
C LYS B 307 13.48 -16.53 -22.73
N GLY B 308 12.61 -15.53 -22.81
CA GLY B 308 12.59 -14.61 -23.92
C GLY B 308 13.78 -13.67 -24.02
N LYS B 309 13.88 -12.99 -25.15
CA LYS B 309 15.00 -12.11 -25.45
C LYS B 309 14.75 -10.67 -25.01
N GLY B 310 13.52 -10.38 -24.60
CA GLY B 310 13.16 -9.06 -24.11
C GLY B 310 13.97 -8.60 -22.90
N GLU B 311 14.15 -7.29 -22.80
CA GLU B 311 14.94 -6.65 -21.76
C GLU B 311 14.63 -7.08 -20.33
N TYR B 312 13.35 -7.22 -20.04
CA TYR B 312 12.90 -7.45 -18.67
C TYR B 312 12.33 -8.86 -18.48
N GLU B 313 12.56 -9.74 -19.44
CA GLU B 313 11.89 -11.04 -19.43
C GLU B 313 12.51 -12.05 -18.49
N PHE B 314 13.73 -11.82 -18.04
CA PHE B 314 14.35 -12.79 -17.14
C PHE B 314 14.16 -12.35 -15.69
N PHE B 315 14.41 -13.26 -14.76
CA PHE B 315 14.21 -13.01 -13.34
C PHE B 315 15.34 -12.11 -12.84
N ARG B 316 15.01 -10.84 -12.65
CA ARG B 316 15.98 -9.82 -12.25
C ARG B 316 16.11 -9.78 -10.74
N HIS B 317 16.71 -10.85 -10.21
CA HIS B 317 16.78 -11.10 -8.78
C HIS B 317 18.15 -11.70 -8.49
N ILE B 318 18.92 -11.09 -7.60
CA ILE B 318 20.20 -11.68 -7.18
C ILE B 318 20.24 -11.88 -5.65
N ASN B 319 20.59 -13.10 -5.23
CA ASN B 319 20.78 -13.46 -3.83
C ASN B 319 22.25 -13.87 -3.61
N THR B 320 23.04 -13.02 -2.97
CA THR B 320 24.48 -13.25 -2.91
C THR B 320 24.87 -14.66 -2.45
N PHE B 321 24.33 -15.08 -1.31
CA PHE B 321 24.81 -16.29 -0.63
C PHE B 321 24.00 -17.52 -1.04
N GLY B 322 22.80 -17.30 -1.56
CA GLY B 322 21.89 -18.40 -1.85
C GLY B 322 22.51 -19.49 -2.69
N GLY B 323 22.35 -20.74 -2.28
CA GLY B 323 22.96 -21.85 -2.98
C GLY B 323 24.44 -21.97 -2.67
N ASN B 324 24.81 -21.70 -1.41
CA ASN B 324 26.20 -21.73 -1.00
C ASN B 324 26.79 -23.11 -1.32
N PRO B 325 27.99 -23.17 -1.88
CA PRO B 325 28.57 -24.47 -2.26
C PRO B 325 28.66 -25.47 -1.10
N ALA B 326 29.21 -25.08 0.06
CA ALA B 326 29.30 -25.98 1.21
C ALA B 326 27.93 -26.44 1.69
N ALA B 327 26.95 -25.55 1.70
CA ALA B 327 25.61 -25.91 2.17
C ALA B 327 24.96 -26.90 1.21
N CYS B 328 25.20 -26.71 -0.09
CA CYS B 328 24.64 -27.63 -1.09
C CYS B 328 25.27 -29.00 -1.00
N ALA B 329 26.58 -29.04 -0.85
CA ALA B 329 27.28 -30.30 -0.69
C ALA B 329 26.81 -31.03 0.57
N LEU B 330 26.67 -30.29 1.66
CA LEU B 330 26.16 -30.85 2.91
C LEU B 330 24.72 -31.33 2.73
N ALA B 331 23.88 -30.54 2.05
CA ALA B 331 22.50 -30.93 1.82
C ALA B 331 22.39 -32.25 1.06
N LEU B 332 23.22 -32.42 0.04
CA LEU B 332 23.25 -33.67 -0.72
C LEU B 332 23.51 -34.86 0.21
N LYS B 333 24.47 -34.71 1.11
CA LYS B 333 24.79 -35.80 2.04
C LYS B 333 23.63 -36.01 3.01
N ASN B 334 23.01 -34.91 3.44
CA ASN B 334 21.85 -34.97 4.32
C ASN B 334 20.67 -35.74 3.71
N LEU B 335 20.40 -35.50 2.43
CA LEU B 335 19.36 -36.23 1.73
C LEU B 335 19.72 -37.71 1.57
N GLU B 336 20.98 -38.04 1.31
CA GLU B 336 21.45 -39.44 1.25
CA GLU B 336 21.41 -39.43 1.23
C GLU B 336 21.24 -40.14 2.59
N ILE B 337 21.54 -39.45 3.68
CA ILE B 337 21.31 -39.99 5.03
C ILE B 337 19.83 -40.27 5.29
N ILE B 338 18.97 -39.32 4.97
CA ILE B 338 17.54 -39.48 5.23
C ILE B 338 17.02 -40.73 4.49
N GLU B 339 17.47 -40.88 3.26
CA GLU B 339 17.08 -41.99 2.39
C GLU B 339 17.65 -43.32 2.90
N ASN B 340 18.95 -43.37 3.08
CA ASN B 340 19.62 -44.59 3.51
C ASN B 340 19.16 -45.11 4.87
N GLU B 341 18.90 -44.21 5.81
CA GLU B 341 18.48 -44.58 7.15
C GLU B 341 16.96 -44.74 7.31
N ASN B 342 16.24 -44.61 6.20
CA ASN B 342 14.79 -44.81 6.18
C ASN B 342 14.09 -43.87 7.13
N LEU B 343 14.61 -42.66 7.24
CA LEU B 343 14.11 -41.67 8.18
C LEU B 343 12.66 -41.22 7.94
N ILE B 344 12.26 -41.11 6.69
CA ILE B 344 10.91 -40.69 6.39
C ILE B 344 9.92 -41.68 6.94
N GLU B 345 10.21 -42.95 6.73
CA GLU B 345 9.43 -44.06 7.29
C GLU B 345 9.50 -44.08 8.82
N ARG B 346 10.68 -43.81 9.37
CA ARG B 346 10.85 -43.76 10.80
C ARG B 346 10.00 -42.64 11.41
N SER B 347 9.91 -41.52 10.71
CA SER B 347 9.10 -40.41 11.18
C SER B 347 7.65 -40.83 11.28
N ALA B 348 7.17 -41.53 10.27
CA ALA B 348 5.80 -41.99 10.30
C ALA B 348 5.58 -42.98 11.43
N GLN B 349 6.50 -43.92 11.59
CA GLN B 349 6.36 -44.91 12.65
C GLN B 349 6.51 -44.37 14.06
N MSE B 350 7.57 -43.60 14.29
CA MSE B 350 7.79 -43.00 15.60
C MSE B 350 6.71 -41.97 15.89
O MSE B 350 6.30 -41.81 17.02
CB MSE B 350 9.19 -42.42 15.74
CG MSE B 350 10.29 -43.46 15.72
SE MSE B 350 10.32 -44.71 17.19
CE MSE B 350 10.87 -43.51 18.57
N GLY B 351 6.26 -41.27 14.86
CA GLY B 351 5.19 -40.30 15.01
C GLY B 351 3.88 -40.92 15.45
N SER B 352 3.50 -42.05 14.86
CA SER B 352 2.27 -42.72 15.25
C SER B 352 2.36 -43.16 16.68
N LEU B 353 3.50 -43.72 17.02
CA LEU B 353 3.80 -44.20 18.34
C LEU B 353 3.68 -43.07 19.35
N LEU B 354 4.31 -41.95 19.03
CA LEU B 354 4.30 -40.78 19.90
C LEU B 354 2.87 -40.31 20.13
N LEU B 355 2.09 -40.24 19.07
CA LEU B 355 0.73 -39.76 19.16
C LEU B 355 -0.15 -40.64 20.05
N GLU B 356 -0.04 -41.96 19.88
CA GLU B 356 -0.91 -42.88 20.59
CA GLU B 356 -0.87 -42.93 20.57
C GLU B 356 -0.47 -42.96 22.02
N GLN B 357 0.81 -43.00 22.30
CA GLN B 357 1.27 -43.06 23.68
C GLN B 357 0.88 -41.83 24.46
N LEU B 358 0.93 -40.66 23.82
CA LEU B 358 0.55 -39.43 24.46
C LEU B 358 -0.90 -39.48 24.86
N LYS B 359 -1.75 -40.00 23.98
CA LYS B 359 -3.17 -40.05 24.28
C LYS B 359 -3.39 -40.93 25.49
N GLU B 360 -2.69 -42.06 25.53
CA GLU B 360 -2.77 -42.96 26.66
C GLU B 360 -2.25 -42.34 27.95
N GLU B 361 -1.08 -41.71 27.91
CA GLU B 361 -0.53 -41.07 29.11
C GLU B 361 -1.21 -39.78 29.62
N ILE B 362 -1.55 -38.88 28.73
CA ILE B 362 -2.15 -37.60 29.12
C ILE B 362 -3.50 -37.24 28.51
N GLY B 363 -4.00 -38.08 27.62
CA GLY B 363 -5.27 -37.82 26.94
C GLY B 363 -6.45 -37.60 27.87
N GLU B 364 -6.45 -38.27 29.01
CA GLU B 364 -7.54 -38.11 29.97
C GLU B 364 -7.33 -36.94 30.94
N HIS B 365 -6.20 -36.25 30.82
CA HIS B 365 -5.95 -35.07 31.63
C HIS B 365 -7.04 -34.03 31.37
N PRO B 366 -7.62 -33.47 32.44
CA PRO B 366 -8.76 -32.55 32.24
C PRO B 366 -8.46 -31.26 31.45
N LEU B 367 -7.18 -30.90 31.28
CA LEU B 367 -6.84 -29.69 30.52
C LEU B 367 -6.25 -29.97 29.15
N VAL B 368 -6.26 -31.23 28.74
CA VAL B 368 -5.79 -31.62 27.42
C VAL B 368 -6.99 -31.72 26.50
N GLY B 369 -7.15 -30.74 25.62
CA GLY B 369 -8.31 -30.71 24.76
C GLY B 369 -8.18 -31.64 23.57
N ASP B 370 -6.99 -31.71 23.00
CA ASP B 370 -6.78 -32.48 21.78
C ASP B 370 -5.30 -32.84 21.62
N ILE B 371 -5.06 -34.04 21.11
CA ILE B 371 -3.72 -34.45 20.70
C ILE B 371 -3.77 -34.90 19.24
N ARG B 372 -2.92 -34.29 18.43
CA ARG B 372 -2.98 -34.50 16.98
C ARG B 372 -1.58 -34.39 16.41
N GLY B 373 -1.39 -34.98 15.22
CA GLY B 373 -0.13 -34.86 14.52
C GLY B 373 -0.09 -35.75 13.29
N LYS B 374 1.01 -35.70 12.57
CA LYS B 374 1.25 -36.57 11.44
C LYS B 374 2.77 -36.67 11.27
N GLY B 375 3.32 -37.88 11.30
CA GLY B 375 4.76 -38.04 11.40
C GLY B 375 5.25 -37.49 12.73
N LEU B 376 6.52 -37.11 12.78
CA LEU B 376 7.12 -36.57 14.01
C LEU B 376 6.82 -35.07 14.12
N LEU B 377 5.53 -34.78 14.17
CA LEU B 377 5.00 -33.42 14.20
C LEU B 377 3.69 -33.51 14.98
N VAL B 378 3.69 -33.07 16.23
CA VAL B 378 2.58 -33.34 17.13
C VAL B 378 2.22 -32.11 17.93
N GLY B 379 0.90 -31.86 18.07
CA GLY B 379 0.42 -30.74 18.86
C GLY B 379 -0.47 -31.26 19.96
N ILE B 380 -0.28 -30.72 21.16
CA ILE B 380 -1.15 -31.03 22.28
C ILE B 380 -1.83 -29.73 22.67
N GLU B 381 -3.11 -29.61 22.37
CA GLU B 381 -3.85 -28.38 22.64
C GLU B 381 -4.41 -28.36 24.07
N LEU B 382 -3.99 -27.38 24.85
CA LEU B 382 -4.41 -27.25 26.24
C LEU B 382 -5.55 -26.25 26.37
N VAL B 383 -6.54 -26.61 27.17
CA VAL B 383 -7.77 -25.84 27.30
C VAL B 383 -8.16 -25.71 28.76
N ASN B 384 -8.87 -24.65 29.14
CA ASN B 384 -9.41 -24.52 30.49
C ASN B 384 -10.60 -25.45 30.66
N ASP B 385 -11.25 -25.75 29.55
CA ASP B 385 -12.49 -26.54 29.54
C ASP B 385 -12.62 -27.32 28.23
N LYS B 386 -12.75 -28.64 28.34
CA LYS B 386 -12.84 -29.53 27.18
C LYS B 386 -14.12 -29.36 26.36
N GLU B 387 -15.18 -28.84 26.99
CA GLU B 387 -16.45 -28.63 26.29
C GLU B 387 -16.47 -27.38 25.44
N THR B 388 -16.01 -26.28 26.02
CA THR B 388 -15.97 -25.00 25.35
C THR B 388 -14.72 -24.84 24.47
N LYS B 389 -13.68 -25.62 24.78
CA LYS B 389 -12.40 -25.55 24.09
C LYS B 389 -11.67 -24.24 24.34
N GLU B 390 -12.02 -23.54 25.40
CA GLU B 390 -11.37 -22.28 25.72
C GLU B 390 -9.87 -22.52 25.92
N PRO B 391 -9.00 -21.78 25.21
CA PRO B 391 -7.55 -21.93 25.38
C PRO B 391 -7.14 -21.80 26.84
N ILE B 392 -6.17 -22.58 27.25
CA ILE B 392 -5.72 -22.55 28.63
C ILE B 392 -5.06 -21.23 28.99
N ASP B 393 -5.06 -20.90 30.27
CA ASP B 393 -4.43 -19.70 30.76
C ASP B 393 -2.96 -19.76 30.39
N ASN B 394 -2.40 -18.62 30.04
CA ASN B 394 -1.06 -18.55 29.52
C ASN B 394 0.05 -19.00 30.47
N ASP B 395 -0.08 -18.65 31.73
CA ASP B 395 0.86 -19.05 32.75
C ASP B 395 0.90 -20.56 32.87
N LYS B 396 -0.23 -21.20 32.73
CA LYS B 396 -0.31 -22.63 32.92
C LYS B 396 0.51 -23.36 31.87
N ILE B 397 0.31 -23.06 30.58
CA ILE B 397 1.11 -23.70 29.53
C ILE B 397 2.59 -23.31 29.64
N ALA B 398 2.88 -22.06 30.01
CA ALA B 398 4.27 -21.65 30.18
C ALA B 398 4.96 -22.44 31.28
N SER B 399 4.23 -22.75 32.36
CA SER B 399 4.83 -23.49 33.47
C SER B 399 5.16 -24.92 33.06
N VAL B 400 4.35 -25.49 32.16
CA VAL B 400 4.60 -26.84 31.65
C VAL B 400 5.84 -26.86 30.77
N VAL B 401 5.97 -25.86 29.91
CA VAL B 401 7.16 -25.75 29.07
C VAL B 401 8.43 -25.61 29.94
N ASN B 402 8.36 -24.75 30.95
CA ASN B 402 9.47 -24.55 31.88
C ASN B 402 9.82 -25.78 32.72
N ALA B 403 8.80 -26.49 33.22
CA ALA B 403 8.98 -27.70 34.01
C ALA B 403 9.70 -28.75 33.18
N CYS B 404 9.31 -28.87 31.92
CA CYS B 404 9.91 -29.86 31.04
C CYS B 404 11.38 -29.54 30.84
N LYS B 405 11.69 -28.29 30.56
CA LYS B 405 13.08 -27.92 30.34
C LYS B 405 13.95 -28.21 31.55
N GLU B 406 13.40 -27.93 32.72
CA GLU B 406 14.08 -28.14 33.98
C GLU B 406 14.40 -29.63 34.12
N LYS B 407 13.51 -30.47 33.62
CA LYS B 407 13.69 -31.91 33.70
C LYS B 407 14.36 -32.50 32.46
N GLY B 408 14.96 -31.65 31.64
CA GLY B 408 15.76 -32.11 30.52
C GLY B 408 15.03 -32.42 29.23
N LEU B 409 13.87 -31.81 29.01
CA LEU B 409 13.14 -31.93 27.76
C LEU B 409 12.82 -30.55 27.20
N ILE B 410 13.25 -30.29 25.98
CA ILE B 410 12.83 -29.09 25.27
C ILE B 410 11.56 -29.36 24.50
N ILE B 411 10.47 -28.73 24.91
CA ILE B 411 9.20 -28.85 24.20
C ILE B 411 8.78 -27.48 23.72
N GLY B 412 8.11 -27.44 22.58
CA GLY B 412 7.76 -26.16 22.00
C GLY B 412 6.36 -25.71 22.33
N ARG B 413 6.04 -24.49 21.92
CA ARG B 413 4.75 -23.91 22.18
C ARG B 413 4.46 -22.91 21.07
N ASN B 414 3.20 -22.70 20.72
CA ASN B 414 2.89 -21.74 19.67
C ASN B 414 2.75 -20.31 20.18
N GLY B 415 3.76 -19.83 20.89
CA GLY B 415 3.71 -18.50 21.47
C GLY B 415 3.86 -17.41 20.44
N MSE B 416 3.25 -16.26 20.71
CA MSE B 416 3.34 -15.10 19.82
C MSE B 416 2.90 -15.45 18.41
O MSE B 416 3.53 -15.03 17.44
CB MSE B 416 4.76 -14.53 19.82
CG MSE B 416 5.16 -13.81 21.10
SE MSE B 416 3.90 -12.44 21.68
CE MSE B 416 3.00 -13.46 23.07
N THR B 417 1.81 -16.20 18.29
CA THR B 417 1.19 -16.42 16.99
C THR B 417 -0.19 -15.77 16.84
N THR B 418 -1.17 -16.26 17.58
CA THR B 418 -2.51 -15.69 17.55
C THR B 418 -2.93 -15.33 18.96
N ALA B 419 -3.37 -14.09 19.16
CA ALA B 419 -3.63 -13.61 20.51
C ALA B 419 -4.76 -14.43 21.13
N GLY B 420 -4.56 -14.83 22.37
CA GLY B 420 -5.54 -15.59 23.11
C GLY B 420 -5.54 -17.06 22.73
N TYR B 421 -4.66 -17.43 21.81
CA TYR B 421 -4.61 -18.78 21.27
C TYR B 421 -3.20 -19.37 21.28
N ASN B 422 -2.48 -19.13 22.37
CA ASN B 422 -1.08 -19.49 22.48
C ASN B 422 -0.96 -20.82 23.23
N ASN B 423 -2.02 -21.63 23.14
CA ASN B 423 -2.31 -22.72 24.06
C ASN B 423 -1.88 -24.12 23.59
N ILE B 424 -1.10 -24.19 22.51
CA ILE B 424 -0.71 -25.49 21.95
C ILE B 424 0.78 -25.80 22.13
N LEU B 425 1.05 -26.88 22.85
CA LEU B 425 2.39 -27.48 22.91
C LEU B 425 2.75 -28.18 21.61
N THR B 426 4.02 -28.06 21.20
CA THR B 426 4.48 -28.67 19.96
C THR B 426 5.69 -29.57 20.16
N LEU B 427 5.66 -30.77 19.58
CA LEU B 427 6.84 -31.61 19.45
C LEU B 427 7.18 -31.88 17.98
N ALA B 428 8.41 -31.56 17.61
CA ALA B 428 8.99 -32.03 16.35
C ALA B 428 10.42 -32.54 16.53
N PRO B 429 10.57 -33.72 17.11
CA PRO B 429 11.88 -34.27 17.46
C PRO B 429 12.63 -34.74 16.22
N PRO B 430 13.94 -34.91 16.36
CA PRO B 430 14.75 -35.35 15.22
C PRO B 430 14.31 -36.75 14.76
N LEU B 431 14.41 -36.98 13.47
CA LEU B 431 13.75 -38.13 12.84
C LEU B 431 14.34 -39.43 13.35
N VAL B 432 15.56 -39.34 13.85
CA VAL B 432 16.31 -40.50 14.38
C VAL B 432 15.90 -40.87 15.80
N ILE B 433 14.91 -40.18 16.37
CA ILE B 433 14.50 -40.45 17.75
C ILE B 433 14.11 -41.92 17.89
N SER B 434 14.42 -42.50 19.04
CA SER B 434 14.15 -43.90 19.31
C SER B 434 12.90 -44.07 20.17
N SER B 435 12.42 -45.30 20.26
CA SER B 435 11.27 -45.62 21.10
C SER B 435 11.52 -45.24 22.54
N GLU B 436 12.75 -45.45 23.00
CA GLU B 436 13.09 -45.21 24.38
C GLU B 436 13.14 -43.72 24.67
N GLU B 437 13.60 -42.94 23.69
CA GLU B 437 13.63 -41.49 23.85
C GLU B 437 12.23 -40.90 23.84
N ILE B 438 11.35 -41.50 23.03
CA ILE B 438 9.92 -41.17 23.03
C ILE B 438 9.30 -41.40 24.39
N ALA B 439 9.66 -42.50 25.05
CA ALA B 439 9.21 -42.76 26.41
C ALA B 439 9.67 -41.66 27.38
N PHE B 440 10.91 -41.24 27.25
CA PHE B 440 11.42 -40.14 28.04
C PHE B 440 10.62 -38.84 27.81
N VAL B 441 10.38 -38.50 26.55
CA VAL B 441 9.58 -37.33 26.20
C VAL B 441 8.24 -37.37 26.92
N ILE B 442 7.50 -38.45 26.69
CA ILE B 442 6.15 -38.58 27.21
C ILE B 442 6.13 -38.67 28.73
N GLY B 443 7.05 -39.43 29.29
CA GLY B 443 7.16 -39.55 30.74
C GLY B 443 7.42 -38.20 31.37
N THR B 444 8.30 -37.41 30.76
CA THR B 444 8.67 -36.09 31.27
C THR B 444 7.50 -35.12 31.18
N LEU B 445 6.82 -35.13 30.04
CA LEU B 445 5.64 -34.29 29.84
C LEU B 445 4.53 -34.68 30.81
N LYS B 446 4.23 -35.97 30.91
CA LYS B 446 3.21 -36.45 31.84
C LYS B 446 3.44 -35.92 33.26
N THR B 447 4.67 -35.98 33.73
CA THR B 447 5.02 -35.51 35.05
C THR B 447 4.85 -33.99 35.16
N ALA B 448 5.23 -33.28 34.11
CA ALA B 448 5.05 -31.83 34.05
C ALA B 448 3.59 -31.41 34.09
N MSE B 449 2.74 -32.19 33.42
CA MSE B 449 1.31 -31.94 33.38
C MSE B 449 0.67 -32.03 34.76
O MSE B 449 -0.38 -31.46 35.02
CB MSE B 449 0.62 -32.88 32.38
CG MSE B 449 0.99 -32.61 30.92
SE MSE B 449 0.21 -30.99 30.19
CE MSE B 449 -1.64 -31.34 30.67
N GLU B 450 1.33 -32.77 35.66
CA GLU B 450 0.85 -32.98 37.01
C GLU B 450 0.70 -31.67 37.77
N ARG B 451 1.51 -30.69 37.37
CA ARG B 451 1.54 -29.37 38.01
C ARG B 451 0.19 -28.65 37.89
N ILE B 452 -0.48 -28.87 36.78
CA ILE B 452 -1.65 -28.08 36.39
C ILE B 452 -2.93 -28.94 36.34
N SER C 1 41.54 -39.78 -20.91
CA SER C 1 40.44 -38.94 -20.43
C SER C 1 40.29 -37.62 -21.18
N ASN C 2 40.49 -37.65 -22.49
CA ASN C 2 40.15 -36.50 -23.32
C ASN C 2 38.65 -36.35 -23.59
N ALA C 3 37.95 -37.47 -23.82
CA ALA C 3 36.51 -37.41 -24.15
C ALA C 3 35.67 -37.70 -22.93
N MSE C 4 36.24 -38.44 -21.99
CA MSE C 4 35.63 -38.68 -20.68
C MSE C 4 35.38 -37.37 -19.93
O MSE C 4 34.30 -37.20 -19.36
CB MSE C 4 36.48 -39.63 -19.83
CG MSE C 4 36.23 -41.13 -20.12
SE MSE C 4 34.44 -41.69 -19.48
CE MSE C 4 34.10 -40.26 -18.23
N LYS C 5 36.34 -36.44 -19.92
CA LYS C 5 36.21 -35.15 -19.22
CA LYS C 5 36.15 -35.21 -19.16
C LYS C 5 35.18 -34.29 -19.92
N THR C 6 35.17 -34.36 -21.23
CA THR C 6 34.18 -33.63 -21.99
C THR C 6 32.78 -34.14 -21.71
N LYS C 7 32.63 -35.46 -21.60
CA LYS C 7 31.34 -36.04 -21.32
C LYS C 7 30.86 -35.54 -19.99
N GLN C 8 31.76 -35.48 -19.02
CA GLN C 8 31.41 -35.03 -17.68
C GLN C 8 30.98 -33.56 -17.63
N THR C 9 31.71 -32.69 -18.29
CA THR C 9 31.35 -31.29 -18.33
C THR C 9 30.04 -31.07 -19.10
N ASP C 10 29.86 -31.80 -20.20
CA ASP C 10 28.67 -31.65 -21.01
C ASP C 10 27.45 -32.02 -20.22
N GLU C 11 27.55 -33.11 -19.49
CA GLU C 11 26.51 -33.59 -18.63
C GLU C 11 26.13 -32.62 -17.53
N LEU C 12 27.15 -32.04 -16.92
CA LEU C 12 26.94 -31.08 -15.85
C LEU C 12 26.24 -29.85 -16.42
N LEU C 13 26.65 -29.44 -17.61
CA LEU C 13 26.05 -28.26 -18.20
C LEU C 13 24.59 -28.52 -18.60
N ALA C 14 24.30 -29.74 -19.04
CA ALA C 14 22.94 -30.13 -19.41
C ALA C 14 22.03 -30.19 -18.19
N LYS C 15 22.55 -30.66 -17.06
CA LYS C 15 21.76 -30.69 -15.82
C LYS C 15 21.54 -29.31 -15.25
N ASP C 16 22.51 -28.43 -15.40
CA ASP C 16 22.33 -27.05 -14.99
C ASP C 16 21.17 -26.45 -15.76
N GLU C 17 21.19 -26.61 -17.08
CA GLU C 17 20.16 -26.03 -17.92
C GLU C 17 18.77 -26.52 -17.51
N GLN C 18 18.64 -27.81 -17.22
CA GLN C 18 17.31 -28.34 -16.95
CA GLN C 18 17.36 -28.42 -16.91
C GLN C 18 16.83 -28.07 -15.54
N TYR C 19 17.72 -27.98 -14.56
CA TYR C 19 17.30 -27.88 -13.18
C TYR C 19 17.57 -26.60 -12.41
N VAL C 20 18.49 -25.77 -12.88
CA VAL C 20 18.94 -24.63 -12.07
C VAL C 20 18.40 -23.33 -12.63
N TRP C 21 17.79 -22.54 -11.77
CA TRP C 21 17.34 -21.20 -12.12
C TRP C 21 18.41 -20.21 -11.65
N HIS C 22 18.99 -19.48 -12.59
CA HIS C 22 20.06 -18.54 -12.28
C HIS C 22 19.53 -17.12 -12.01
N GLY C 23 20.08 -16.46 -10.99
CA GLY C 23 19.74 -15.07 -10.76
C GLY C 23 20.30 -14.12 -11.82
N MSE C 24 19.51 -13.11 -12.16
CA MSE C 24 20.02 -11.95 -12.89
C MSE C 24 20.66 -12.25 -14.25
O MSE C 24 21.62 -11.59 -14.65
CB MSE C 24 21.00 -11.21 -11.96
CG MSE C 24 21.24 -9.75 -12.28
SE MSE C 24 19.64 -8.64 -12.11
CE MSE C 24 19.48 -8.55 -10.17
N ARG C 25 20.14 -13.21 -15.00
CA ARG C 25 20.54 -13.26 -16.41
C ARG C 25 19.57 -13.88 -17.42
N PRO C 26 19.66 -13.40 -18.65
CA PRO C 26 18.81 -13.88 -19.73
C PRO C 26 19.09 -15.35 -19.96
N PHE C 27 18.15 -16.10 -20.49
CA PHE C 27 18.31 -17.54 -20.47
C PHE C 27 19.28 -17.92 -21.58
N SER C 28 20.48 -18.31 -21.17
CA SER C 28 21.60 -18.49 -22.08
C SER C 28 22.45 -19.70 -21.72
N PRO C 29 21.96 -20.90 -21.98
CA PRO C 29 22.52 -22.11 -21.37
C PRO C 29 23.98 -22.26 -21.80
N ASN C 30 24.28 -21.90 -23.04
CA ASN C 30 25.63 -21.97 -23.57
C ASN C 30 26.60 -21.06 -22.84
N SER C 31 26.12 -19.88 -22.47
CA SER C 31 26.90 -18.86 -21.77
C SER C 31 27.39 -19.26 -20.37
N THR C 32 26.64 -20.12 -19.70
CA THR C 32 26.85 -20.39 -18.28
C THR C 32 28.25 -20.88 -17.95
N THR C 33 28.80 -20.34 -16.87
CA THR C 33 30.11 -20.73 -16.38
C THR C 33 29.96 -21.50 -15.09
N VAL C 34 30.48 -22.72 -15.04
CA VAL C 34 30.41 -23.51 -13.83
C VAL C 34 31.75 -23.45 -13.12
N GLY C 35 31.81 -22.77 -11.99
CA GLY C 35 33.02 -22.68 -11.19
C GLY C 35 33.43 -24.03 -10.65
N ALA C 36 34.72 -24.29 -10.62
CA ALA C 36 35.23 -25.60 -10.26
C ALA C 36 36.14 -25.50 -9.05
N LYS C 37 37.04 -24.52 -9.08
CA LYS C 37 37.99 -24.32 -7.98
C LYS C 37 38.57 -22.91 -8.03
N ALA C 38 39.32 -22.52 -7.00
CA ALA C 38 39.80 -21.15 -6.87
C ALA C 38 40.91 -21.04 -5.85
N GLU C 39 41.74 -20.03 -6.00
CA GLU C 39 42.89 -19.79 -5.12
C GLU C 39 43.30 -18.33 -5.26
N GLY C 40 43.38 -17.61 -4.15
CA GLY C 40 43.78 -16.21 -4.20
C GLY C 40 42.77 -15.34 -4.90
N CYS C 41 43.15 -14.75 -6.03
CA CYS C 41 42.28 -13.87 -6.81
C CYS C 41 41.78 -14.54 -8.08
N TRP C 42 42.15 -15.79 -8.26
CA TRP C 42 41.86 -16.49 -9.50
C TRP C 42 40.82 -17.58 -9.30
N VAL C 43 39.86 -17.67 -10.22
CA VAL C 43 38.90 -18.75 -10.18
C VAL C 43 39.07 -19.55 -11.46
N GLU C 44 38.58 -20.78 -11.47
CA GLU C 44 38.74 -21.68 -12.60
C GLU C 44 37.44 -22.44 -12.83
N ASP C 45 37.02 -22.55 -14.09
CA ASP C 45 35.77 -23.23 -14.40
C ASP C 45 35.96 -24.73 -14.65
N ILE C 46 34.88 -25.46 -14.91
CA ILE C 46 34.98 -26.90 -15.09
C ILE C 46 35.77 -27.31 -16.34
N GLN C 47 35.86 -26.42 -17.32
CA GLN C 47 36.61 -26.67 -18.54
C GLN C 47 38.11 -26.42 -18.32
N GLY C 48 38.45 -25.82 -17.18
CA GLY C 48 39.85 -25.55 -16.86
C GLY C 48 40.38 -24.16 -17.14
N LYS C 49 39.53 -23.28 -17.69
CA LYS C 49 39.90 -21.87 -17.91
C LYS C 49 39.98 -21.07 -16.61
N ARG C 50 40.99 -20.22 -16.49
CA ARG C 50 41.16 -19.43 -15.28
C ARG C 50 40.92 -17.95 -15.52
N TYR C 51 40.41 -17.27 -14.51
CA TYR C 51 40.09 -15.87 -14.62
C TYR C 51 40.54 -15.14 -13.36
N LEU C 52 41.06 -13.94 -13.52
CA LEU C 52 41.23 -13.08 -12.37
C LEU C 52 39.85 -12.57 -12.03
N ASP C 53 39.41 -12.83 -10.79
CA ASP C 53 38.09 -12.38 -10.37
C ASP C 53 38.14 -10.95 -9.85
N GLY C 54 37.93 -10.00 -10.76
CA GLY C 54 37.96 -8.59 -10.45
C GLY C 54 36.75 -8.11 -9.68
N MSE C 55 35.84 -9.03 -9.35
CA MSE C 55 34.64 -8.70 -8.61
C MSE C 55 34.49 -9.41 -7.25
O MSE C 55 33.45 -9.27 -6.59
CB MSE C 55 33.40 -9.00 -9.46
CG MSE C 55 33.12 -7.94 -10.50
SE MSE C 55 32.64 -6.22 -9.65
CE MSE C 55 30.92 -6.78 -8.88
N SER C 56 35.50 -10.18 -6.84
CA SER C 56 35.43 -10.93 -5.59
C SER C 56 34.12 -11.69 -5.51
N GLY C 57 33.77 -12.44 -6.56
CA GLY C 57 32.50 -13.14 -6.62
C GLY C 57 31.37 -12.15 -6.90
N LEU C 58 30.75 -11.68 -5.84
CA LEU C 58 29.85 -10.54 -5.91
C LEU C 58 30.19 -9.54 -4.80
N TRP C 59 31.30 -8.81 -4.95
CA TRP C 59 31.73 -7.85 -3.95
C TRP C 59 31.97 -8.47 -2.58
N CYS C 60 32.29 -9.76 -2.50
CA CYS C 60 32.16 -10.42 -1.20
C CYS C 60 33.31 -11.30 -0.74
N VAL C 61 34.11 -11.84 -1.65
CA VAL C 61 35.21 -12.73 -1.25
C VAL C 61 36.44 -11.90 -0.92
N ASN C 62 36.32 -11.13 0.15
CA ASN C 62 37.31 -10.11 0.48
C ASN C 62 38.69 -10.64 0.82
N SER C 63 38.76 -11.74 1.55
CA SER C 63 40.04 -12.31 1.91
C SER C 63 40.65 -13.22 0.84
N GLY C 64 39.94 -13.41 -0.26
CA GLY C 64 40.47 -14.22 -1.33
C GLY C 64 40.02 -15.65 -1.22
N TYR C 65 40.22 -16.40 -2.29
CA TYR C 65 39.79 -17.79 -2.37
C TYR C 65 40.85 -18.73 -1.81
N GLY C 66 40.42 -19.94 -1.48
CA GLY C 66 41.37 -20.99 -1.13
C GLY C 66 41.90 -20.90 0.29
N ARG C 67 41.17 -20.23 1.17
CA ARG C 67 41.64 -20.08 2.54
C ARG C 67 41.39 -21.37 3.32
N LYS C 68 42.42 -22.18 3.50
CA LYS C 68 42.29 -23.40 4.30
C LYS C 68 41.91 -23.13 5.76
N GLU C 69 42.43 -22.03 6.30
CA GLU C 69 42.13 -21.71 7.69
C GLU C 69 40.64 -21.40 7.90
N LEU C 70 39.96 -20.91 6.87
CA LEU C 70 38.51 -20.65 6.98
C LEU C 70 37.74 -21.97 6.88
N ALA C 71 38.15 -22.84 5.97
CA ALA C 71 37.57 -24.17 5.90
C ALA C 71 37.70 -24.92 7.22
N GLU C 72 38.88 -24.84 7.85
CA GLU C 72 39.12 -25.50 9.12
C GLU C 72 38.26 -24.96 10.23
N ALA C 73 38.11 -23.63 10.28
CA ALA C 73 37.26 -23.02 11.31
C ALA C 73 35.82 -23.54 11.22
N ALA C 74 35.27 -23.61 10.01
CA ALA C 74 33.89 -24.07 9.83
C ALA C 74 33.78 -25.53 10.22
N TYR C 75 34.75 -26.31 9.76
CA TYR C 75 34.79 -27.75 10.03
C TYR C 75 34.87 -28.08 11.52
N LYS C 76 35.75 -27.39 12.23
CA LYS C 76 35.89 -27.60 13.65
C LYS C 76 34.57 -27.33 14.38
N GLN C 77 33.86 -26.26 13.99
CA GLN C 77 32.58 -25.94 14.61
C GLN C 77 31.47 -26.93 14.23
N LEU C 78 31.42 -27.36 12.97
CA LEU C 78 30.41 -28.33 12.55
C LEU C 78 30.53 -29.63 13.35
N GLN C 79 31.73 -29.96 13.78
CA GLN C 79 31.97 -31.13 14.61
C GLN C 79 31.64 -30.92 16.09
N THR C 80 31.51 -29.67 16.52
CA THR C 80 31.24 -29.38 17.93
C THR C 80 29.74 -29.17 18.17
N LEU C 81 29.18 -28.17 17.49
CA LEU C 81 27.75 -27.87 17.53
C LEU C 81 27.31 -27.28 16.20
N SER C 82 26.55 -28.04 15.43
CA SER C 82 26.04 -27.58 14.14
C SER C 82 24.97 -26.49 14.20
N TYR C 83 24.04 -26.61 15.13
CA TYR C 83 22.95 -25.66 15.25
C TYR C 83 22.47 -25.41 16.68
N PHE C 84 22.07 -24.17 16.95
CA PHE C 84 21.37 -23.80 18.16
C PHE C 84 20.55 -22.55 17.87
N PRO C 85 19.27 -22.54 18.23
CA PRO C 85 18.44 -21.39 17.89
C PRO C 85 18.90 -20.10 18.57
N MSE C 86 18.81 -18.99 17.83
CA MSE C 86 19.27 -17.69 18.33
C MSE C 86 18.30 -17.04 19.32
O MSE C 86 18.57 -15.98 19.85
CB MSE C 86 19.69 -16.73 17.21
CG MSE C 86 21.12 -16.93 16.69
SE MSE C 86 22.53 -17.24 18.01
CE MSE C 86 22.43 -15.57 18.96
N SER C 87 17.16 -17.69 19.56
CA SER C 87 16.32 -17.33 20.68
C SER C 87 17.16 -17.61 21.91
N GLN C 88 17.88 -18.73 21.84
CA GLN C 88 18.96 -19.09 22.74
C GLN C 88 20.28 -18.64 22.12
N SER C 89 21.40 -19.18 22.61
CA SER C 89 22.72 -18.75 22.15
C SER C 89 23.77 -19.85 21.96
N HIS C 90 24.84 -19.50 21.26
CA HIS C 90 26.01 -20.34 21.12
C HIS C 90 27.27 -19.48 21.21
N GLU C 91 28.39 -20.08 21.54
CA GLU C 91 29.61 -19.31 21.74
C GLU C 91 30.16 -18.59 20.50
N PRO C 92 30.12 -19.23 19.31
CA PRO C 92 30.53 -18.49 18.11
C PRO C 92 29.74 -17.20 17.89
N ALA C 93 28.43 -17.21 18.11
CA ALA C 93 27.63 -15.99 17.96
C ALA C 93 28.02 -14.94 18.99
N ILE C 94 28.25 -15.36 20.22
CA ILE C 94 28.62 -14.42 21.28
C ILE C 94 29.96 -13.78 21.02
N LYS C 95 30.96 -14.59 20.68
CA LYS C 95 32.28 -14.07 20.34
C LYS C 95 32.27 -13.17 19.10
N LEU C 96 31.49 -13.52 18.09
CA LEU C 96 31.44 -12.70 16.89
C LEU C 96 30.76 -11.37 17.17
N ALA C 97 29.70 -11.41 17.96
CA ALA C 97 28.96 -10.19 18.29
C ALA C 97 29.89 -9.22 19.01
N GLU C 98 30.67 -9.75 19.95
CA GLU C 98 31.65 -8.94 20.66
C GLU C 98 32.73 -8.38 19.73
N LYS C 99 33.23 -9.22 18.84
CA LYS C 99 34.26 -8.78 17.89
CA LYS C 99 34.24 -8.79 17.88
C LYS C 99 33.72 -7.74 16.91
N LEU C 100 32.49 -7.90 16.44
CA LEU C 100 31.87 -6.93 15.54
C LEU C 100 31.68 -5.59 16.24
N ASN C 101 31.33 -5.64 17.50
CA ASN C 101 31.21 -4.45 18.29
C ASN C 101 32.56 -3.68 18.38
N GLU C 102 33.66 -4.38 18.58
CA GLU C 102 34.99 -3.75 18.51
C GLU C 102 35.27 -3.14 17.16
N TRP C 103 35.03 -3.90 16.10
CA TRP C 103 35.31 -3.38 14.78
C TRP C 103 34.47 -2.14 14.52
N LEU C 104 33.20 -2.18 14.94
CA LEU C 104 32.28 -1.06 14.81
C LEU C 104 32.69 0.15 15.64
N GLY C 105 33.34 -0.11 16.77
CA GLY C 105 33.75 0.90 17.71
C GLY C 105 32.87 1.03 18.93
N GLY C 106 31.86 0.17 19.01
CA GLY C 106 30.97 0.13 20.15
C GLY C 106 29.99 1.27 19.98
N GLU C 107 28.94 1.31 20.79
CA GLU C 107 28.49 0.19 21.54
C GLU C 107 27.21 -0.20 20.81
N TYR C 108 27.19 -1.41 20.30
CA TYR C 108 26.11 -1.90 19.49
C TYR C 108 25.73 -3.29 19.97
N VAL C 109 24.48 -3.65 19.72
CA VAL C 109 23.97 -4.97 20.00
C VAL C 109 23.66 -5.58 18.64
N ILE C 110 24.01 -6.84 18.44
CA ILE C 110 23.98 -7.44 17.12
C ILE C 110 22.85 -8.46 16.97
N PHE C 111 22.03 -8.30 15.94
CA PHE C 111 21.06 -9.33 15.57
C PHE C 111 21.53 -10.04 14.30
N PHE C 112 21.65 -11.36 14.34
CA PHE C 112 22.20 -12.12 13.21
C PHE C 112 21.14 -12.61 12.21
N SER C 113 21.44 -12.41 10.93
CA SER C 113 20.62 -12.89 9.80
C SER C 113 21.53 -13.55 8.77
N ASN C 114 20.97 -14.33 7.84
CA ASN C 114 21.74 -14.81 6.67
C ASN C 114 22.23 -13.87 5.54
N SER C 115 21.37 -12.99 5.05
CA SER C 115 21.68 -12.17 3.88
C SER C 115 21.64 -10.68 4.20
N GLY C 116 22.19 -9.88 3.30
CA GLY C 116 22.11 -8.44 3.44
C GLY C 116 20.68 -7.94 3.36
N SER C 117 19.87 -8.57 2.50
CA SER C 117 18.46 -8.21 2.37
C SER C 117 17.72 -8.43 3.68
N GLU C 118 17.95 -9.58 4.31
CA GLU C 118 17.36 -9.85 5.63
C GLU C 118 17.85 -8.88 6.70
N ALA C 119 19.13 -8.51 6.65
CA ALA C 119 19.69 -7.59 7.62
C ALA C 119 19.01 -6.23 7.56
N ASN C 120 18.74 -5.77 6.33
CA ASN C 120 18.04 -4.50 6.12
C ASN C 120 16.57 -4.59 6.52
N GLU C 121 15.91 -5.69 6.17
CA GLU C 121 14.55 -5.93 6.64
C GLU C 121 14.47 -5.84 8.17
N THR C 122 15.42 -6.48 8.84
CA THR C 122 15.47 -6.46 10.29
C THR C 122 15.61 -5.04 10.84
N ALA C 123 16.45 -4.25 10.20
CA ALA C 123 16.64 -2.84 10.55
C ALA C 123 15.34 -2.04 10.46
N PHE C 124 14.56 -2.27 9.39
CA PHE C 124 13.29 -1.59 9.23
C PHE C 124 12.35 -1.92 10.38
N LYS C 125 12.21 -3.21 10.69
CA LYS C 125 11.30 -3.67 11.75
C LYS C 125 11.67 -3.14 13.14
N ILE C 126 12.96 -3.16 13.44
CA ILE C 126 13.47 -2.63 14.69
C ILE C 126 13.23 -1.12 14.77
N ALA C 127 13.42 -0.39 13.68
CA ALA C 127 13.16 1.05 13.67
C ALA C 127 11.70 1.33 13.96
N ARG C 128 10.80 0.63 13.29
CA ARG C 128 9.37 0.83 13.56
C ARG C 128 8.95 0.47 14.98
N GLN C 129 9.42 -0.67 15.49
CA GLN C 129 9.01 -1.08 16.83
C GLN C 129 9.63 -0.19 17.89
N TYR C 130 10.86 0.22 17.63
CA TYR C 130 11.52 1.17 18.52
C TYR C 130 10.68 2.42 18.74
N TYR C 131 10.21 3.03 17.65
CA TYR C 131 9.40 4.24 17.79
C TYR C 131 8.03 3.96 18.38
N ALA C 132 7.45 2.80 18.07
CA ALA C 132 6.16 2.44 18.65
C ALA C 132 6.29 2.36 20.17
N GLN C 133 7.47 1.97 20.65
CA GLN C 133 7.66 1.80 22.10
C GLN C 133 8.25 3.02 22.79
N LYS C 134 8.49 4.08 22.03
CA LYS C 134 9.16 5.28 22.47
C LYS C 134 8.11 6.40 22.48
N GLY C 135 6.84 6.01 22.33
CA GLY C 135 5.74 6.96 22.22
C GLY C 135 5.60 7.71 20.88
N GLU C 136 6.08 7.14 19.79
CA GLU C 136 5.88 7.73 18.48
C GLU C 136 5.53 6.70 17.41
N PRO C 137 4.37 6.05 17.56
CA PRO C 137 3.92 4.99 16.65
C PRO C 137 3.64 5.42 15.21
N HIS C 138 3.43 6.71 15.03
CA HIS C 138 3.19 7.31 13.73
C HIS C 138 4.43 7.32 12.83
N ARG C 139 5.60 7.05 13.40
CA ARG C 139 6.80 7.05 12.58
C ARG C 139 6.94 5.71 11.87
N TYR C 140 6.66 5.69 10.57
CA TYR C 140 6.78 4.46 9.78
C TYR C 140 7.62 4.59 8.51
N LYS C 141 7.88 5.81 8.07
CA LYS C 141 8.49 6.04 6.77
C LYS C 141 9.99 5.75 6.70
N PHE C 142 10.41 5.24 5.55
CA PHE C 142 11.82 5.01 5.26
C PHE C 142 12.27 5.77 4.02
N MSE C 143 13.42 6.43 4.11
CA MSE C 143 13.91 7.26 3.04
C MSE C 143 15.26 6.77 2.54
O MSE C 143 16.09 6.34 3.32
CB MSE C 143 14.01 8.72 3.52
CG MSE C 143 14.36 9.74 2.44
SE MSE C 143 14.33 11.60 3.10
CE MSE C 143 12.91 11.38 4.36
N SER C 144 15.45 6.82 1.24
CA SER C 144 16.72 6.44 0.65
C SER C 144 16.98 7.23 -0.63
N ARG C 145 17.96 6.81 -1.42
CA ARG C 145 18.33 7.52 -2.64
C ARG C 145 17.94 6.75 -3.90
N TYR C 146 17.53 7.49 -4.93
CA TYR C 146 17.33 6.92 -6.24
C TYR C 146 18.68 6.43 -6.77
N ARG C 147 18.63 5.37 -7.55
CA ARG C 147 19.81 4.72 -8.11
C ARG C 147 20.57 3.89 -7.06
N GLY C 148 20.00 3.64 -5.89
CA GLY C 148 20.57 2.88 -4.80
C GLY C 148 19.94 1.50 -4.74
N TYR C 149 20.58 0.59 -4.02
CA TYR C 149 20.05 -0.75 -3.84
C TYR C 149 20.12 -1.20 -2.37
N HIS C 150 19.08 -1.84 -1.86
CA HIS C 150 19.14 -2.36 -0.50
C HIS C 150 18.66 -3.79 -0.31
N GLY C 151 18.29 -4.47 -1.39
CA GLY C 151 17.90 -5.86 -1.31
C GLY C 151 16.87 -6.32 -2.32
N ASN C 152 16.54 -7.61 -2.25
CA ASN C 152 15.74 -8.28 -3.26
C ASN C 152 14.34 -8.69 -2.78
N THR C 153 13.97 -8.28 -1.56
CA THR C 153 12.67 -8.58 -0.99
C THR C 153 11.71 -7.41 -1.28
N MSE C 154 10.42 -7.62 -1.03
CA MSE C 154 9.45 -6.56 -1.34
C MSE C 154 9.78 -5.24 -0.64
O MSE C 154 9.67 -4.18 -1.24
CB MSE C 154 8.02 -6.99 -1.01
CG MSE C 154 7.51 -8.19 -1.86
SE MSE C 154 7.06 -7.69 -3.72
CE MSE C 154 6.27 -9.42 -4.35
N ALA C 155 10.17 -5.28 0.63
CA ALA C 155 10.42 -4.03 1.36
C ALA C 155 11.77 -3.41 1.02
N THR C 156 12.79 -4.25 0.80
CA THR C 156 14.10 -3.74 0.42
C THR C 156 14.09 -3.26 -1.03
N MSE C 157 13.23 -3.85 -1.86
CA MSE C 157 13.01 -3.32 -3.20
C MSE C 157 12.28 -2.00 -3.16
O MSE C 157 12.55 -1.10 -3.95
CB MSE C 157 12.22 -4.31 -4.04
CG MSE C 157 13.06 -5.39 -4.65
SE MSE C 157 12.03 -6.42 -5.96
CE MSE C 157 10.73 -7.28 -4.74
N ALA C 158 11.32 -1.85 -2.25
CA ALA C 158 10.64 -0.59 -2.08
C ALA C 158 11.64 0.51 -1.70
N ALA C 159 12.63 0.17 -0.88
CA ALA C 159 13.69 1.09 -0.47
C ALA C 159 14.76 1.26 -1.55
N THR C 160 14.73 0.40 -2.55
CA THR C 160 15.68 0.41 -3.63
C THR C 160 15.31 1.44 -4.69
N GLY C 161 16.32 2.11 -5.26
CA GLY C 161 16.09 3.18 -6.22
C GLY C 161 16.49 2.79 -7.64
N GLN C 162 16.67 1.49 -7.86
CA GLN C 162 17.00 0.93 -9.17
C GLN C 162 15.78 0.25 -9.75
N ALA C 163 15.09 0.93 -10.66
CA ALA C 163 13.79 0.46 -11.13
C ALA C 163 13.86 -0.84 -11.89
N GLN C 164 15.03 -1.14 -12.45
CA GLN C 164 15.18 -2.37 -13.22
C GLN C 164 15.21 -3.60 -12.31
N ARG C 165 15.40 -3.36 -11.02
CA ARG C 165 15.32 -4.42 -10.01
C ARG C 165 13.92 -4.54 -9.41
N ARG C 166 13.04 -3.63 -9.79
CA ARG C 166 11.71 -3.54 -9.18
C ARG C 166 10.60 -3.85 -10.17
N TYR C 167 10.86 -3.57 -11.45
CA TYR C 167 9.79 -3.53 -12.42
C TYR C 167 9.14 -4.91 -12.54
N GLN C 168 7.81 -4.93 -12.46
CA GLN C 168 7.01 -6.14 -12.60
C GLN C 168 7.03 -7.03 -11.35
N TYR C 169 7.50 -6.48 -10.23
CA TYR C 169 7.35 -7.13 -8.93
C TYR C 169 6.47 -6.27 -8.04
N GLU C 170 6.14 -5.09 -8.53
CA GLU C 170 5.29 -4.13 -7.83
C GLU C 170 3.87 -4.67 -7.93
N PRO C 171 2.93 -4.13 -7.12
CA PRO C 171 3.06 -3.01 -6.17
C PRO C 171 3.74 -3.33 -4.85
N PHE C 172 4.33 -2.29 -4.27
CA PHE C 172 5.06 -2.37 -3.00
C PHE C 172 4.26 -1.66 -1.90
N ALA C 173 4.76 -1.68 -0.69
CA ALA C 173 4.09 -0.97 0.40
C ALA C 173 4.33 0.52 0.30
N SER C 174 3.45 1.32 0.90
CA SER C 174 3.63 2.77 0.93
C SER C 174 4.66 3.10 2.00
N GLY C 175 5.09 4.35 2.07
CA GLY C 175 5.95 4.78 3.16
C GLY C 175 7.44 4.72 2.85
N PHE C 176 7.76 4.48 1.58
CA PHE C 176 9.15 4.48 1.14
C PHE C 176 9.36 5.66 0.20
N LEU C 177 10.29 6.53 0.57
CA LEU C 177 10.52 7.79 -0.12
C LEU C 177 11.93 7.80 -0.66
N HIS C 178 12.17 8.57 -1.71
CA HIS C 178 13.49 8.64 -2.30
C HIS C 178 13.89 10.04 -2.61
N VAL C 179 15.18 10.30 -2.57
CA VAL C 179 15.74 11.60 -2.92
C VAL C 179 16.88 11.41 -3.89
N THR C 180 17.30 12.51 -4.51
CA THR C 180 18.40 12.52 -5.47
C THR C 180 19.68 12.02 -4.81
N PRO C 181 20.40 11.13 -5.52
CA PRO C 181 21.68 10.63 -5.01
C PRO C 181 22.78 11.61 -5.30
N PRO C 182 23.69 11.84 -4.33
CA PRO C 182 24.90 12.64 -4.60
C PRO C 182 25.83 11.89 -5.55
N ASP C 183 26.28 12.58 -6.59
CA ASP C 183 27.12 11.98 -7.61
C ASP C 183 28.04 13.09 -8.10
N CYS C 184 29.28 13.09 -7.63
CA CYS C 184 30.19 14.20 -7.89
C CYS C 184 30.67 14.28 -9.34
N TYR C 185 30.37 13.25 -10.13
CA TYR C 185 30.68 13.27 -11.56
C TYR C 185 29.58 13.99 -12.35
N ARG C 186 28.31 13.63 -12.14
CA ARG C 186 27.21 14.26 -12.87
C ARG C 186 26.75 15.58 -12.22
N MSE C 187 27.25 15.87 -11.02
CA MSE C 187 26.95 17.13 -10.35
C MSE C 187 28.23 17.78 -9.96
O MSE C 187 28.57 17.84 -8.78
CB MSE C 187 26.19 16.88 -9.07
CG MSE C 187 24.90 16.17 -9.29
SE MSE C 187 24.05 15.68 -7.59
CE MSE C 187 22.27 16.03 -8.33
N PRO C 188 28.98 18.27 -10.96
CA PRO C 188 30.36 18.73 -10.74
C PRO C 188 30.40 19.95 -9.80
N GLY C 189 31.42 19.99 -8.94
CA GLY C 189 31.53 21.05 -7.95
C GLY C 189 30.67 20.97 -6.69
N ILE C 190 29.83 19.94 -6.52
CA ILE C 190 29.18 19.79 -5.22
C ILE C 190 30.21 19.43 -4.15
N GLU C 191 31.32 18.82 -4.57
CA GLU C 191 32.38 18.45 -3.63
C GLU C 191 33.13 19.66 -3.05
N ARG C 192 33.08 20.80 -3.72
CA ARG C 192 33.73 22.00 -3.20
C ARG C 192 32.75 23.01 -2.52
N GLU C 193 31.44 22.82 -2.72
CA GLU C 193 30.44 23.66 -2.05
C GLU C 193 30.45 23.43 -0.55
N ASN C 194 29.91 24.39 0.20
CA ASN C 194 29.57 24.16 1.58
C ASN C 194 28.42 23.13 1.60
N ILE C 195 28.58 22.07 2.38
CA ILE C 195 27.71 20.92 2.25
C ILE C 195 26.24 21.32 2.39
N TYR C 196 25.94 22.27 3.26
CA TYR C 196 24.55 22.63 3.47
C TYR C 196 23.95 23.50 2.39
N ASP C 197 24.76 23.87 1.41
CA ASP C 197 24.26 24.57 0.24
C ASP C 197 24.05 23.61 -0.93
N VAL C 198 24.43 22.35 -0.74
CA VAL C 198 24.25 21.35 -1.78
C VAL C 198 22.78 20.96 -1.89
N GLU C 199 22.26 21.02 -3.11
CA GLU C 199 20.84 20.83 -3.33
C GLU C 199 20.31 19.45 -2.91
N CYS C 200 21.03 18.38 -3.21
CA CYS C 200 20.57 17.05 -2.81
C CYS C 200 20.74 16.80 -1.29
N VAL C 201 21.47 17.68 -0.61
CA VAL C 201 21.54 17.65 0.86
C VAL C 201 20.36 18.41 1.44
N LYS C 202 20.06 19.57 0.87
CA LYS C 202 18.87 20.33 1.25
C LYS C 202 17.60 19.53 1.02
N GLU C 203 17.58 18.75 -0.07
CA GLU C 203 16.45 17.89 -0.41
C GLU C 203 16.10 16.95 0.75
N VAL C 204 17.10 16.39 1.43
CA VAL C 204 16.85 15.48 2.56
C VAL C 204 16.05 16.19 3.65
N ASP C 205 16.51 17.37 4.03
CA ASP C 205 15.84 18.18 5.07
C ASP C 205 14.44 18.62 4.63
N ARG C 206 14.31 19.15 3.42
CA ARG C 206 13.03 19.56 2.88
C ARG C 206 12.00 18.45 2.82
N VAL C 207 12.35 17.31 2.24
CA VAL C 207 11.41 16.19 2.16
C VAL C 207 10.99 15.71 3.55
N MSE C 208 11.91 15.72 4.52
CA MSE C 208 11.51 15.32 5.86
C MSE C 208 10.51 16.29 6.46
O MSE C 208 9.56 15.89 7.11
CB MSE C 208 12.73 15.15 6.77
CG MSE C 208 13.54 13.89 6.46
SE MSE C 208 14.91 13.53 7.82
CE MSE C 208 15.73 11.89 7.06
N THR C 209 10.73 17.59 6.23
CA THR C 209 9.78 18.62 6.64
C THR C 209 8.41 18.49 5.96
N TRP C 210 8.45 18.22 4.66
CA TRP C 210 7.26 18.18 3.84
C TRP C 210 6.45 16.90 4.04
N GLU C 211 7.11 15.84 4.49
CA GLU C 211 6.43 14.59 4.82
C GLU C 211 5.97 14.59 6.28
N LEU C 212 6.44 15.56 7.05
CA LEU C 212 6.22 15.69 8.49
C LEU C 212 7.23 14.83 9.24
N SER C 213 8.11 15.47 10.00
CA SER C 213 9.17 14.80 10.75
C SER C 213 8.62 13.60 11.51
N GLU C 214 7.45 13.79 12.10
CA GLU C 214 6.83 12.82 13.00
C GLU C 214 6.46 11.51 12.31
N THR C 215 6.52 11.47 10.98
CA THR C 215 6.21 10.24 10.27
C THR C 215 7.45 9.46 9.76
N ILE C 216 8.64 10.02 9.95
CA ILE C 216 9.87 9.44 9.40
C ILE C 216 10.56 8.56 10.43
N ALA C 217 10.76 7.28 10.09
CA ALA C 217 11.46 6.37 11.00
C ALA C 217 12.97 6.38 10.79
N ALA C 218 13.41 6.26 9.53
CA ALA C 218 14.84 6.15 9.22
C ALA C 218 15.21 6.53 7.80
N PHE C 219 16.46 6.96 7.65
CA PHE C 219 17.07 7.19 6.35
C PHE C 219 18.07 6.05 6.18
N ILE C 220 17.98 5.33 5.07
CA ILE C 220 18.94 4.27 4.81
C ILE C 220 19.84 4.61 3.62
N MSE C 221 21.13 4.39 3.77
CA MSE C 221 22.07 4.67 2.71
C MSE C 221 23.35 3.86 2.82
O MSE C 221 23.84 3.60 3.91
CB MSE C 221 22.44 6.14 2.72
CG MSE C 221 23.00 6.62 4.05
SE MSE C 221 23.73 8.45 3.90
CE MSE C 221 25.38 8.08 2.90
N GLU C 222 23.89 3.47 1.67
CA GLU C 222 25.26 3.05 1.57
C GLU C 222 26.11 4.29 1.60
N PRO C 223 27.30 4.23 2.22
CA PRO C 223 28.24 5.37 2.20
C PRO C 223 28.71 5.73 0.79
N ILE C 224 28.85 4.72 -0.07
CA ILE C 224 29.08 4.91 -1.50
C ILE C 224 28.02 4.06 -2.20
N ILE C 225 27.39 4.57 -3.25
CA ILE C 225 26.41 3.74 -3.93
C ILE C 225 27.21 2.81 -4.85
N THR C 226 27.30 1.55 -4.46
CA THR C 226 28.18 0.61 -5.13
C THR C 226 27.62 -0.11 -6.35
N GLY C 227 26.57 -0.90 -6.15
CA GLY C 227 25.97 -1.66 -7.22
C GLY C 227 25.44 -0.73 -8.28
N GLY C 228 24.96 0.43 -7.82
CA GLY C 228 24.39 1.46 -8.65
C GLY C 228 25.34 2.07 -9.67
N GLY C 229 26.63 2.10 -9.38
CA GLY C 229 27.59 2.73 -10.25
C GLY C 229 28.80 3.34 -9.57
N ILE C 230 29.04 2.97 -8.33
CA ILE C 230 30.13 3.56 -7.56
C ILE C 230 29.95 5.07 -7.48
N LEU C 231 28.71 5.50 -7.25
CA LEU C 231 28.42 6.92 -7.16
C LEU C 231 28.94 7.44 -5.85
N MSE C 232 29.73 8.50 -5.91
CA MSE C 232 30.34 9.06 -4.72
C MSE C 232 29.88 10.47 -4.33
O MSE C 232 29.65 11.31 -5.18
CB MSE C 232 31.85 8.97 -4.84
CG MSE C 232 32.32 7.53 -4.59
SE MSE C 232 34.15 7.35 -5.04
CE MSE C 232 34.93 8.43 -3.63
N ALA C 233 29.79 10.70 -3.03
CA ALA C 233 29.26 11.95 -2.48
C ALA C 233 30.37 12.85 -2.00
N PRO C 234 30.04 14.14 -1.79
CA PRO C 234 30.99 15.03 -1.13
C PRO C 234 31.39 14.44 0.24
N GLN C 235 32.59 14.80 0.72
CA GLN C 235 33.11 14.33 1.99
C GLN C 235 32.14 14.50 3.16
N ASP C 236 31.44 15.63 3.22
CA ASP C 236 30.63 15.94 4.39
C ASP C 236 29.17 15.51 4.22
N TYR C 237 28.87 14.80 3.14
CA TYR C 237 27.49 14.45 2.84
C TYR C 237 26.86 13.56 3.90
N MSE C 238 27.57 12.49 4.27
CA MSE C 238 26.97 11.56 5.20
C MSE C 238 26.78 12.20 6.58
O MSE C 238 25.79 11.95 7.26
CB MSE C 238 27.79 10.29 5.32
CG MSE C 238 27.08 9.22 6.10
SE MSE C 238 27.89 7.47 5.83
CE MSE C 238 26.46 6.33 6.58
N LYS C 239 27.70 13.06 6.99
CA LYS C 239 27.58 13.72 8.28
C LYS C 239 26.42 14.70 8.27
N ALA C 240 26.21 15.36 7.13
CA ALA C 240 25.09 16.30 7.01
C ALA C 240 23.76 15.55 7.07
N VAL C 241 23.69 14.43 6.36
CA VAL C 241 22.49 13.60 6.40
C VAL C 241 22.20 13.09 7.81
N HIS C 242 23.24 12.65 8.54
CA HIS C 242 23.01 12.23 9.93
C HIS C 242 22.48 13.37 10.79
N GLU C 243 23.06 14.57 10.63
CA GLU C 243 22.62 15.72 11.42
C GLU C 243 21.17 16.05 11.08
N THR C 244 20.80 15.82 9.82
CA THR C 244 19.44 16.09 9.38
C THR C 244 18.47 15.07 9.98
N CYS C 245 18.86 13.80 10.00
CA CYS C 245 18.06 12.76 10.65
C CYS C 245 17.82 13.12 12.11
N GLN C 246 18.88 13.48 12.81
CA GLN C 246 18.80 13.84 14.22
C GLN C 246 17.90 15.03 14.46
N LYS C 247 18.05 16.07 13.65
CA LYS C 247 17.14 17.21 13.65
C LYS C 247 15.64 16.80 13.56
N HIS C 248 15.32 15.85 12.69
CA HIS C 248 13.95 15.40 12.54
C HIS C 248 13.51 14.25 13.44
N GLY C 249 14.42 13.76 14.26
CA GLY C 249 14.13 12.67 15.18
C GLY C 249 14.17 11.28 14.56
N ALA C 250 14.75 11.16 13.38
CA ALA C 250 14.83 9.88 12.66
C ALA C 250 16.19 9.20 12.83
N LEU C 251 16.23 7.90 12.53
CA LEU C 251 17.48 7.14 12.58
C LEU C 251 18.22 7.12 11.25
N LEU C 252 19.53 6.91 11.32
CA LEU C 252 20.34 6.71 10.13
C LEU C 252 20.82 5.27 10.11
N ILE C 253 20.52 4.57 9.03
CA ILE C 253 20.96 3.20 8.83
C ILE C 253 22.07 3.22 7.79
N SER C 254 23.25 2.76 8.14
CA SER C 254 24.32 2.65 7.16
C SER C 254 24.31 1.25 6.57
N ASP C 255 24.03 1.17 5.27
CA ASP C 255 24.04 -0.11 4.58
C ASP C 255 25.49 -0.46 4.22
N GLU C 256 26.09 -1.36 4.99
CA GLU C 256 27.51 -1.71 4.81
C GLU C 256 27.67 -3.06 4.14
N VAL C 257 26.62 -3.54 3.48
CA VAL C 257 26.64 -4.86 2.89
C VAL C 257 27.81 -5.03 1.92
N ILE C 258 28.04 -4.04 1.07
CA ILE C 258 29.17 -4.09 0.14
C ILE C 258 30.42 -3.36 0.64
N CYS C 259 30.24 -2.20 1.26
CA CYS C 259 31.36 -1.42 1.76
C CYS C 259 32.05 -1.99 3.01
N GLY C 260 31.42 -2.94 3.66
CA GLY C 260 31.98 -3.48 4.88
C GLY C 260 33.21 -4.35 4.72
N PHE C 261 34.01 -4.38 5.79
CA PHE C 261 35.11 -5.30 5.93
C PHE C 261 36.27 -5.04 4.98
N GLY C 262 36.69 -3.78 4.94
CA GLY C 262 37.92 -3.38 4.27
C GLY C 262 37.74 -2.90 2.85
N ARG C 263 36.55 -3.04 2.29
CA ARG C 263 36.33 -2.80 0.87
C ARG C 263 36.75 -1.41 0.42
N THR C 264 36.42 -0.39 1.22
CA THR C 264 36.72 1.00 0.87
C THR C 264 38.04 1.52 1.43
N GLY C 265 38.80 0.68 2.12
CA GLY C 265 40.04 1.14 2.72
C GLY C 265 39.87 1.53 4.17
N LYS C 266 38.66 1.37 4.70
CA LYS C 266 38.41 1.44 6.14
C LYS C 266 37.67 0.16 6.52
N ALA C 267 37.56 -0.12 7.82
CA ALA C 267 36.85 -1.31 8.26
C ALA C 267 35.46 -1.27 7.64
N PHE C 268 34.82 -0.10 7.70
CA PHE C 268 33.50 0.11 7.12
C PHE C 268 33.47 1.45 6.40
N GLY C 269 32.58 1.57 5.42
CA GLY C 269 32.52 2.76 4.62
C GLY C 269 32.20 4.01 5.39
N PHE C 270 31.29 3.92 6.37
CA PHE C 270 30.90 5.10 7.14
C PHE C 270 32.09 5.74 7.85
N MSE C 271 33.14 4.96 8.09
CA MSE C 271 34.32 5.49 8.78
C MSE C 271 35.17 6.45 7.95
O MSE C 271 36.07 7.10 8.48
CB MSE C 271 35.17 4.35 9.31
CG MSE C 271 34.45 3.58 10.39
SE MSE C 271 35.50 2.08 11.05
CE MSE C 271 34.21 1.37 12.32
N ASN C 272 34.91 6.51 6.64
CA ASN C 272 35.53 7.52 5.78
C ASN C 272 34.91 8.88 6.04
N TYR C 273 33.72 8.89 6.65
CA TYR C 273 32.89 10.08 6.66
C TYR C 273 32.47 10.62 8.00
N ASP C 274 33.10 10.14 9.08
CA ASP C 274 32.96 10.73 10.42
C ASP C 274 31.55 10.73 11.01
N VAL C 275 30.88 9.59 10.98
CA VAL C 275 29.56 9.46 11.57
C VAL C 275 29.44 8.19 12.43
N LYS C 276 28.58 8.23 13.43
CA LYS C 276 28.25 7.05 14.19
C LYS C 276 26.79 6.70 13.93
N PRO C 277 26.56 5.75 13.03
CA PRO C 277 25.20 5.43 12.57
C PRO C 277 24.38 4.76 13.65
N ASP C 278 23.06 4.93 13.61
CA ASP C 278 22.23 4.30 14.64
C ASP C 278 22.11 2.79 14.43
N ILE C 279 22.17 2.38 13.17
CA ILE C 279 22.05 1.00 12.80
C ILE C 279 23.00 0.75 11.64
N ILE C 280 23.69 -0.38 11.66
CA ILE C 280 24.59 -0.74 10.59
C ILE C 280 24.26 -2.15 10.11
N THR C 281 24.10 -2.34 8.82
CA THR C 281 23.83 -3.67 8.28
C THR C 281 25.03 -4.20 7.50
N MSE C 282 25.26 -5.51 7.61
CA MSE C 282 26.48 -6.13 7.08
C MSE C 282 26.16 -7.50 6.56
O MSE C 282 25.27 -8.17 7.06
CB MSE C 282 27.49 -6.31 8.21
CG MSE C 282 27.95 -5.05 8.84
SE MSE C 282 28.65 -5.42 10.65
CE MSE C 282 27.02 -5.22 11.68
N ALA C 283 26.92 -7.94 5.55
CA ALA C 283 26.83 -9.28 5.01
C ALA C 283 28.09 -9.51 4.17
N LYS C 284 27.93 -10.18 3.02
CA LYS C 284 29.04 -10.35 2.07
C LYS C 284 30.41 -10.66 2.67
N GLY C 285 31.25 -9.63 2.83
CA GLY C 285 32.62 -9.83 3.25
C GLY C 285 32.82 -10.32 4.66
N ILE C 286 31.74 -10.36 5.44
CA ILE C 286 31.84 -10.77 6.85
C ILE C 286 32.43 -12.17 6.98
N THR C 287 32.12 -13.05 6.03
CA THR C 287 32.64 -14.41 5.96
C THR C 287 33.50 -14.62 4.70
N SER C 288 33.84 -13.52 4.00
CA SER C 288 34.38 -13.58 2.64
C SER C 288 33.49 -14.45 1.75
N ALA C 289 32.21 -14.51 2.10
CA ALA C 289 31.20 -15.32 1.41
C ALA C 289 31.45 -16.82 1.42
N TYR C 290 32.32 -17.33 2.28
CA TYR C 290 32.52 -18.77 2.37
C TYR C 290 31.29 -19.46 2.94
N LEU C 291 30.58 -18.77 3.83
CA LEU C 291 29.30 -19.28 4.37
C LEU C 291 28.35 -18.11 4.53
N PRO C 292 27.03 -18.38 4.51
CA PRO C 292 26.08 -17.28 4.61
C PRO C 292 25.94 -16.73 6.03
N LEU C 293 26.08 -15.42 6.15
CA LEU C 293 25.89 -14.76 7.44
C LEU C 293 25.74 -13.29 7.20
N SER C 294 24.86 -12.65 7.99
CA SER C 294 24.74 -11.21 7.98
C SER C 294 24.41 -10.73 9.40
N ALA C 295 24.46 -9.43 9.60
CA ALA C 295 24.26 -8.86 10.93
C ALA C 295 23.65 -7.47 10.85
N THR C 296 22.83 -7.14 11.84
CA THR C 296 22.26 -5.82 12.01
C THR C 296 22.74 -5.31 13.35
N ALA C 297 23.59 -4.29 13.33
CA ALA C 297 24.14 -3.74 14.55
C ALA C 297 23.30 -2.54 14.94
N VAL C 298 22.80 -2.56 16.17
CA VAL C 298 21.94 -1.50 16.66
C VAL C 298 22.52 -0.81 17.88
N LYS C 299 22.41 0.51 17.93
CA LYS C 299 22.93 1.26 19.07
C LYS C 299 22.25 0.78 20.33
N ARG C 300 23.02 0.77 21.41
CA ARG C 300 22.54 0.25 22.68
C ARG C 300 21.31 1.00 23.18
N GLU C 301 21.27 2.31 22.97
CA GLU C 301 20.13 3.07 23.43
C GLU C 301 18.84 2.53 22.78
N ILE C 302 18.92 2.17 21.50
CA ILE C 302 17.77 1.59 20.80
C ILE C 302 17.33 0.22 21.35
N TYR C 303 18.30 -0.65 21.64
CA TYR C 303 18.02 -1.95 22.22
C TYR C 303 17.34 -1.85 23.59
N GLU C 304 17.67 -0.82 24.36
CA GLU C 304 17.10 -0.59 25.69
CA GLU C 304 17.09 -0.63 25.69
C GLU C 304 15.57 -0.52 25.63
N ALA C 305 15.04 -0.11 24.48
CA ALA C 305 13.59 0.07 24.36
C ALA C 305 12.84 -1.25 24.26
N PHE C 306 13.57 -2.34 24.13
CA PHE C 306 12.96 -3.65 23.91
C PHE C 306 13.07 -4.56 25.13
N LYS C 307 13.32 -3.97 26.30
CA LYS C 307 13.59 -4.75 27.51
C LYS C 307 12.41 -4.84 28.50
N GLY C 308 11.29 -4.26 28.11
CA GLY C 308 10.10 -4.20 28.96
C GLY C 308 9.38 -5.51 29.17
N LYS C 309 8.57 -5.54 30.21
CA LYS C 309 7.82 -6.73 30.57
C LYS C 309 6.52 -6.83 29.82
N GLY C 310 6.23 -5.81 29.03
CA GLY C 310 5.01 -5.74 28.28
C GLY C 310 4.93 -6.85 27.26
N GLU C 311 3.73 -7.21 26.92
CA GLU C 311 3.43 -8.38 26.12
C GLU C 311 4.08 -8.32 24.73
N TYR C 312 4.02 -7.17 24.10
CA TYR C 312 4.54 -6.98 22.75
C TYR C 312 5.88 -6.23 22.68
N GLU C 313 6.48 -5.99 23.83
CA GLU C 313 7.70 -5.19 23.95
C GLU C 313 8.99 -5.73 23.32
N PHE C 314 9.19 -7.04 23.35
CA PHE C 314 10.35 -7.66 22.73
C PHE C 314 10.26 -7.81 21.21
N PHE C 315 11.39 -8.02 20.55
CA PHE C 315 11.47 -8.16 19.11
C PHE C 315 10.91 -9.52 18.71
N ARG C 316 9.70 -9.51 18.18
CA ARG C 316 8.97 -10.72 17.84
C ARG C 316 9.31 -11.17 16.43
N HIS C 317 10.54 -11.66 16.28
CA HIS C 317 11.16 -11.95 14.98
C HIS C 317 12.07 -13.14 15.16
N ILE C 318 11.85 -14.19 14.38
CA ILE C 318 12.74 -15.34 14.43
C ILE C 318 13.29 -15.65 13.03
N ASN C 319 14.60 -15.83 12.96
CA ASN C 319 15.30 -16.19 11.74
C ASN C 319 16.00 -17.52 12.02
N THR C 320 15.52 -18.60 11.43
CA THR C 320 15.96 -19.95 11.76
C THR C 320 17.47 -20.13 11.68
N PHE C 321 18.06 -19.76 10.55
CA PHE C 321 19.46 -20.07 10.24
C PHE C 321 20.37 -18.95 10.70
N GLY C 322 19.85 -17.74 10.84
CA GLY C 322 20.70 -16.59 11.09
C GLY C 322 21.62 -16.78 12.28
N GLY C 323 22.90 -16.42 12.10
CA GLY C 323 23.89 -16.63 13.14
C GLY C 323 24.34 -18.08 13.21
N ASN C 324 24.45 -18.73 12.07
CA ASN C 324 24.82 -20.14 12.02
C ASN C 324 26.18 -20.35 12.72
N PRO C 325 26.28 -21.37 13.57
CA PRO C 325 27.52 -21.58 14.33
C PRO C 325 28.79 -21.67 13.47
N ALA C 326 28.77 -22.48 12.41
CA ALA C 326 29.93 -22.61 11.53
C ALA C 326 30.27 -21.29 10.85
N ALA C 327 29.25 -20.54 10.44
CA ALA C 327 29.47 -19.29 9.72
C ALA C 327 30.07 -18.26 10.66
N CYS C 328 29.61 -18.25 11.92
CA CYS C 328 30.16 -17.34 12.92
C CYS C 328 31.61 -17.68 13.25
N ALA C 329 31.92 -18.95 13.43
CA ALA C 329 33.27 -19.38 13.70
C ALA C 329 34.19 -19.05 12.53
N LEU C 330 33.70 -19.29 11.30
CA LEU C 330 34.47 -18.90 10.12
C LEU C 330 34.64 -17.37 10.01
N ALA C 331 33.58 -16.62 10.30
CA ALA C 331 33.66 -15.16 10.27
C ALA C 331 34.71 -14.63 11.25
N LEU C 332 34.77 -15.19 12.47
CA LEU C 332 35.80 -14.78 13.42
C LEU C 332 37.20 -14.95 12.83
N LYS C 333 37.43 -16.09 12.17
CA LYS C 333 38.73 -16.36 11.59
C LYS C 333 38.97 -15.40 10.44
N ASN C 334 37.92 -15.08 9.71
CA ASN C 334 38.02 -14.16 8.60
C ASN C 334 38.40 -12.75 9.04
N LEU C 335 37.83 -12.29 10.15
CA LEU C 335 38.16 -10.99 10.70
C LEU C 335 39.62 -10.94 11.16
N GLU C 336 40.07 -12.03 11.75
CA GLU C 336 41.44 -12.17 12.22
C GLU C 336 42.43 -12.11 11.06
N ILE C 337 42.07 -12.78 9.96
CA ILE C 337 42.87 -12.69 8.73
C ILE C 337 42.97 -11.25 8.20
N ILE C 338 41.84 -10.57 8.07
CA ILE C 338 41.83 -9.22 7.56
C ILE C 338 42.73 -8.31 8.40
N GLU C 339 42.67 -8.49 9.71
CA GLU C 339 43.46 -7.70 10.66
C GLU C 339 44.95 -8.05 10.59
N ASN C 340 45.27 -9.33 10.70
CA ASN C 340 46.65 -9.80 10.70
C ASN C 340 47.40 -9.56 9.38
N GLU C 341 46.70 -9.60 8.24
CA GLU C 341 47.32 -9.36 6.95
C GLU C 341 47.21 -7.91 6.48
N ASN C 342 46.76 -7.03 7.38
CA ASN C 342 46.62 -5.60 7.12
CA ASN C 342 46.70 -5.60 7.05
C ASN C 342 45.86 -5.33 5.81
N LEU C 343 44.76 -6.07 5.62
CA LEU C 343 43.99 -6.02 4.37
C LEU C 343 43.20 -4.74 4.17
N ILE C 344 42.82 -4.10 5.26
CA ILE C 344 42.15 -2.80 5.18
C ILE C 344 43.08 -1.73 4.58
N GLU C 345 44.25 -1.56 5.16
CA GLU C 345 45.20 -0.57 4.68
C GLU C 345 45.65 -0.90 3.27
N ARG C 346 45.84 -2.18 3.01
CA ARG C 346 46.23 -2.63 1.68
C ARG C 346 45.15 -2.30 0.68
N SER C 347 43.89 -2.44 1.06
CA SER C 347 42.83 -2.09 0.15
C SER C 347 42.90 -0.61 -0.16
N ALA C 348 43.14 0.21 0.83
CA ALA C 348 43.26 1.64 0.59
C ALA C 348 44.44 1.97 -0.32
N GLN C 349 45.63 1.47 -0.02
CA GLN C 349 46.79 1.70 -0.90
C GLN C 349 46.74 1.08 -2.30
N MSE C 350 46.33 -0.17 -2.42
CA MSE C 350 46.18 -0.81 -3.71
C MSE C 350 45.08 -0.12 -4.49
O MSE C 350 45.16 0.01 -5.70
CB MSE C 350 45.92 -2.30 -3.58
CG MSE C 350 47.08 -3.11 -3.04
SE MSE C 350 48.75 -3.05 -4.07
CE MSE C 350 48.06 -3.01 -5.84
N GLY C 351 44.03 0.32 -3.80
CA GLY C 351 42.94 1.03 -4.43
C GLY C 351 43.38 2.33 -5.07
N SER C 352 44.23 3.09 -4.38
CA SER C 352 44.75 4.33 -4.94
C SER C 352 45.57 4.04 -6.17
N LEU C 353 46.42 3.01 -6.09
CA LEU C 353 47.27 2.66 -7.20
C LEU C 353 46.44 2.22 -8.38
N LEU C 354 45.41 1.46 -8.10
CA LEU C 354 44.54 0.99 -9.17
C LEU C 354 43.86 2.14 -9.86
N LEU C 355 43.36 3.10 -9.08
CA LEU C 355 42.68 4.26 -9.63
C LEU C 355 43.59 5.17 -10.44
N GLU C 356 44.76 5.46 -9.91
CA GLU C 356 45.68 6.33 -10.63
C GLU C 356 46.23 5.67 -11.87
N GLN C 357 46.58 4.39 -11.78
CA GLN C 357 47.07 3.67 -12.92
C GLN C 357 46.01 3.56 -14.02
N LEU C 358 44.77 3.36 -13.62
CA LEU C 358 43.67 3.31 -14.58
C LEU C 358 43.54 4.65 -15.30
N LYS C 359 43.70 5.74 -14.58
CA LYS C 359 43.60 7.05 -15.20
C LYS C 359 44.71 7.27 -16.23
N GLU C 360 45.90 6.91 -15.85
CA GLU C 360 47.03 7.04 -16.73
CA GLU C 360 47.02 7.05 -16.81
C GLU C 360 46.85 6.14 -17.94
N GLU C 361 46.38 4.93 -17.71
CA GLU C 361 46.25 3.93 -18.76
C GLU C 361 45.10 4.06 -19.74
N ILE C 362 43.89 4.33 -19.25
CA ILE C 362 42.71 4.46 -20.12
C ILE C 362 41.95 5.77 -19.94
N GLY C 363 42.53 6.68 -19.19
CA GLY C 363 41.88 7.94 -18.89
C GLY C 363 41.59 8.77 -20.12
N GLU C 364 42.47 8.69 -21.10
CA GLU C 364 42.38 9.52 -22.29
C GLU C 364 41.54 8.88 -23.39
N HIS C 365 41.04 7.68 -23.13
CA HIS C 365 40.17 7.01 -24.09
C HIS C 365 38.92 7.85 -24.31
N PRO C 366 38.51 8.05 -25.58
CA PRO C 366 37.40 8.97 -25.86
C PRO C 366 36.04 8.59 -25.28
N LEU C 367 35.87 7.35 -24.85
CA LEU C 367 34.58 6.93 -24.31
C LEU C 367 34.62 6.69 -22.80
N VAL C 368 35.73 7.03 -22.17
CA VAL C 368 35.86 6.94 -20.72
C VAL C 368 35.54 8.30 -20.10
N GLY C 369 34.32 8.41 -19.57
CA GLY C 369 33.86 9.66 -19.01
C GLY C 369 34.51 9.98 -17.67
N ASP C 370 34.62 8.98 -16.81
CA ASP C 370 35.12 9.20 -15.43
C ASP C 370 35.65 7.91 -14.83
N ILE C 371 36.71 8.03 -14.03
CA ILE C 371 37.23 6.92 -13.25
C ILE C 371 37.29 7.37 -11.81
N ARG C 372 36.67 6.60 -10.94
CA ARG C 372 36.54 6.97 -9.54
C ARG C 372 36.51 5.73 -8.66
N GLY C 373 36.83 5.91 -7.38
CA GLY C 373 36.74 4.81 -6.44
C GLY C 373 37.29 5.20 -5.09
N LYS C 374 37.22 4.26 -4.15
CA LYS C 374 37.84 4.45 -2.85
C LYS C 374 38.14 3.05 -2.32
N GLY C 375 39.39 2.79 -1.96
CA GLY C 375 39.81 1.44 -1.67
C GLY C 375 39.72 0.59 -2.93
N LEU C 376 39.58 -0.72 -2.75
CA LEU C 376 39.49 -1.65 -3.88
C LEU C 376 38.06 -1.72 -4.36
N LEU C 377 37.58 -0.57 -4.85
CA LEU C 377 36.19 -0.35 -5.21
C LEU C 377 36.23 0.78 -6.22
N VAL C 378 36.07 0.44 -7.50
CA VAL C 378 36.37 1.37 -8.58
C VAL C 378 35.33 1.27 -9.70
N GLY C 379 34.91 2.43 -10.20
CA GLY C 379 33.95 2.51 -11.28
C GLY C 379 34.57 3.25 -12.44
N ILE C 380 34.38 2.72 -13.65
CA ILE C 380 34.82 3.38 -14.87
C ILE C 380 33.56 3.67 -15.67
N GLU C 381 33.18 4.95 -15.74
CA GLU C 381 31.94 5.32 -16.39
C GLU C 381 32.14 5.57 -17.88
N LEU C 382 31.48 4.77 -18.71
CA LEU C 382 31.64 4.90 -20.16
C LEU C 382 30.52 5.74 -20.77
N VAL C 383 30.90 6.63 -21.68
CA VAL C 383 29.98 7.60 -22.25
C VAL C 383 30.17 7.66 -23.77
N ASN C 384 29.12 8.05 -24.49
CA ASN C 384 29.22 8.25 -25.94
C ASN C 384 29.95 9.56 -26.22
N ASP C 385 29.87 10.48 -25.26
CA ASP C 385 30.43 11.82 -25.40
C ASP C 385 30.82 12.35 -24.02
N LYS C 386 32.09 12.76 -23.88
CA LYS C 386 32.63 13.28 -22.63
C LYS C 386 32.04 14.61 -22.19
N GLU C 387 31.51 15.38 -23.14
CA GLU C 387 30.95 16.71 -22.84
C GLU C 387 29.53 16.62 -22.29
N THR C 388 28.71 15.82 -22.96
CA THR C 388 27.31 15.65 -22.58
C THR C 388 27.14 14.59 -21.49
N LYS C 389 28.12 13.68 -21.38
CA LYS C 389 28.13 12.59 -20.39
C LYS C 389 27.04 11.55 -20.70
N GLU C 390 26.62 11.47 -21.95
CA GLU C 390 25.59 10.54 -22.35
C GLU C 390 26.11 9.11 -22.14
N PRO C 391 25.36 8.26 -21.42
CA PRO C 391 25.82 6.90 -21.18
C PRO C 391 26.11 6.18 -22.50
N ILE C 392 27.12 5.34 -22.53
CA ILE C 392 27.48 4.63 -23.74
C ILE C 392 26.37 3.62 -24.06
N ASP C 393 26.31 3.20 -25.32
CA ASP C 393 25.38 2.17 -25.77
C ASP C 393 25.62 0.85 -25.03
N ASN C 394 24.57 0.11 -24.72
CA ASN C 394 24.67 -1.14 -23.98
C ASN C 394 25.52 -2.19 -24.69
N ASP C 395 25.39 -2.27 -26.00
CA ASP C 395 26.17 -3.24 -26.76
CA ASP C 395 26.16 -3.25 -26.75
C ASP C 395 27.66 -2.95 -26.64
N LYS C 396 28.05 -1.69 -26.62
CA LYS C 396 29.45 -1.36 -26.46
C LYS C 396 30.11 -1.73 -25.13
N ILE C 397 29.48 -1.42 -23.99
CA ILE C 397 30.00 -1.80 -22.69
C ILE C 397 29.91 -3.31 -22.53
N ALA C 398 28.84 -3.93 -23.01
CA ALA C 398 28.72 -5.38 -22.92
C ALA C 398 29.85 -6.09 -23.66
N SER C 399 30.27 -5.56 -24.80
CA SER C 399 31.35 -6.20 -25.56
C SER C 399 32.70 -6.09 -24.82
N VAL C 400 32.90 -5.01 -24.08
CA VAL C 400 34.09 -4.87 -23.24
C VAL C 400 34.08 -5.89 -22.10
N VAL C 401 32.94 -6.06 -21.43
CA VAL C 401 32.83 -7.05 -20.36
C VAL C 401 33.14 -8.46 -20.91
N ASN C 402 32.57 -8.78 -22.07
CA ASN C 402 32.78 -10.10 -22.69
C ASN C 402 34.21 -10.32 -23.19
N ALA C 403 34.79 -9.28 -23.79
CA ALA C 403 36.18 -9.33 -24.23
C ALA C 403 37.10 -9.62 -23.07
N CYS C 404 36.88 -8.96 -21.94
CA CYS C 404 37.70 -9.17 -20.73
C CYS C 404 37.58 -10.61 -20.25
N LYS C 405 36.37 -11.13 -20.15
CA LYS C 405 36.18 -12.50 -19.68
C LYS C 405 36.90 -13.53 -20.58
N GLU C 406 36.79 -13.33 -21.88
CA GLU C 406 37.46 -14.14 -22.87
C GLU C 406 38.99 -14.13 -22.65
N LYS C 407 39.52 -13.01 -22.19
CA LYS C 407 40.96 -12.92 -21.93
C LYS C 407 41.31 -13.18 -20.48
N GLY C 408 40.40 -13.76 -19.71
CA GLY C 408 40.71 -14.18 -18.36
C GLY C 408 40.55 -13.14 -17.25
N LEU C 409 39.71 -12.13 -17.48
CA LEU C 409 39.37 -11.16 -16.43
C LEU C 409 37.87 -11.06 -16.24
N ILE C 410 37.41 -11.28 -15.02
CA ILE C 410 36.03 -11.00 -14.71
C ILE C 410 35.91 -9.56 -14.24
N ILE C 411 35.25 -8.72 -15.03
CA ILE C 411 34.96 -7.34 -14.62
C ILE C 411 33.45 -7.16 -14.54
N GLY C 412 33.00 -6.34 -13.60
CA GLY C 412 31.57 -6.15 -13.41
C GLY C 412 31.00 -4.96 -14.15
N ARG C 413 29.68 -4.84 -14.10
CA ARG C 413 28.99 -3.77 -14.78
C ARG C 413 27.71 -3.49 -13.99
N ASN C 414 27.23 -2.26 -13.98
CA ASN C 414 25.97 -1.99 -13.30
C ASN C 414 24.75 -2.26 -14.17
N GLY C 415 24.61 -3.50 -14.60
CA GLY C 415 23.48 -3.94 -15.38
C GLY C 415 22.21 -4.01 -14.56
N MSE C 416 21.08 -3.70 -15.20
CA MSE C 416 19.77 -3.87 -14.59
C MSE C 416 19.67 -3.11 -13.27
O MSE C 416 19.12 -3.61 -12.31
CB MSE C 416 19.47 -5.35 -14.38
CG MSE C 416 19.28 -6.14 -15.67
SE MSE C 416 17.89 -5.45 -16.85
CE MSE C 416 19.04 -4.48 -18.09
N THR C 417 20.24 -1.91 -13.23
CA THR C 417 20.03 -1.04 -12.10
C THR C 417 19.18 0.21 -12.37
N THR C 418 19.60 0.99 -13.38
CA THR C 418 18.86 2.17 -13.78
C THR C 418 18.75 2.19 -15.29
N ALA C 419 17.54 2.35 -15.80
CA ALA C 419 17.35 2.27 -17.24
C ALA C 419 18.07 3.42 -17.94
N GLY C 420 18.81 3.07 -18.99
CA GLY C 420 19.56 4.04 -19.77
C GLY C 420 20.90 4.38 -19.15
N TYR C 421 21.15 3.82 -17.97
CA TYR C 421 22.35 4.14 -17.21
C TYR C 421 23.15 2.91 -16.75
N ASN C 422 23.23 1.92 -17.64
CA ASN C 422 23.86 0.63 -17.35
C ASN C 422 25.31 0.64 -17.83
N ASN C 423 25.87 1.84 -17.89
CA ASN C 423 27.13 2.16 -18.55
C ASN C 423 28.41 2.14 -17.70
N ILE C 424 28.35 1.64 -16.47
CA ILE C 424 29.50 1.75 -15.60
C ILE C 424 30.14 0.40 -15.33
N LEU C 425 31.40 0.25 -15.71
CA LEU C 425 32.21 -0.90 -15.31
C LEU C 425 32.60 -0.83 -13.84
N THR C 426 32.59 -1.98 -13.17
CA THR C 426 32.93 -2.02 -11.75
C THR C 426 34.09 -2.97 -11.45
N LEU C 427 35.05 -2.52 -10.66
CA LEU C 427 36.04 -3.42 -10.08
C LEU C 427 36.01 -3.43 -8.54
N ALA C 428 35.82 -4.61 -7.98
CA ALA C 428 36.05 -4.85 -6.56
C ALA C 428 36.82 -6.15 -6.29
N PRO C 429 38.12 -6.15 -6.55
CA PRO C 429 38.93 -7.36 -6.44
C PRO C 429 39.16 -7.72 -4.97
N PRO C 430 39.57 -8.96 -4.73
CA PRO C 430 39.83 -9.40 -3.36
C PRO C 430 40.96 -8.57 -2.78
N LEU C 431 40.90 -8.30 -1.48
CA LEU C 431 41.80 -7.36 -0.85
C LEU C 431 43.25 -7.82 -0.85
N VAL C 432 43.48 -9.09 -1.18
CA VAL C 432 44.84 -9.64 -1.24
C VAL C 432 45.50 -9.42 -2.59
N ILE C 433 44.80 -8.75 -3.51
CA ILE C 433 45.32 -8.59 -4.87
C ILE C 433 46.68 -7.91 -4.85
N SER C 434 47.56 -8.33 -5.76
CA SER C 434 48.92 -7.84 -5.80
C SER C 434 49.08 -6.81 -6.88
N SER C 435 50.18 -6.07 -6.81
CA SER C 435 50.54 -5.09 -7.80
C SER C 435 50.56 -5.70 -9.20
N GLU C 436 51.08 -6.91 -9.28
CA GLU C 436 51.24 -7.58 -10.56
C GLU C 436 49.88 -8.01 -11.13
N GLU C 437 48.98 -8.43 -10.28
CA GLU C 437 47.65 -8.82 -10.73
C GLU C 437 46.85 -7.58 -11.17
N ILE C 438 47.07 -6.46 -10.50
CA ILE C 438 46.49 -5.17 -10.90
C ILE C 438 46.94 -4.79 -12.30
N ALA C 439 48.22 -5.02 -12.60
CA ALA C 439 48.76 -4.77 -13.93
C ALA C 439 48.04 -5.62 -14.95
N PHE C 440 47.79 -6.89 -14.59
CA PHE C 440 47.04 -7.77 -15.46
C PHE C 440 45.60 -7.25 -15.70
N VAL C 441 44.92 -6.83 -14.63
CA VAL C 441 43.57 -6.26 -14.73
C VAL C 441 43.56 -5.10 -15.71
N ILE C 442 44.42 -4.13 -15.46
CA ILE C 442 44.44 -2.91 -16.25
C ILE C 442 44.89 -3.20 -17.67
N GLY C 443 45.93 -4.01 -17.83
CA GLY C 443 46.41 -4.35 -19.15
C GLY C 443 45.34 -5.03 -19.98
N THR C 444 44.61 -5.96 -19.37
CA THR C 444 43.53 -6.68 -20.05
C THR C 444 42.39 -5.73 -20.41
N LEU C 445 42.00 -4.86 -19.48
CA LEU C 445 40.95 -3.89 -19.74
C LEU C 445 41.36 -2.95 -20.87
N LYS C 446 42.57 -2.40 -20.78
CA LYS C 446 43.08 -1.49 -21.81
C LYS C 446 42.96 -2.10 -23.21
N THR C 447 43.37 -3.34 -23.35
CA THR C 447 43.28 -4.07 -24.61
C THR C 447 41.82 -4.28 -25.06
N ALA C 448 40.94 -4.62 -24.13
CA ALA C 448 39.51 -4.73 -24.43
C ALA C 448 38.90 -3.37 -24.82
N MSE C 449 39.39 -2.29 -24.22
CA MSE C 449 38.90 -0.95 -24.59
C MSE C 449 39.19 -0.61 -26.08
O MSE C 449 38.46 0.18 -26.69
CB MSE C 449 39.45 0.15 -23.65
CG MSE C 449 38.90 0.16 -22.21
SE MSE C 449 37.04 0.59 -22.16
CE MSE C 449 37.11 2.47 -22.78
N GLU C 450 40.20 -1.25 -26.65
CA GLU C 450 40.71 -0.88 -27.94
CA GLU C 450 40.72 -0.90 -27.94
C GLU C 450 39.54 -1.07 -28.86
N ARG C 451 38.71 -2.07 -28.61
CA ARG C 451 37.73 -2.48 -29.62
C ARG C 451 36.48 -1.59 -29.71
N ILE C 452 36.39 -0.59 -28.85
CA ILE C 452 35.36 0.46 -28.91
C ILE C 452 35.95 1.88 -29.02
N ASN D 2 -27.95 47.52 11.20
CA ASN D 2 -28.81 47.89 12.31
C ASN D 2 -30.26 47.46 12.07
N ALA D 3 -30.50 46.16 12.13
CA ALA D 3 -31.81 45.61 11.83
C ALA D 3 -32.89 46.10 12.79
N MSE D 4 -34.08 46.36 12.24
CA MSE D 4 -35.19 46.86 13.02
C MSE D 4 -35.59 45.85 14.10
O MSE D 4 -35.97 46.22 15.21
CB MSE D 4 -36.38 47.22 12.15
CG MSE D 4 -37.37 48.06 12.90
SE MSE D 4 -36.58 49.77 13.26
CE MSE D 4 -36.13 50.16 11.40
N LYS D 5 -35.54 44.58 13.73
CA LYS D 5 -35.80 43.51 14.70
C LYS D 5 -34.49 42.80 14.92
N THR D 6 -34.09 42.62 16.17
CA THR D 6 -32.82 41.98 16.45
C THR D 6 -32.99 40.46 16.34
N LYS D 7 -32.16 39.85 15.49
CA LYS D 7 -32.19 38.42 15.24
C LYS D 7 -31.82 37.63 16.49
N GLN D 8 -32.50 36.50 16.70
CA GLN D 8 -32.24 35.64 17.84
C GLN D 8 -31.05 34.71 17.63
N THR D 9 -29.87 35.21 17.93
CA THR D 9 -28.62 34.48 17.79
C THR D 9 -28.39 33.33 18.75
N ASP D 10 -28.81 33.46 19.99
CA ASP D 10 -28.42 32.50 21.01
C ASP D 10 -28.77 31.08 20.71
N GLU D 11 -30.01 30.85 20.29
CA GLU D 11 -30.43 29.50 19.98
C GLU D 11 -29.66 28.94 18.79
N LEU D 12 -29.46 29.77 17.78
CA LEU D 12 -28.76 29.35 16.57
C LEU D 12 -27.31 29.00 16.89
N LEU D 13 -26.67 29.83 17.70
CA LEU D 13 -25.31 29.59 18.11
C LEU D 13 -25.20 28.35 18.96
N ALA D 14 -26.15 28.16 19.85
CA ALA D 14 -26.16 26.99 20.69
C ALA D 14 -26.35 25.73 19.87
N LYS D 15 -27.25 25.78 18.89
CA LYS D 15 -27.51 24.66 18.00
C LYS D 15 -26.29 24.32 17.14
N ASP D 16 -25.62 25.33 16.62
CA ASP D 16 -24.40 25.08 15.86
C ASP D 16 -23.39 24.30 16.68
N GLU D 17 -23.12 24.78 17.89
CA GLU D 17 -22.13 24.15 18.74
C GLU D 17 -22.51 22.72 19.06
N GLN D 18 -23.78 22.51 19.38
CA GLN D 18 -24.24 21.19 19.68
C GLN D 18 -24.26 20.17 18.52
N TYR D 19 -24.71 20.61 17.34
CA TYR D 19 -24.89 19.71 16.21
C TYR D 19 -23.98 19.79 14.98
N VAL D 20 -23.24 20.87 14.82
CA VAL D 20 -22.45 21.02 13.60
C VAL D 20 -20.94 20.82 13.77
N TRP D 21 -20.39 19.98 12.89
CA TRP D 21 -18.97 19.72 12.89
C TRP D 21 -18.35 20.62 11.82
N HIS D 22 -17.43 21.48 12.23
CA HIS D 22 -16.82 22.43 11.31
C HIS D 22 -15.46 21.99 10.82
N GLY D 23 -15.31 22.01 9.50
CA GLY D 23 -14.05 21.64 8.89
C GLY D 23 -12.93 22.63 9.12
N MSE D 24 -11.72 22.10 9.26
CA MSE D 24 -10.51 22.88 9.36
C MSE D 24 -10.35 23.88 10.50
O MSE D 24 -9.74 24.93 10.31
CB MSE D 24 -10.28 23.60 8.02
CG MSE D 24 -8.85 23.98 7.75
SE MSE D 24 -7.66 22.45 7.69
CE MSE D 24 -8.29 21.62 6.07
N ARG D 25 -10.90 23.60 11.68
CA ARG D 25 -10.67 24.53 12.80
C ARG D 25 -10.78 23.96 14.21
N PRO D 26 -10.04 24.58 15.12
CA PRO D 26 -10.03 24.20 16.53
C PRO D 26 -11.40 24.44 17.10
N PHE D 27 -11.80 23.68 18.11
CA PHE D 27 -13.12 23.86 18.65
C PHE D 27 -13.13 25.18 19.39
N SER D 28 -13.88 26.11 18.83
CA SER D 28 -14.04 27.46 19.35
C SER D 28 -15.43 27.93 18.96
N PRO D 29 -16.45 27.42 19.63
CA PRO D 29 -17.83 27.74 19.26
C PRO D 29 -18.09 29.24 19.35
N ASN D 30 -17.49 29.89 20.34
CA ASN D 30 -17.70 31.32 20.52
C ASN D 30 -17.11 32.19 19.40
N SER D 31 -16.30 31.58 18.53
CA SER D 31 -15.68 32.28 17.41
C SER D 31 -16.42 32.04 16.09
N THR D 32 -17.45 31.21 16.12
CA THR D 32 -18.16 30.85 14.90
C THR D 32 -18.86 32.06 14.29
N THR D 33 -18.61 32.31 13.00
CA THR D 33 -19.35 33.30 12.22
C THR D 33 -20.45 32.63 11.43
N VAL D 34 -21.70 32.92 11.76
CA VAL D 34 -22.82 32.37 11.00
C VAL D 34 -23.23 33.36 9.91
N GLY D 35 -22.96 33.01 8.65
CA GLY D 35 -23.31 33.90 7.56
C GLY D 35 -24.81 34.01 7.43
N ALA D 36 -25.29 35.22 7.12
CA ALA D 36 -26.72 35.48 7.05
C ALA D 36 -27.13 35.89 5.65
N LYS D 37 -26.38 36.80 5.06
CA LYS D 37 -26.68 37.30 3.72
C LYS D 37 -25.42 37.91 3.07
N ALA D 38 -25.53 38.29 1.81
CA ALA D 38 -24.36 38.76 1.07
C ALA D 38 -24.79 39.44 -0.22
N GLU D 39 -23.92 40.32 -0.71
CA GLU D 39 -24.14 41.06 -1.94
C GLU D 39 -22.80 41.57 -2.45
N GLY D 40 -22.48 41.28 -3.71
CA GLY D 40 -21.24 41.74 -4.31
C GLY D 40 -20.03 41.06 -3.72
N CYS D 41 -19.16 41.85 -3.08
CA CYS D 41 -17.96 41.34 -2.42
C CYS D 41 -18.10 41.30 -0.90
N TRP D 42 -19.28 41.66 -0.40
CA TRP D 42 -19.51 41.81 1.03
C TRP D 42 -20.44 40.74 1.59
N VAL D 43 -20.06 40.15 2.72
CA VAL D 43 -20.93 39.21 3.40
C VAL D 43 -21.30 39.78 4.75
N GLU D 44 -22.39 39.28 5.32
CA GLU D 44 -22.91 39.78 6.60
C GLU D 44 -23.30 38.62 7.49
N ASP D 45 -22.95 38.68 8.78
CA ASP D 45 -23.29 37.59 9.69
C ASP D 45 -24.64 37.80 10.38
N ILE D 46 -25.05 36.85 11.20
CA ILE D 46 -26.36 36.94 11.84
C ILE D 46 -26.46 38.09 12.84
N GLN D 47 -25.31 38.57 13.35
CA GLN D 47 -25.28 39.72 14.24
C GLN D 47 -25.38 41.04 13.48
N GLY D 48 -25.25 40.97 12.16
CA GLY D 48 -25.35 42.14 11.33
C GLY D 48 -24.04 42.80 10.93
N LYS D 49 -22.90 42.25 11.36
CA LYS D 49 -21.59 42.77 10.96
C LYS D 49 -21.27 42.40 9.50
N ARG D 50 -20.69 43.34 8.78
CA ARG D 50 -20.35 43.15 7.38
CA ARG D 50 -20.37 43.10 7.38
C ARG D 50 -18.83 43.06 7.16
N TYR D 51 -18.43 42.24 6.20
CA TYR D 51 -17.04 42.03 5.90
C TYR D 51 -16.82 42.03 4.39
N LEU D 52 -15.74 42.64 3.94
CA LEU D 52 -15.33 42.43 2.55
C LEU D 52 -14.72 41.05 2.52
N ASP D 53 -15.26 40.18 1.67
CA ASP D 53 -14.76 38.82 1.58
C ASP D 53 -13.59 38.77 0.61
N GLY D 54 -12.39 38.97 1.14
CA GLY D 54 -11.19 38.94 0.35
C GLY D 54 -10.78 37.55 -0.10
N MSE D 55 -11.59 36.54 0.25
CA MSE D 55 -11.32 35.14 -0.15
C MSE D 55 -12.37 34.49 -1.06
O MSE D 55 -12.26 33.31 -1.40
CB MSE D 55 -11.10 34.27 1.09
CG MSE D 55 -9.73 34.42 1.71
SE MSE D 55 -8.32 33.76 0.48
CE MSE D 55 -8.79 31.82 0.55
N SER D 56 -13.40 35.24 -1.46
CA SER D 56 -14.46 34.69 -2.28
C SER D 56 -14.99 33.41 -1.65
N GLY D 57 -15.29 33.45 -0.36
CA GLY D 57 -15.72 32.26 0.35
C GLY D 57 -14.54 31.34 0.59
N LEU D 58 -14.30 30.41 -0.34
CA LEU D 58 -13.07 29.63 -0.38
C LEU D 58 -12.54 29.59 -1.80
N TRP D 59 -12.00 30.71 -2.28
CA TRP D 59 -11.48 30.81 -3.65
C TRP D 59 -12.54 30.51 -4.71
N CYS D 60 -13.82 30.70 -4.42
CA CYS D 60 -14.85 30.08 -5.28
C CYS D 60 -16.01 30.95 -5.74
N VAL D 61 -16.34 32.00 -4.98
CA VAL D 61 -17.47 32.87 -5.35
C VAL D 61 -17.03 33.93 -6.35
N ASN D 62 -16.65 33.48 -7.55
CA ASN D 62 -15.94 34.31 -8.52
C ASN D 62 -16.76 35.47 -9.09
N SER D 63 -18.04 35.23 -9.32
CA SER D 63 -18.92 36.26 -9.88
C SER D 63 -19.53 37.16 -8.83
N GLY D 64 -19.25 36.88 -7.57
CA GLY D 64 -19.74 37.73 -6.50
C GLY D 64 -21.04 37.18 -5.92
N TYR D 65 -21.43 37.73 -4.78
CA TYR D 65 -22.62 37.31 -4.09
C TYR D 65 -23.85 38.03 -4.59
N GLY D 66 -25.00 37.51 -4.21
CA GLY D 66 -26.29 38.10 -4.52
C GLY D 66 -26.64 38.21 -5.98
N ARG D 67 -26.27 37.21 -6.77
CA ARG D 67 -26.59 37.21 -8.18
C ARG D 67 -27.98 36.64 -8.36
N LYS D 68 -28.91 37.52 -8.63
CA LYS D 68 -30.29 37.12 -8.84
C LYS D 68 -30.41 36.23 -10.07
N GLU D 69 -29.64 36.53 -11.10
CA GLU D 69 -29.68 35.77 -12.35
C GLU D 69 -29.33 34.31 -12.07
N LEU D 70 -28.34 34.09 -11.22
CA LEU D 70 -27.94 32.73 -10.88
C LEU D 70 -29.02 31.97 -10.14
N ALA D 71 -29.70 32.65 -9.22
CA ALA D 71 -30.76 32.02 -8.45
C ALA D 71 -31.91 31.62 -9.36
N GLU D 72 -32.25 32.48 -10.31
CA GLU D 72 -33.32 32.21 -11.24
C GLU D 72 -33.02 31.02 -12.14
N ALA D 73 -31.78 30.92 -12.60
CA ALA D 73 -31.41 29.82 -13.49
C ALA D 73 -31.58 28.49 -12.78
N ALA D 74 -31.16 28.41 -11.52
CA ALA D 74 -31.34 27.19 -10.74
C ALA D 74 -32.81 26.90 -10.52
N TYR D 75 -33.56 27.95 -10.21
CA TYR D 75 -34.98 27.84 -9.92
C TYR D 75 -35.76 27.33 -11.12
N LYS D 76 -35.44 27.86 -12.30
CA LYS D 76 -36.13 27.44 -13.52
C LYS D 76 -35.87 25.96 -13.83
N GLN D 77 -34.64 25.52 -13.66
CA GLN D 77 -34.30 24.11 -13.88
C GLN D 77 -34.94 23.16 -12.87
N LEU D 78 -35.01 23.57 -11.60
CA LEU D 78 -35.58 22.76 -10.54
C LEU D 78 -37.05 22.49 -10.81
N GLN D 79 -37.70 23.45 -11.46
CA GLN D 79 -39.10 23.33 -11.85
C GLN D 79 -39.30 22.46 -13.10
N THR D 80 -38.24 22.21 -13.87
CA THR D 80 -38.39 21.49 -15.14
C THR D 80 -38.01 20.02 -14.97
N LEU D 81 -36.77 19.77 -14.54
CA LEU D 81 -36.32 18.44 -14.16
C LEU D 81 -35.25 18.55 -13.07
N SER D 82 -35.58 18.04 -11.89
CA SER D 82 -34.65 18.00 -10.78
C SER D 82 -33.45 17.05 -10.92
N TYR D 83 -33.69 15.85 -11.43
CA TYR D 83 -32.67 14.83 -11.51
C TYR D 83 -32.82 13.97 -12.77
N PHE D 84 -31.69 13.60 -13.34
CA PHE D 84 -31.57 12.53 -14.30
C PHE D 84 -30.16 11.94 -14.17
N PRO D 85 -30.04 10.62 -14.12
CA PRO D 85 -28.73 9.99 -13.92
C PRO D 85 -27.79 10.28 -15.07
N MSE D 86 -26.51 10.46 -14.75
CA MSE D 86 -25.54 10.77 -15.79
C MSE D 86 -25.04 9.56 -16.56
O MSE D 86 -24.21 9.69 -17.43
CB MSE D 86 -24.41 11.67 -15.28
CG MSE D 86 -24.79 13.14 -15.17
SE MSE D 86 -25.67 13.94 -16.73
CE MSE D 86 -24.21 13.82 -17.98
N SER D 87 -25.53 8.38 -16.20
CA SER D 87 -25.39 7.21 -17.07
C SER D 87 -26.20 7.56 -18.31
N GLN D 88 -27.34 8.18 -18.07
CA GLN D 88 -28.16 8.83 -19.07
C GLN D 88 -27.77 10.31 -19.15
N SER D 89 -28.61 11.13 -19.77
CA SER D 89 -28.29 12.54 -19.96
C SER D 89 -29.43 13.54 -19.73
N HIS D 90 -29.07 14.81 -19.58
CA HIS D 90 -30.02 15.92 -19.53
C HIS D 90 -29.44 17.14 -20.27
N GLU D 91 -30.31 18.06 -20.67
CA GLU D 91 -29.89 19.17 -21.52
C GLU D 91 -28.88 20.11 -20.87
N PRO D 92 -29.08 20.46 -19.58
CA PRO D 92 -28.10 21.31 -18.90
C PRO D 92 -26.69 20.72 -18.91
N ALA D 93 -26.55 19.41 -18.69
CA ALA D 93 -25.23 18.78 -18.73
C ALA D 93 -24.63 18.83 -20.13
N ILE D 94 -25.46 18.57 -21.14
CA ILE D 94 -24.99 18.58 -22.52
C ILE D 94 -24.53 19.98 -22.95
N LYS D 95 -25.34 20.98 -22.67
CA LYS D 95 -24.98 22.36 -22.98
C LYS D 95 -23.75 22.83 -22.22
N LEU D 96 -23.61 22.42 -20.97
CA LEU D 96 -22.47 22.86 -20.18
C LEU D 96 -21.18 22.20 -20.69
N ALA D 97 -21.25 20.91 -20.99
CA ALA D 97 -20.10 20.16 -21.51
C ALA D 97 -19.59 20.80 -22.80
N GLU D 98 -20.52 21.17 -23.68
CA GLU D 98 -20.18 21.86 -24.90
C GLU D 98 -19.55 23.24 -24.60
N LYS D 99 -20.11 23.96 -23.64
CA LYS D 99 -19.62 25.29 -23.29
C LYS D 99 -18.23 25.21 -22.66
N LEU D 100 -18.03 24.23 -21.78
CA LEU D 100 -16.71 24.02 -21.14
C LEU D 100 -15.66 23.69 -22.17
N ASN D 101 -16.05 22.94 -23.18
CA ASN D 101 -15.15 22.59 -24.25
C ASN D 101 -14.70 23.87 -24.99
N GLU D 102 -15.61 24.78 -25.26
CA GLU D 102 -15.26 26.08 -25.82
C GLU D 102 -14.29 26.85 -24.94
N TRP D 103 -14.63 26.96 -23.67
CA TRP D 103 -13.79 27.69 -22.73
C TRP D 103 -12.39 27.09 -22.67
N LEU D 104 -12.30 25.78 -22.68
CA LEU D 104 -11.03 25.06 -22.62
C LEU D 104 -10.17 25.24 -23.86
N GLY D 105 -10.81 25.49 -24.99
CA GLY D 105 -10.14 25.57 -26.27
C GLY D 105 -10.23 24.29 -27.06
N GLY D 106 -10.94 23.32 -26.52
CA GLY D 106 -11.21 22.08 -27.23
C GLY D 106 -9.95 21.25 -27.21
N GLU D 107 -10.03 19.99 -27.59
CA GLU D 107 -11.28 19.28 -27.70
C GLU D 107 -11.22 18.25 -26.58
N TYR D 108 -12.21 18.30 -25.71
CA TYR D 108 -12.27 17.51 -24.50
C TYR D 108 -13.64 16.89 -24.34
N VAL D 109 -13.68 15.80 -23.58
CA VAL D 109 -14.91 15.13 -23.21
C VAL D 109 -15.02 15.31 -21.70
N ILE D 110 -16.20 15.68 -21.23
CA ILE D 110 -16.37 16.08 -19.83
C ILE D 110 -17.11 15.03 -18.98
N PHE D 111 -16.50 14.63 -17.87
CA PHE D 111 -17.20 13.82 -16.88
C PHE D 111 -17.53 14.68 -15.67
N PHE D 112 -18.80 14.74 -15.28
CA PHE D 112 -19.22 15.62 -14.19
C PHE D 112 -19.20 14.94 -12.81
N SER D 113 -18.71 15.70 -11.84
CA SER D 113 -18.60 15.32 -10.44
C SER D 113 -19.05 16.52 -9.60
N ASN D 114 -19.09 16.37 -8.29
CA ASN D 114 -19.58 17.44 -7.40
C ASN D 114 -18.46 18.29 -6.88
N SER D 115 -17.37 17.66 -6.44
CA SER D 115 -16.29 18.39 -5.80
C SER D 115 -14.98 18.33 -6.57
N GLY D 116 -14.04 19.21 -6.23
CA GLY D 116 -12.73 19.18 -6.86
C GLY D 116 -11.99 17.92 -6.48
N SER D 117 -12.17 17.42 -5.26
CA SER D 117 -11.56 16.15 -4.83
C SER D 117 -12.06 14.97 -5.68
N GLU D 118 -13.36 14.90 -5.90
CA GLU D 118 -13.94 13.88 -6.78
C GLU D 118 -13.45 14.00 -8.22
N ALA D 119 -13.31 15.24 -8.70
CA ALA D 119 -12.85 15.48 -10.07
C ALA D 119 -11.43 14.93 -10.26
N ASN D 120 -10.58 15.12 -9.26
CA ASN D 120 -9.21 14.63 -9.31
C ASN D 120 -9.16 13.12 -9.16
N GLU D 121 -9.99 12.56 -8.28
CA GLU D 121 -10.10 11.10 -8.16
C GLU D 121 -10.48 10.50 -9.51
N THR D 122 -11.42 11.12 -10.18
CA THR D 122 -11.90 10.63 -11.47
C THR D 122 -10.77 10.64 -12.51
N ALA D 123 -9.96 11.70 -12.50
CA ALA D 123 -8.80 11.80 -13.37
C ALA D 123 -7.79 10.68 -13.13
N PHE D 124 -7.56 10.33 -11.87
CA PHE D 124 -6.66 9.22 -11.56
C PHE D 124 -7.17 7.90 -12.15
N LYS D 125 -8.45 7.60 -11.98
CA LYS D 125 -9.04 6.33 -12.40
C LYS D 125 -9.04 6.21 -13.92
N ILE D 126 -9.38 7.32 -14.58
CA ILE D 126 -9.36 7.39 -16.03
C ILE D 126 -7.96 7.17 -16.54
N ALA D 127 -6.96 7.81 -15.91
CA ALA D 127 -5.57 7.63 -16.35
C ALA D 127 -5.15 6.18 -16.26
N ARG D 128 -5.46 5.53 -15.14
CA ARG D 128 -5.09 4.12 -14.97
C ARG D 128 -5.80 3.19 -15.94
N GLN D 129 -7.09 3.38 -16.14
CA GLN D 129 -7.83 2.50 -17.05
C GLN D 129 -7.43 2.77 -18.49
N TYR D 130 -7.18 4.04 -18.82
CA TYR D 130 -6.69 4.38 -20.14
C TYR D 130 -5.44 3.58 -20.49
N TYR D 131 -4.44 3.61 -19.62
CA TYR D 131 -3.22 2.85 -19.90
C TYR D 131 -3.45 1.32 -19.91
N ALA D 132 -4.31 0.83 -19.02
CA ALA D 132 -4.60 -0.60 -19.01
C ALA D 132 -5.19 -1.02 -20.35
N GLN D 133 -5.88 -0.10 -21.01
CA GLN D 133 -6.55 -0.44 -22.27
C GLN D 133 -5.73 -0.08 -23.51
N LYS D 134 -4.54 0.51 -23.30
CA LYS D 134 -3.66 0.87 -24.40
C LYS D 134 -2.41 0.02 -24.35
N GLY D 135 -2.51 -1.10 -23.65
CA GLY D 135 -1.42 -2.04 -23.55
C GLY D 135 -0.28 -1.66 -22.62
N GLU D 136 -0.54 -0.77 -21.66
CA GLU D 136 0.48 -0.41 -20.69
C GLU D 136 -0.08 -0.47 -19.27
N PRO D 137 -0.41 -1.68 -18.84
CA PRO D 137 -1.07 -1.92 -17.56
C PRO D 137 -0.21 -1.51 -16.37
N HIS D 138 1.10 -1.54 -16.56
CA HIS D 138 2.07 -1.25 -15.51
C HIS D 138 2.11 0.22 -15.06
N ARG D 139 1.50 1.10 -15.83
CA ARG D 139 1.55 2.52 -15.49
C ARG D 139 0.46 2.81 -14.47
N TYR D 140 0.86 2.96 -13.20
CA TYR D 140 -0.09 3.29 -12.15
C TYR D 140 0.26 4.51 -11.30
N LYS D 141 1.51 4.98 -11.41
CA LYS D 141 2.02 6.00 -10.50
C LYS D 141 1.53 7.42 -10.83
N PHE D 142 1.34 8.23 -9.79
CA PHE D 142 0.99 9.63 -9.95
C PHE D 142 2.03 10.47 -9.26
N MSE D 143 2.39 11.57 -9.89
CA MSE D 143 3.44 12.42 -9.39
C MSE D 143 2.93 13.83 -9.21
O MSE D 143 2.17 14.32 -10.02
CB MSE D 143 4.62 12.40 -10.36
CG MSE D 143 5.89 13.05 -9.85
SE MSE D 143 7.37 12.88 -11.12
CE MSE D 143 6.94 11.13 -11.76
N SER D 144 3.35 14.48 -8.15
CA SER D 144 2.93 15.84 -7.83
CA SER D 144 2.99 15.88 -7.94
C SER D 144 4.05 16.58 -7.11
N ARG D 145 3.73 17.77 -6.60
CA ARG D 145 4.73 18.59 -5.91
C ARG D 145 4.46 18.65 -4.41
N TYR D 146 5.54 18.67 -3.66
CA TYR D 146 5.45 18.89 -2.24
C TYR D 146 4.89 20.30 -2.09
N ARG D 147 4.07 20.48 -1.07
CA ARG D 147 3.44 21.77 -0.74
C ARG D 147 2.20 22.05 -1.58
N GLY D 148 1.78 21.07 -2.36
CA GLY D 148 0.58 21.15 -3.16
C GLY D 148 -0.59 20.52 -2.45
N TYR D 149 -1.73 20.80 -3.00
CA TYR D 149 -2.96 20.20 -2.51
C TYR D 149 -3.80 19.73 -3.67
N HIS D 150 -4.41 18.57 -3.54
CA HIS D 150 -5.33 18.12 -4.60
C HIS D 150 -6.64 17.53 -4.11
N GLY D 151 -6.84 17.50 -2.80
CA GLY D 151 -8.10 17.00 -2.26
C GLY D 151 -8.05 16.42 -0.86
N ASN D 152 -9.23 16.02 -0.38
CA ASN D 152 -9.41 15.62 1.01
C ASN D 152 -9.71 14.13 1.17
N THR D 153 -9.65 13.40 0.06
CA THR D 153 -9.87 11.97 0.09
C THR D 153 -8.54 11.22 0.23
N MSE D 154 -8.59 9.92 0.53
CA MSE D 154 -7.37 9.16 0.72
C MSE D 154 -6.41 9.26 -0.47
O MSE D 154 -5.20 9.42 -0.27
CB MSE D 154 -7.65 7.67 1.02
CG MSE D 154 -8.36 7.38 2.34
SE MSE D 154 -7.27 7.75 3.96
CE MSE D 154 -8.55 7.17 5.39
N ALA D 155 -6.91 9.21 -1.70
CA ALA D 155 -6.03 9.23 -2.86
C ALA D 155 -5.59 10.63 -3.20
N THR D 156 -6.46 11.61 -3.05
CA THR D 156 -6.05 12.99 -3.30
C THR D 156 -5.16 13.53 -2.19
N MSE D 157 -5.30 12.99 -0.97
CA MSE D 157 -4.34 13.28 0.11
C MSE D 157 -2.99 12.63 -0.16
O MSE D 157 -1.95 13.20 0.13
CB MSE D 157 -4.86 12.82 1.45
CG MSE D 157 -5.87 13.75 2.08
SE MSE D 157 -6.23 13.19 3.93
CE MSE D 157 -7.22 11.53 3.56
N ALA D 158 -3.01 11.43 -0.73
CA ALA D 158 -1.77 10.79 -1.15
C ALA D 158 -1.02 11.65 -2.17
N ALA D 159 -1.76 12.26 -3.09
CA ALA D 159 -1.21 13.16 -4.11
C ALA D 159 -0.88 14.55 -3.58
N THR D 160 -1.35 14.83 -2.37
CA THR D 160 -1.16 16.11 -1.71
C THR D 160 0.20 16.18 -1.04
N GLY D 161 0.83 17.35 -1.05
CA GLY D 161 2.17 17.52 -0.50
C GLY D 161 2.18 18.41 0.74
N GLN D 162 1.00 18.61 1.31
CA GLN D 162 0.83 19.37 2.55
C GLN D 162 0.57 18.39 3.68
N ALA D 163 1.62 18.10 4.45
CA ALA D 163 1.55 17.05 5.46
C ALA D 163 0.56 17.36 6.58
N GLN D 164 0.23 18.62 6.79
CA GLN D 164 -0.68 18.97 7.87
C GLN D 164 -2.12 18.62 7.50
N ARG D 165 -2.34 18.32 6.22
CA ARG D 165 -3.63 17.83 5.73
C ARG D 165 -3.68 16.31 5.68
N ARG D 166 -2.57 15.66 6.00
CA ARG D 166 -2.45 14.21 5.84
C ARG D 166 -2.26 13.53 7.18
N TYR D 167 -1.66 14.23 8.13
CA TYR D 167 -1.15 13.56 9.31
C TYR D 167 -2.31 12.93 10.09
N GLN D 168 -2.13 11.65 10.44
CA GLN D 168 -3.08 10.89 11.25
C GLN D 168 -4.26 10.40 10.42
N TYR D 169 -4.18 10.54 9.10
CA TYR D 169 -5.16 9.92 8.21
C TYR D 169 -4.47 8.82 7.41
N GLU D 170 -3.16 8.73 7.57
CA GLU D 170 -2.34 7.71 6.89
C GLU D 170 -2.57 6.39 7.60
N PRO D 171 -2.18 5.25 6.99
CA PRO D 171 -1.44 5.06 5.74
C PRO D 171 -2.28 5.22 4.47
N PHE D 172 -1.60 5.69 3.42
CA PHE D 172 -2.19 5.90 2.10
C PHE D 172 -1.74 4.79 1.14
N ALA D 173 -2.24 4.78 -0.09
CA ALA D 173 -1.79 3.79 -1.08
C ALA D 173 -0.40 4.13 -1.57
N SER D 174 0.32 3.13 -2.08
CA SER D 174 1.63 3.39 -2.69
C SER D 174 1.44 3.97 -4.11
N GLY D 175 2.51 4.43 -4.72
CA GLY D 175 2.43 4.86 -6.10
C GLY D 175 2.21 6.36 -6.27
N PHE D 176 2.29 7.08 -5.17
CA PHE D 176 2.22 8.54 -5.23
C PHE D 176 3.59 9.10 -4.92
N LEU D 177 4.13 9.89 -5.84
CA LEU D 177 5.50 10.42 -5.75
C LEU D 177 5.45 11.91 -5.72
N HIS D 178 6.45 12.55 -5.11
CA HIS D 178 6.47 14.00 -5.05
C HIS D 178 7.83 14.56 -5.40
N VAL D 179 7.82 15.76 -5.96
CA VAL D 179 9.04 16.48 -6.30
C VAL D 179 9.00 17.89 -5.71
N THR D 180 10.15 18.53 -5.71
CA THR D 180 10.27 19.88 -5.21
C THR D 180 9.38 20.82 -6.02
N PRO D 181 8.65 21.71 -5.32
CA PRO D 181 7.81 22.70 -6.00
C PRO D 181 8.64 23.91 -6.45
N PRO D 182 8.35 24.45 -7.63
CA PRO D 182 9.02 25.67 -8.08
C PRO D 182 8.47 26.84 -7.28
N ASP D 183 9.36 27.66 -6.75
CA ASP D 183 8.98 28.78 -5.91
C ASP D 183 10.02 29.87 -6.18
N CYS D 184 9.66 30.86 -6.99
CA CYS D 184 10.61 31.88 -7.42
C CYS D 184 11.05 32.82 -6.32
N TYR D 185 10.40 32.75 -5.17
CA TYR D 185 10.81 33.54 -4.01
C TYR D 185 11.93 32.85 -3.23
N ARG D 186 11.75 31.57 -2.89
CA ARG D 186 12.75 30.82 -2.12
C ARG D 186 13.86 30.22 -3.01
N MSE D 187 13.67 30.27 -4.33
CA MSE D 187 14.69 29.83 -5.27
C MSE D 187 14.97 30.93 -6.24
O MSE D 187 14.57 30.84 -7.41
CB MSE D 187 14.19 28.67 -6.08
CG MSE D 187 13.79 27.51 -5.24
SE MSE D 187 12.93 26.08 -6.27
CE MSE D 187 13.83 24.72 -5.16
N PRO D 188 15.63 32.00 -5.77
CA PRO D 188 15.77 33.22 -6.56
C PRO D 188 16.59 33.01 -7.84
N GLY D 189 16.18 33.65 -8.93
CA GLY D 189 16.88 33.46 -10.20
C GLY D 189 16.56 32.20 -11.01
N ILE D 190 15.69 31.34 -10.54
CA ILE D 190 15.25 30.25 -11.41
C ILE D 190 14.47 30.79 -12.59
N GLU D 191 13.79 31.91 -12.38
CA GLU D 191 13.06 32.58 -13.43
C GLU D 191 13.97 33.03 -14.57
N ARG D 192 15.16 33.48 -14.23
CA ARG D 192 16.19 33.84 -15.20
C ARG D 192 16.76 32.70 -16.04
N GLU D 193 16.94 31.54 -15.43
CA GLU D 193 17.63 30.40 -16.03
C GLU D 193 16.93 29.88 -17.27
N ASN D 194 17.69 29.19 -18.14
CA ASN D 194 17.08 28.40 -19.19
CA ASN D 194 17.09 28.36 -19.17
C ASN D 194 16.33 27.27 -18.43
N ILE D 195 15.05 27.12 -18.72
CA ILE D 195 14.18 26.25 -17.92
C ILE D 195 14.74 24.85 -17.70
N TYR D 196 15.43 24.30 -18.69
CA TYR D 196 15.88 22.92 -18.56
C TYR D 196 17.14 22.76 -17.75
N ASP D 197 17.67 23.89 -17.28
CA ASP D 197 18.79 23.86 -16.35
C ASP D 197 18.29 24.05 -14.91
N VAL D 198 17.00 24.29 -14.76
CA VAL D 198 16.42 24.47 -13.43
C VAL D 198 16.31 23.13 -12.72
N GLU D 199 16.82 23.08 -11.51
CA GLU D 199 16.95 21.83 -10.78
C GLU D 199 15.63 21.11 -10.53
N CYS D 200 14.58 21.84 -10.14
CA CYS D 200 13.30 21.20 -9.86
C CYS D 200 12.56 20.80 -11.15
N VAL D 201 13.07 21.25 -12.30
CA VAL D 201 12.57 20.80 -13.60
C VAL D 201 13.30 19.53 -14.02
N LYS D 202 14.61 19.53 -13.85
CA LYS D 202 15.40 18.33 -14.04
C LYS D 202 14.92 17.19 -13.13
N GLU D 203 14.55 17.54 -11.90
CA GLU D 203 14.01 16.57 -10.96
C GLU D 203 12.83 15.76 -11.51
N VAL D 204 11.93 16.41 -12.22
CA VAL D 204 10.77 15.71 -12.80
C VAL D 204 11.25 14.62 -13.75
N ASP D 205 12.16 14.98 -14.65
CA ASP D 205 12.68 14.04 -15.65
C ASP D 205 13.46 12.91 -14.98
N ARG D 206 14.34 13.28 -14.04
CA ARG D 206 15.14 12.29 -13.32
C ARG D 206 14.29 11.27 -12.57
N VAL D 207 13.35 11.73 -11.75
CA VAL D 207 12.47 10.84 -10.99
C VAL D 207 11.66 9.91 -11.91
N MSE D 208 11.23 10.41 -13.06
CA MSE D 208 10.49 9.58 -13.98
C MSE D 208 11.38 8.47 -14.54
O MSE D 208 10.94 7.33 -14.68
CB MSE D 208 9.87 10.41 -15.08
CG MSE D 208 8.62 11.19 -14.64
SE MSE D 208 7.62 11.97 -16.16
CE MSE D 208 6.21 12.92 -15.20
N THR D 209 12.62 8.81 -14.84
CA THR D 209 13.62 7.84 -15.29
C THR D 209 13.94 6.81 -14.20
N TRP D 210 14.08 7.29 -12.96
CA TRP D 210 14.50 6.46 -11.84
C TRP D 210 13.41 5.57 -11.30
N GLU D 211 12.16 5.97 -11.53
CA GLU D 211 10.99 5.17 -11.18
C GLU D 211 10.59 4.21 -12.32
N LEU D 212 11.17 4.42 -13.50
CA LEU D 212 10.87 3.72 -14.75
C LEU D 212 9.68 4.34 -15.44
N SER D 213 9.92 4.91 -16.62
CA SER D 213 8.89 5.63 -17.36
C SER D 213 7.62 4.80 -17.43
N GLU D 214 7.81 3.50 -17.63
CA GLU D 214 6.72 2.56 -17.88
C GLU D 214 5.76 2.37 -16.71
N THR D 215 6.09 2.92 -15.55
CA THR D 215 5.22 2.79 -14.39
C THR D 215 4.49 4.10 -14.03
N ILE D 216 4.78 5.18 -14.77
CA ILE D 216 4.19 6.50 -14.50
C ILE D 216 2.92 6.76 -15.31
N ALA D 217 1.79 6.98 -14.63
CA ALA D 217 0.52 7.27 -15.32
C ALA D 217 0.34 8.76 -15.62
N ALA D 218 0.55 9.61 -14.62
CA ALA D 218 0.32 11.04 -14.81
C ALA D 218 1.04 11.92 -13.81
N PHE D 219 1.28 13.16 -14.20
CA PHE D 219 1.80 14.20 -13.32
C PHE D 219 0.63 15.13 -13.07
N ILE D 220 0.32 15.42 -11.81
CA ILE D 220 -0.75 16.36 -11.53
C ILE D 220 -0.20 17.64 -10.88
N MSE D 221 -0.70 18.78 -11.33
CA MSE D 221 -0.23 20.05 -10.81
C MSE D 221 -1.23 21.17 -11.03
O MSE D 221 -1.88 21.22 -12.06
CB MSE D 221 1.09 20.41 -11.46
CG MSE D 221 1.03 20.54 -12.97
SE MSE D 221 2.67 21.35 -13.72
CE MSE D 221 2.40 23.21 -13.24
N GLU D 222 -1.36 22.05 -10.05
CA GLU D 222 -1.94 23.36 -10.26
C GLU D 222 -0.93 24.21 -11.00
N PRO D 223 -1.40 25.08 -11.91
CA PRO D 223 -0.48 26.01 -12.60
C PRO D 223 0.23 26.96 -11.63
N ILE D 224 -0.46 27.31 -10.56
CA ILE D 224 0.11 28.04 -9.45
C ILE D 224 -0.30 27.27 -8.22
N ILE D 225 0.59 27.11 -7.24
CA ILE D 225 0.22 26.39 -6.04
C ILE D 225 -0.45 27.41 -5.14
N THR D 226 -1.77 27.35 -5.08
CA THR D 226 -2.56 28.36 -4.41
C THR D 226 -2.75 28.19 -2.92
N GLY D 227 -3.33 27.07 -2.52
CA GLY D 227 -3.59 26.81 -1.12
C GLY D 227 -2.30 26.78 -0.35
N GLY D 228 -1.28 26.23 -0.99
CA GLY D 228 0.04 26.07 -0.41
C GLY D 228 0.72 27.37 -0.03
N GLY D 229 0.39 28.46 -0.71
CA GLY D 229 1.07 29.71 -0.45
C GLY D 229 1.23 30.64 -1.63
N ILE D 230 0.47 30.41 -2.68
CA ILE D 230 0.57 31.18 -3.91
C ILE D 230 1.99 31.09 -4.46
N LEU D 231 2.54 29.89 -4.43
CA LEU D 231 3.89 29.65 -4.94
C LEU D 231 3.86 29.68 -6.46
N MSE D 232 4.76 30.45 -7.03
CA MSE D 232 4.79 30.62 -8.48
C MSE D 232 6.07 30.13 -9.17
O MSE D 232 7.17 30.28 -8.65
CB MSE D 232 4.51 32.07 -8.82
CG MSE D 232 3.01 32.35 -8.67
SE MSE D 232 2.69 34.20 -8.75
CE MSE D 232 3.08 34.47 -10.65
N ALA D 233 5.88 29.56 -10.35
CA ALA D 233 6.97 28.94 -11.11
C ALA D 233 7.50 29.84 -12.21
N PRO D 234 8.69 29.54 -12.74
CA PRO D 234 9.16 30.24 -13.93
C PRO D 234 8.15 30.07 -15.06
N GLN D 235 8.14 31.02 -15.99
CA GLN D 235 7.19 31.04 -17.10
C GLN D 235 7.14 29.72 -17.88
N ASP D 236 8.31 29.12 -18.14
CA ASP D 236 8.37 27.93 -18.99
C ASP D 236 8.27 26.63 -18.22
N TYR D 237 8.02 26.71 -16.92
CA TYR D 237 7.98 25.50 -16.09
C TYR D 237 6.91 24.52 -16.56
N MSE D 238 5.66 24.99 -16.70
CA MSE D 238 4.60 24.06 -17.00
C MSE D 238 4.78 23.40 -18.37
O MSE D 238 4.51 22.22 -18.54
CB MSE D 238 3.24 24.72 -16.89
CG MSE D 238 2.09 23.72 -16.97
SE MSE D 238 0.40 24.49 -16.40
CE MSE D 238 -0.67 22.81 -16.31
N LYS D 239 5.27 24.17 -19.33
CA LYS D 239 5.55 23.62 -20.65
C LYS D 239 6.66 22.57 -20.61
N ALA D 240 7.69 22.83 -19.82
CA ALA D 240 8.78 21.87 -19.66
C ALA D 240 8.30 20.58 -19.00
N VAL D 241 7.48 20.72 -17.97
CA VAL D 241 6.88 19.55 -17.33
C VAL D 241 6.01 18.75 -18.30
N HIS D 242 5.24 19.43 -19.13
CA HIS D 242 4.45 18.73 -20.11
C HIS D 242 5.30 17.98 -21.15
N GLU D 243 6.37 18.61 -21.61
CA GLU D 243 7.26 17.98 -22.56
C GLU D 243 7.95 16.78 -21.93
N THR D 244 8.19 16.86 -20.61
CA THR D 244 8.79 15.75 -19.89
C THR D 244 7.81 14.59 -19.74
N CYS D 245 6.55 14.89 -19.43
CA CYS D 245 5.52 13.85 -19.37
C CYS D 245 5.44 13.12 -20.71
N GLN D 246 5.40 13.90 -21.78
CA GLN D 246 5.31 13.33 -23.12
C GLN D 246 6.51 12.47 -23.46
N LYS D 247 7.69 12.96 -23.14
CA LYS D 247 8.91 12.16 -23.28
C LYS D 247 8.78 10.76 -22.61
N HIS D 248 8.21 10.71 -21.41
CA HIS D 248 8.09 9.44 -20.65
C HIS D 248 6.78 8.68 -20.89
N GLY D 249 5.92 9.22 -21.76
CA GLY D 249 4.67 8.57 -22.09
C GLY D 249 3.56 8.77 -21.09
N ALA D 250 3.73 9.73 -20.17
CA ALA D 250 2.74 10.00 -19.11
C ALA D 250 1.84 11.19 -19.44
N LEU D 251 0.72 11.27 -18.74
CA LEU D 251 -0.25 12.36 -18.94
C LEU D 251 0.03 13.53 -18.00
N LEU D 252 -0.40 14.72 -18.40
CA LEU D 252 -0.38 15.88 -17.53
C LEU D 252 -1.80 16.26 -17.17
N ILE D 253 -2.08 16.32 -15.87
CA ILE D 253 -3.36 16.75 -15.35
C ILE D 253 -3.19 18.15 -14.77
N SER D 254 -3.93 19.11 -15.29
CA SER D 254 -3.89 20.46 -14.73
C SER D 254 -5.01 20.58 -13.72
N ASP D 255 -4.65 20.74 -12.46
CA ASP D 255 -5.64 20.95 -11.42
C ASP D 255 -6.06 22.42 -11.46
N GLU D 256 -7.24 22.68 -12.01
CA GLU D 256 -7.76 24.05 -12.16
C GLU D 256 -8.84 24.38 -11.15
N VAL D 257 -8.88 23.63 -10.06
CA VAL D 257 -9.96 23.79 -9.08
C VAL D 257 -10.02 25.24 -8.56
N ILE D 258 -8.88 25.81 -8.21
CA ILE D 258 -8.84 27.17 -7.73
C ILE D 258 -8.52 28.18 -8.83
N CYS D 259 -7.59 27.84 -9.73
CA CYS D 259 -7.19 28.74 -10.80
C CYS D 259 -8.21 28.91 -11.92
N GLY D 260 -9.24 28.06 -11.94
CA GLY D 260 -10.21 28.11 -13.01
C GLY D 260 -11.19 29.27 -12.96
N PHE D 261 -11.71 29.61 -14.14
CA PHE D 261 -12.80 30.57 -14.30
C PHE D 261 -12.45 32.00 -13.92
N GLY D 262 -11.32 32.46 -14.46
CA GLY D 262 -10.92 33.86 -14.41
C GLY D 262 -10.01 34.26 -13.27
N ARG D 263 -9.77 33.33 -12.35
CA ARG D 263 -9.06 33.62 -11.12
C ARG D 263 -7.70 34.25 -11.36
N THR D 264 -6.91 33.70 -12.31
CA THR D 264 -5.56 34.21 -12.58
C THR D 264 -5.48 35.26 -13.69
N GLY D 265 -6.61 35.67 -14.24
CA GLY D 265 -6.59 36.64 -15.32
C GLY D 265 -6.67 35.99 -16.70
N LYS D 266 -6.77 34.67 -16.72
CA LYS D 266 -7.08 33.91 -17.94
C LYS D 266 -8.26 33.02 -17.59
N ALA D 267 -8.92 32.43 -18.58
CA ALA D 267 -10.05 31.55 -18.30
C ALA D 267 -9.59 30.48 -17.34
N PHE D 268 -8.41 29.92 -17.58
CA PHE D 268 -7.81 28.92 -16.71
C PHE D 268 -6.33 29.20 -16.54
N GLY D 269 -5.77 28.73 -15.43
CA GLY D 269 -4.37 28.98 -15.13
C GLY D 269 -3.40 28.49 -16.16
N PHE D 270 -3.66 27.32 -16.74
CA PHE D 270 -2.71 26.75 -17.68
C PHE D 270 -2.52 27.64 -18.91
N MSE D 271 -3.48 28.50 -19.16
CA MSE D 271 -3.43 29.36 -20.34
C MSE D 271 -2.42 30.47 -20.22
O MSE D 271 -2.10 31.14 -21.20
CB MSE D 271 -4.80 29.91 -20.67
CG MSE D 271 -5.75 28.81 -21.14
SE MSE D 271 -7.53 29.50 -21.51
CE MSE D 271 -8.36 27.79 -22.05
N ASN D 272 -1.90 30.69 -19.02
CA ASN D 272 -0.80 31.62 -18.85
C ASN D 272 0.50 31.04 -19.37
N TYR D 273 0.52 29.71 -19.53
CA TYR D 273 1.78 28.98 -19.66
C TYR D 273 1.92 28.16 -20.93
N ASP D 274 1.01 28.34 -21.87
CA ASP D 274 1.17 27.77 -23.21
C ASP D 274 1.22 26.23 -23.28
N VAL D 275 0.31 25.56 -22.57
CA VAL D 275 0.22 24.11 -22.62
C VAL D 275 -1.21 23.67 -22.93
N LYS D 276 -1.37 22.46 -23.45
CA LYS D 276 -2.66 21.89 -23.63
CA LYS D 276 -2.69 21.91 -23.64
C LYS D 276 -2.61 20.64 -22.80
N PRO D 277 -3.15 20.65 -21.58
CA PRO D 277 -3.07 19.47 -20.70
C PRO D 277 -3.93 18.32 -21.20
N ASP D 278 -3.57 17.10 -20.83
CA ASP D 278 -4.35 15.93 -21.24
C ASP D 278 -5.66 15.82 -20.48
N ILE D 279 -5.65 16.28 -19.23
CA ILE D 279 -6.82 16.23 -18.40
C ILE D 279 -6.85 17.52 -17.60
N ILE D 280 -8.04 18.10 -17.44
CA ILE D 280 -8.21 19.32 -16.65
C ILE D 280 -9.33 19.09 -15.65
N THR D 281 -9.08 19.42 -14.39
CA THR D 281 -10.08 19.28 -13.36
C THR D 281 -10.51 20.66 -12.83
N MSE D 282 -11.81 20.78 -12.53
CA MSE D 282 -12.44 22.08 -12.25
C MSE D 282 -13.51 21.89 -11.21
O MSE D 282 -14.14 20.84 -11.13
CB MSE D 282 -13.14 22.59 -13.50
CG MSE D 282 -12.23 22.90 -14.66
SE MSE D 282 -13.24 22.87 -16.36
CE MSE D 282 -13.17 20.98 -16.77
N ALA D 283 -13.74 22.95 -10.43
CA ALA D 283 -14.83 23.00 -9.46
C ALA D 283 -14.97 24.47 -9.04
N LYS D 284 -15.21 24.70 -7.75
CA LYS D 284 -15.26 26.05 -7.17
C LYS D 284 -15.96 27.11 -8.03
N GLY D 285 -15.19 27.89 -8.77
CA GLY D 285 -15.75 29.00 -9.53
C GLY D 285 -16.67 28.64 -10.68
N ILE D 286 -16.74 27.37 -11.03
CA ILE D 286 -17.59 26.93 -12.15
C ILE D 286 -19.05 27.38 -11.95
N THR D 287 -19.52 27.37 -10.70
CA THR D 287 -20.86 27.81 -10.34
C THR D 287 -20.80 29.02 -9.40
N SER D 288 -19.62 29.61 -9.28
CA SER D 288 -19.33 30.62 -8.25
C SER D 288 -19.72 30.09 -6.88
N ALA D 289 -19.71 28.75 -6.79
CA ALA D 289 -20.04 28.03 -5.57
C ALA D 289 -21.50 28.20 -5.11
N TYR D 290 -22.40 28.67 -5.97
CA TYR D 290 -23.80 28.77 -5.60
C TYR D 290 -24.43 27.38 -5.46
N LEU D 291 -23.94 26.44 -6.27
CA LEU D 291 -24.36 25.04 -6.16
C LEU D 291 -23.15 24.14 -6.41
N PRO D 292 -23.18 22.90 -5.87
CA PRO D 292 -22.03 22.01 -6.04
C PRO D 292 -21.93 21.38 -7.44
N LEU D 293 -20.77 21.53 -8.05
CA LEU D 293 -20.54 20.95 -9.37
C LEU D 293 -19.04 20.95 -9.63
N SER D 294 -18.55 19.89 -10.27
CA SER D 294 -17.18 19.86 -10.74
C SER D 294 -17.12 19.08 -12.04
N ALA D 295 -15.97 19.12 -12.70
CA ALA D 295 -15.81 18.48 -14.00
C ALA D 295 -14.38 18.02 -14.21
N THR D 296 -14.24 16.93 -14.94
CA THR D 296 -12.95 16.40 -15.36
C THR D 296 -12.98 16.38 -16.88
N ALA D 297 -12.18 17.24 -17.50
CA ALA D 297 -12.15 17.35 -18.95
C ALA D 297 -11.00 16.51 -19.45
N VAL D 298 -11.28 15.60 -20.36
CA VAL D 298 -10.30 14.66 -20.86
C VAL D 298 -10.07 14.80 -22.38
N LYS D 299 -8.80 14.79 -22.81
CA LYS D 299 -8.49 14.94 -24.22
C LYS D 299 -9.19 13.81 -24.93
N ARG D 300 -9.62 14.08 -26.14
CA ARG D 300 -10.56 13.13 -26.74
C ARG D 300 -9.92 11.84 -27.20
N GLU D 301 -8.65 11.89 -27.53
CA GLU D 301 -7.95 10.68 -27.88
C GLU D 301 -8.02 9.70 -26.70
N ILE D 302 -7.94 10.20 -25.47
CA ILE D 302 -8.05 9.34 -24.30
C ILE D 302 -9.43 8.68 -24.18
N TYR D 303 -10.49 9.45 -24.36
CA TYR D 303 -11.86 8.94 -24.34
C TYR D 303 -12.08 7.82 -25.36
N GLU D 304 -11.37 7.89 -26.50
CA GLU D 304 -11.51 6.90 -27.59
C GLU D 304 -11.16 5.50 -27.11
N ALA D 305 -10.32 5.41 -26.10
CA ALA D 305 -9.84 4.13 -25.59
C ALA D 305 -10.92 3.40 -24.77
N PHE D 306 -12.05 4.06 -24.51
CA PHE D 306 -13.09 3.48 -23.65
C PHE D 306 -14.35 3.08 -24.46
N LYS D 307 -14.18 2.94 -25.77
CA LYS D 307 -15.30 2.75 -26.68
C LYS D 307 -15.50 1.30 -27.12
N GLY D 308 -14.62 0.42 -26.68
CA GLY D 308 -14.69 -0.97 -27.11
C GLY D 308 -15.90 -1.76 -26.61
N LYS D 309 -16.05 -2.97 -27.15
CA LYS D 309 -17.17 -3.86 -26.81
C LYS D 309 -16.86 -4.77 -25.63
N GLY D 310 -15.61 -4.77 -25.20
CA GLY D 310 -15.19 -5.60 -24.08
C GLY D 310 -15.89 -5.28 -22.76
N GLU D 311 -16.08 -6.33 -21.97
CA GLU D 311 -16.78 -6.28 -20.70
C GLU D 311 -16.36 -5.11 -19.79
N TYR D 312 -15.06 -4.87 -19.68
CA TYR D 312 -14.50 -3.92 -18.71
C TYR D 312 -13.95 -2.68 -19.39
N GLU D 313 -14.28 -2.49 -20.67
CA GLU D 313 -13.65 -1.43 -21.46
C GLU D 313 -14.19 -0.04 -21.19
N PHE D 314 -15.40 0.05 -20.65
CA PHE D 314 -15.95 1.36 -20.35
C PHE D 314 -15.64 1.80 -18.91
N PHE D 315 -15.84 3.10 -18.65
CA PHE D 315 -15.58 3.67 -17.33
C PHE D 315 -16.65 3.21 -16.36
N ARG D 316 -16.27 2.27 -15.50
CA ARG D 316 -17.18 1.67 -14.52
C ARG D 316 -17.20 2.48 -13.23
N HIS D 317 -17.81 3.66 -13.33
CA HIS D 317 -17.76 4.68 -12.29
C HIS D 317 -19.10 5.39 -12.30
N ILE D 318 -19.81 5.39 -11.17
CA ILE D 318 -21.06 6.13 -11.09
C ILE D 318 -21.00 7.15 -9.93
N ASN D 319 -21.38 8.38 -10.22
CA ASN D 319 -21.44 9.48 -9.24
C ASN D 319 -22.88 9.98 -9.23
N THR D 320 -23.62 9.68 -8.18
CA THR D 320 -25.06 9.90 -8.15
C THR D 320 -25.47 11.34 -8.51
N PHE D 321 -24.90 12.31 -7.79
CA PHE D 321 -25.31 13.71 -7.92
C PHE D 321 -24.54 14.45 -9.02
N GLY D 322 -23.36 13.96 -9.39
CA GLY D 322 -22.48 14.70 -10.29
C GLY D 322 -23.16 15.15 -11.58
N GLY D 323 -23.02 16.42 -11.93
CA GLY D 323 -23.71 16.98 -13.08
C GLY D 323 -25.18 17.27 -12.78
N ASN D 324 -25.44 17.78 -11.59
CA ASN D 324 -26.81 18.06 -11.16
C ASN D 324 -27.44 19.07 -12.12
N PRO D 325 -28.67 18.80 -12.57
CA PRO D 325 -29.33 19.69 -13.54
C PRO D 325 -29.35 21.18 -13.14
N ALA D 326 -29.80 21.49 -11.92
CA ALA D 326 -29.82 22.88 -11.48
C ALA D 326 -28.43 23.51 -11.45
N ALA D 327 -27.43 22.76 -11.00
CA ALA D 327 -26.05 23.25 -10.91
C ALA D 327 -25.49 23.53 -12.29
N CYS D 328 -25.80 22.66 -13.24
CA CYS D 328 -25.36 22.86 -14.62
C CYS D 328 -26.02 24.08 -15.25
N ALA D 329 -27.33 24.23 -15.08
CA ALA D 329 -28.03 25.40 -15.60
C ALA D 329 -27.49 26.68 -14.99
N LEU D 330 -27.24 26.65 -13.67
CA LEU D 330 -26.67 27.81 -13.00
C LEU D 330 -25.24 28.09 -13.50
N ALA D 331 -24.46 27.02 -13.71
CA ALA D 331 -23.10 27.17 -14.21
C ALA D 331 -23.05 27.85 -15.57
N LEU D 332 -23.95 27.46 -16.47
CA LEU D 332 -24.04 28.08 -17.79
C LEU D 332 -24.29 29.58 -17.65
N LYS D 333 -25.19 29.96 -16.76
CA LYS D 333 -25.46 31.38 -16.54
C LYS D 333 -24.23 32.07 -15.93
N ASN D 334 -23.55 31.37 -15.04
CA ASN D 334 -22.34 31.91 -14.43
C ASN D 334 -21.24 32.20 -15.47
N LEU D 335 -21.06 31.27 -16.40
CA LEU D 335 -20.07 31.45 -17.45
C LEU D 335 -20.45 32.62 -18.36
N GLU D 336 -21.74 32.77 -18.64
CA GLU D 336 -22.22 33.88 -19.46
C GLU D 336 -21.95 35.21 -18.76
N ILE D 337 -22.15 35.24 -17.45
CA ILE D 337 -21.86 36.44 -16.66
C ILE D 337 -20.38 36.80 -16.73
N ILE D 338 -19.51 35.84 -16.46
CA ILE D 338 -18.09 36.09 -16.48
C ILE D 338 -17.65 36.67 -17.83
N GLU D 339 -18.18 36.12 -18.92
CA GLU D 339 -17.87 36.56 -20.28
C GLU D 339 -18.43 37.96 -20.55
N ASN D 340 -19.73 38.13 -20.32
CA ASN D 340 -20.41 39.41 -20.58
C ASN D 340 -19.90 40.59 -19.76
N GLU D 341 -19.47 40.36 -18.53
CA GLU D 341 -18.94 41.43 -17.70
C GLU D 341 -17.42 41.54 -17.75
N ASN D 342 -16.80 40.81 -18.67
CA ASN D 342 -15.36 40.90 -18.90
C ASN D 342 -14.59 40.66 -17.59
N LEU D 343 -15.04 39.69 -16.80
CA LEU D 343 -14.46 39.42 -15.48
C LEU D 343 -13.06 38.81 -15.53
N ILE D 344 -12.74 38.12 -16.62
CA ILE D 344 -11.40 37.56 -16.77
C ILE D 344 -10.38 38.70 -16.86
N GLU D 345 -10.63 39.64 -17.76
CA GLU D 345 -9.73 40.78 -17.92
C GLU D 345 -9.76 41.70 -16.67
N ARG D 346 -10.92 41.83 -16.03
CA ARG D 346 -11.02 42.62 -14.79
C ARG D 346 -10.17 41.95 -13.68
N SER D 347 -10.11 40.63 -13.69
CA SER D 347 -9.24 39.91 -12.74
C SER D 347 -7.76 40.26 -13.01
N ALA D 348 -7.34 40.19 -14.27
CA ALA D 348 -5.98 40.56 -14.64
C ALA D 348 -5.68 41.99 -14.18
N GLN D 349 -6.59 42.92 -14.48
CA GLN D 349 -6.33 44.34 -14.22
C GLN D 349 -6.43 44.74 -12.74
N MSE D 350 -7.50 44.32 -12.06
CA MSE D 350 -7.62 44.54 -10.62
C MSE D 350 -6.55 43.78 -9.86
O MSE D 350 -6.10 44.22 -8.79
CB MSE D 350 -8.99 44.09 -10.11
CG MSE D 350 -10.16 44.91 -10.59
SE MSE D 350 -9.98 46.86 -10.29
CE MSE D 350 -9.16 46.82 -8.57
N GLY D 351 -6.13 42.64 -10.40
CA GLY D 351 -5.04 41.88 -9.81
C GLY D 351 -3.72 42.63 -9.84
N SER D 352 -3.41 43.26 -10.96
CA SER D 352 -2.16 44.04 -11.07
C SER D 352 -2.19 45.20 -10.13
N LEU D 353 -3.33 45.88 -10.10
CA LEU D 353 -3.50 47.05 -9.25
C LEU D 353 -3.35 46.65 -7.80
N LEU D 354 -3.94 45.52 -7.44
CA LEU D 354 -3.86 45.04 -6.07
C LEU D 354 -2.40 44.72 -5.72
N LEU D 355 -1.70 44.05 -6.63
CA LEU D 355 -0.29 43.77 -6.42
C LEU D 355 0.59 45.02 -6.36
N GLU D 356 0.37 45.95 -7.29
CA GLU D 356 1.17 47.17 -7.34
C GLU D 356 0.98 48.03 -6.11
N GLN D 357 -0.28 48.15 -5.68
CA GLN D 357 -0.64 48.90 -4.49
C GLN D 357 -0.12 48.27 -3.21
N LEU D 358 -0.19 46.95 -3.13
CA LEU D 358 0.23 46.26 -1.92
C LEU D 358 1.71 46.49 -1.68
N LYS D 359 2.49 46.41 -2.74
CA LYS D 359 3.91 46.63 -2.64
C LYS D 359 4.17 48.06 -2.21
N GLU D 360 3.42 48.99 -2.76
CA GLU D 360 3.57 50.38 -2.40
C GLU D 360 3.23 50.62 -0.93
N GLU D 361 2.11 50.08 -0.49
CA GLU D 361 1.66 50.21 0.89
C GLU D 361 2.36 49.47 2.04
N ILE D 362 2.69 48.20 1.85
CA ILE D 362 3.32 47.42 2.91
C ILE D 362 4.64 46.78 2.55
N GLY D 363 5.04 46.92 1.29
CA GLY D 363 6.26 46.29 0.81
C GLY D 363 7.50 46.59 1.64
N GLU D 364 7.58 47.78 2.20
CA GLU D 364 8.70 48.26 3.02
CA GLU D 364 8.75 48.16 3.00
C GLU D 364 8.60 47.73 4.45
N HIS D 365 7.47 47.12 4.80
CA HIS D 365 7.28 46.60 6.15
C HIS D 365 8.36 45.55 6.45
N PRO D 366 9.00 45.65 7.63
CA PRO D 366 10.16 44.77 7.88
C PRO D 366 9.83 43.27 7.95
N LEU D 367 8.56 42.90 8.06
CA LEU D 367 8.21 41.47 8.18
C LEU D 367 7.51 40.98 6.94
N VAL D 368 7.46 41.81 5.90
CA VAL D 368 6.90 41.38 4.62
C VAL D 368 8.03 40.91 3.70
N GLY D 369 8.16 39.59 3.56
CA GLY D 369 9.23 39.04 2.75
C GLY D 369 8.99 39.15 1.27
N ASP D 370 7.75 38.89 0.84
CA ASP D 370 7.46 38.88 -0.58
C ASP D 370 5.98 39.12 -0.84
N ILE D 371 5.68 39.85 -1.92
CA ILE D 371 4.31 40.00 -2.38
C ILE D 371 4.27 39.57 -3.83
N ARG D 372 3.35 38.66 -4.14
CA ARG D 372 3.33 38.04 -5.46
C ARG D 372 1.90 37.64 -5.77
N GLY D 373 1.60 37.44 -7.06
CA GLY D 373 0.30 36.99 -7.48
C GLY D 373 0.16 37.07 -8.99
N LYS D 374 -0.99 36.65 -9.48
CA LYS D 374 -1.35 36.77 -10.88
C LYS D 374 -2.86 36.77 -10.92
N GLY D 375 -3.44 37.80 -11.53
CA GLY D 375 -4.87 37.97 -11.46
C GLY D 375 -5.27 38.28 -10.03
N LEU D 376 -6.52 38.03 -9.68
CA LEU D 376 -7.00 38.32 -8.33
C LEU D 376 -6.68 37.13 -7.44
N LEU D 377 -5.38 36.89 -7.29
CA LEU D 377 -4.83 35.76 -6.58
C LEU D 377 -3.47 36.22 -6.09
N VAL D 378 -3.36 36.56 -4.81
CA VAL D 378 -2.19 37.26 -4.29
C VAL D 378 -1.74 36.68 -2.94
N GLY D 379 -0.43 36.52 -2.79
CA GLY D 379 0.16 36.01 -1.56
C GLY D 379 1.10 37.05 -0.98
N ILE D 380 0.99 37.30 0.32
CA ILE D 380 1.92 38.16 1.03
C ILE D 380 2.65 37.27 2.05
N GLU D 381 3.92 36.97 1.77
CA GLU D 381 4.71 36.07 2.61
C GLU D 381 5.36 36.82 3.78
N LEU D 382 4.98 36.46 5.00
CA LEU D 382 5.52 37.13 6.18
C LEU D 382 6.69 36.36 6.76
N VAL D 383 7.76 37.08 7.11
CA VAL D 383 8.99 36.47 7.57
C VAL D 383 9.50 37.17 8.84
N ASN D 384 10.24 36.46 9.68
CA ASN D 384 10.87 37.09 10.84
C ASN D 384 12.06 37.93 10.37
N ASP D 385 12.62 37.54 9.24
CA ASP D 385 13.83 38.16 8.71
C ASP D 385 13.85 38.07 7.19
N LYS D 386 13.97 39.23 6.52
CA LYS D 386 13.96 39.34 5.07
C LYS D 386 15.17 38.67 4.40
N GLU D 387 16.28 38.58 5.13
CA GLU D 387 17.52 38.04 4.58
C GLU D 387 17.51 36.51 4.57
N THR D 388 17.13 35.93 5.71
CA THR D 388 17.06 34.48 5.87
C THR D 388 15.75 33.89 5.33
N LYS D 389 14.71 34.74 5.22
CA LYS D 389 13.38 34.32 4.77
C LYS D 389 12.69 33.36 5.76
N GLU D 390 13.10 33.41 7.02
CA GLU D 390 12.49 32.56 8.04
C GLU D 390 11.01 32.91 8.19
N PRO D 391 10.12 31.91 8.07
CA PRO D 391 8.69 32.17 8.20
C PRO D 391 8.39 32.86 9.52
N ILE D 392 7.43 33.79 9.51
CA ILE D 392 7.07 34.53 10.72
C ILE D 392 6.42 33.57 11.71
N ASP D 393 6.44 33.94 12.99
CA ASP D 393 5.77 33.17 14.05
C ASP D 393 4.27 33.06 13.78
N ASN D 394 3.67 31.93 14.12
CA ASN D 394 2.26 31.73 13.82
C ASN D 394 1.42 32.78 14.52
N ASP D 395 1.83 33.12 15.73
CA ASP D 395 1.10 34.03 16.57
C ASP D 395 0.99 35.40 15.90
N LYS D 396 2.06 35.87 15.29
CA LYS D 396 2.03 37.11 14.54
C LYS D 396 1.15 37.14 13.30
N ILE D 397 1.20 36.13 12.45
CA ILE D 397 0.33 36.11 11.29
C ILE D 397 -1.14 35.94 11.68
N ALA D 398 -1.38 35.10 12.67
CA ALA D 398 -2.75 34.90 13.16
C ALA D 398 -3.37 36.20 13.67
N SER D 399 -2.57 37.02 14.34
CA SER D 399 -3.11 38.27 14.90
C SER D 399 -3.47 39.25 13.79
N VAL D 400 -2.78 39.17 12.66
CA VAL D 400 -3.08 40.02 11.51
C VAL D 400 -4.39 39.59 10.85
N VAL D 401 -4.59 38.28 10.68
CA VAL D 401 -5.83 37.80 10.10
C VAL D 401 -7.00 38.20 11.02
N ASN D 402 -6.82 38.05 12.32
CA ASN D 402 -7.84 38.41 13.29
C ASN D 402 -8.15 39.90 13.29
N ALA D 403 -7.11 40.71 13.21
CA ALA D 403 -7.26 42.16 13.22
C ALA D 403 -8.05 42.62 12.01
N CYS D 404 -7.77 42.02 10.87
CA CYS D 404 -8.47 42.39 9.66
C CYS D 404 -9.97 42.09 9.79
N LYS D 405 -10.29 40.92 10.34
CA LYS D 405 -11.68 40.52 10.50
C LYS D 405 -12.44 41.47 11.41
N GLU D 406 -11.80 41.91 12.48
CA GLU D 406 -12.42 42.83 13.42
C GLU D 406 -12.79 44.09 12.68
N LYS D 407 -11.95 44.45 11.73
CA LYS D 407 -12.13 45.64 10.93
C LYS D 407 -12.92 45.42 9.65
N GLY D 408 -13.57 44.28 9.53
CA GLY D 408 -14.39 44.03 8.36
C GLY D 408 -13.77 43.48 7.09
N LEU D 409 -12.60 42.88 7.21
CA LEU D 409 -11.96 42.27 6.05
C LEU D 409 -11.68 40.80 6.32
N ILE D 410 -12.19 39.93 5.47
CA ILE D 410 -11.79 38.53 5.55
C ILE D 410 -10.57 38.31 4.67
N ILE D 411 -9.44 37.99 5.29
CA ILE D 411 -8.22 37.66 4.55
C ILE D 411 -7.85 36.22 4.89
N GLY D 412 -7.28 35.50 3.93
CA GLY D 412 -6.93 34.11 4.16
C GLY D 412 -5.48 33.92 4.55
N ARG D 413 -5.17 32.68 4.91
CA ARG D 413 -3.83 32.32 5.34
C ARG D 413 -3.60 30.87 4.96
N ASN D 414 -2.36 30.46 4.66
CA ASN D 414 -2.12 29.06 4.32
C ASN D 414 -1.92 28.15 5.54
N GLY D 415 -2.88 28.18 6.46
CA GLY D 415 -2.77 27.42 7.68
C GLY D 415 -2.95 25.94 7.42
N MSE D 416 -2.28 25.12 8.22
CA MSE D 416 -2.41 23.68 8.14
C MSE D 416 -2.13 23.18 6.72
O MSE D 416 -2.84 22.31 6.22
CB MSE D 416 -3.80 23.22 8.59
CG MSE D 416 -4.09 23.47 10.07
SE MSE D 416 -2.88 22.54 11.27
CE MSE D 416 -1.90 24.08 11.95
N THR D 417 -1.10 23.73 6.09
CA THR D 417 -0.59 23.13 4.87
C THR D 417 0.79 22.49 4.98
N THR D 418 1.78 23.28 5.37
CA THR D 418 3.13 22.76 5.60
C THR D 418 3.65 23.22 6.95
N ALA D 419 4.12 22.28 7.75
CA ALA D 419 4.53 22.62 9.11
C ALA D 419 5.70 23.61 9.05
N GLY D 420 5.58 24.67 9.82
CA GLY D 420 6.63 25.66 9.97
C GLY D 420 6.55 26.73 8.90
N TYR D 421 5.71 26.48 7.90
CA TYR D 421 5.56 27.37 6.75
C TYR D 421 4.15 27.92 6.51
N ASN D 422 3.30 27.96 7.53
CA ASN D 422 2.02 28.64 7.38
C ASN D 422 2.16 30.14 7.60
N ASN D 423 3.03 30.77 6.82
CA ASN D 423 3.42 32.15 7.04
C ASN D 423 2.84 33.11 6.01
N ILE D 424 1.95 32.61 5.15
CA ILE D 424 1.51 33.37 3.99
C ILE D 424 0.03 33.79 4.06
N LEU D 425 -0.21 35.09 3.96
CA LEU D 425 -1.53 35.67 3.79
C LEU D 425 -1.98 35.55 2.34
N THR D 426 -3.25 35.20 2.12
CA THR D 426 -3.79 35.07 0.77
C THR D 426 -4.99 35.99 0.51
N LEU D 427 -4.99 36.67 -0.63
CA LEU D 427 -6.20 37.30 -1.14
C LEU D 427 -6.65 36.69 -2.48
N ALA D 428 -7.89 36.22 -2.51
CA ALA D 428 -8.57 35.94 -3.77
C ALA D 428 -10.00 36.48 -3.79
N PRO D 429 -10.14 37.80 -3.95
CA PRO D 429 -11.45 38.45 -3.90
C PRO D 429 -12.29 38.16 -5.13
N PRO D 430 -13.59 38.38 -5.04
CA PRO D 430 -14.47 38.13 -6.18
C PRO D 430 -14.11 39.04 -7.34
N LEU D 431 -14.26 38.53 -8.55
CA LEU D 431 -13.70 39.14 -9.75
C LEU D 431 -14.32 40.50 -10.01
N VAL D 432 -15.51 40.72 -9.44
CA VAL D 432 -16.24 41.98 -9.60
C VAL D 432 -15.71 43.09 -8.69
N ILE D 433 -14.67 42.81 -7.91
CA ILE D 433 -14.19 43.78 -6.92
C ILE D 433 -13.77 45.08 -7.61
N SER D 434 -14.04 46.20 -6.96
CA SER D 434 -13.81 47.51 -7.54
C SER D 434 -12.50 48.09 -7.01
N SER D 435 -12.01 49.14 -7.67
CA SER D 435 -10.81 49.85 -7.23
C SER D 435 -10.95 50.37 -5.82
N GLU D 436 -12.16 50.82 -5.48
CA GLU D 436 -12.42 51.40 -4.17
C GLU D 436 -12.41 50.32 -3.10
N GLU D 437 -12.92 49.14 -3.42
CA GLU D 437 -12.92 48.05 -2.45
C GLU D 437 -11.49 47.53 -2.25
N ILE D 438 -10.69 47.58 -3.31
CA ILE D 438 -9.27 47.24 -3.24
C ILE D 438 -8.52 48.16 -2.30
N ALA D 439 -8.86 49.45 -2.36
CA ALA D 439 -8.33 50.42 -1.41
C ALA D 439 -8.73 50.08 0.03
N PHE D 440 -9.97 49.65 0.22
CA PHE D 440 -10.40 49.19 1.53
C PHE D 440 -9.59 48.00 2.01
N VAL D 441 -9.41 47.00 1.14
CA VAL D 441 -8.61 45.80 1.46
C VAL D 441 -7.22 46.18 1.94
N ILE D 442 -6.52 46.96 1.10
CA ILE D 442 -5.15 47.30 1.36
C ILE D 442 -5.04 48.22 2.59
N GLY D 443 -5.94 49.19 2.70
CA GLY D 443 -5.94 50.10 3.84
C GLY D 443 -6.14 49.36 5.15
N THR D 444 -7.07 48.41 5.14
CA THR D 444 -7.34 47.59 6.30
C THR D 444 -6.17 46.71 6.68
N LEU D 445 -5.57 46.06 5.69
CA LEU D 445 -4.41 45.23 5.92
C LEU D 445 -3.23 46.06 6.45
N LYS D 446 -2.95 47.19 5.80
CA LYS D 446 -1.86 48.07 6.21
C LYS D 446 -1.97 48.45 7.69
N THR D 447 -3.17 48.83 8.12
CA THR D 447 -3.44 49.15 9.52
C THR D 447 -3.22 47.94 10.43
N ALA D 448 -3.70 46.77 9.99
CA ALA D 448 -3.48 45.54 10.75
C ALA D 448 -2.00 45.18 10.83
N MSE D 449 -1.24 45.48 9.79
CA MSE D 449 0.20 45.18 9.78
C MSE D 449 0.94 45.99 10.87
O MSE D 449 2.00 45.57 11.35
CB MSE D 449 0.82 45.47 8.40
CG MSE D 449 0.54 44.43 7.30
SE MSE D 449 1.21 42.66 7.67
CE MSE D 449 3.13 43.06 7.57
N GLU D 450 0.39 47.13 11.26
CA GLU D 450 1.05 47.97 12.27
C GLU D 450 1.12 47.35 13.67
N ARG D 451 0.41 46.26 13.88
CA ARG D 451 0.40 45.57 15.17
C ARG D 451 1.55 44.57 15.31
N ILE D 452 2.30 44.39 14.25
CA ILE D 452 3.48 43.52 14.25
C ILE D 452 4.74 44.22 13.68
S SO4 E . -22.53 8.60 -4.25
O1 SO4 E . -22.86 8.22 -5.61
O2 SO4 E . -22.87 7.47 -3.39
O3 SO4 E . -21.10 8.88 -4.19
O4 SO4 E . -23.28 9.79 -3.84
S SO4 F . -53.00 4.37 -3.30
O1 SO4 F . -52.23 3.23 -3.75
O2 SO4 F . -53.56 4.01 -1.99
O3 SO4 F . -52.14 5.56 -3.17
O4 SO4 F . -54.02 4.60 -4.33
CL CL G . -22.11 -3.55 3.06
CL CL H . -25.36 35.22 -2.01
S SO4 I . 12.98 -18.98 8.01
O1 SO4 I . 11.71 -19.71 7.88
O2 SO4 I . 13.21 -18.70 9.42
O3 SO4 I . 14.09 -19.81 7.52
O4 SO4 I . 12.92 -17.71 7.27
S SO4 J . 13.49 -48.35 18.06
O1 SO4 J . 14.14 -48.72 16.80
O2 SO4 J . 12.24 -49.08 18.23
O3 SO4 J . 14.36 -48.61 19.19
O4 SO4 J . 13.23 -46.92 18.00
CL CL K . -0.72 -21.76 5.90
CL CL L . 37.60 -21.31 -2.54
S SO4 M . 22.14 -10.01 -0.33
O1 SO4 M . 22.31 -10.52 -1.70
O2 SO4 M . 20.72 -10.17 -0.03
O3 SO4 M . 22.97 -10.75 0.62
O4 SO4 M . 22.53 -8.60 -0.32
CL CL N . 22.06 4.16 -1.05
CL CL O . 25.86 -30.99 16.11
S SO4 P . -12.95 20.43 -3.12
O1 SO4 P . -12.89 18.98 -2.96
O2 SO4 P . -13.05 21.01 -1.78
O3 SO4 P . -11.71 20.91 -3.72
O4 SO4 P . -14.12 20.85 -3.89
S SO4 Q . -13.36 50.50 -11.21
O1 SO4 Q . -13.95 50.09 -12.48
O2 SO4 Q . -13.37 49.41 -10.26
O3 SO4 Q . -12.00 50.92 -11.48
O4 SO4 Q . -14.05 51.64 -10.61
S SO4 R . -27.97 40.42 -10.58
O1 SO4 R . -27.99 39.05 -11.09
O2 SO4 R . -27.71 40.42 -9.16
O3 SO4 R . -26.93 41.16 -11.26
O4 SO4 R . -29.25 41.07 -10.81
CL CL S . -38.56 17.11 -11.46
CL CL T . 0.54 21.24 -7.45
#